data_3DE9
# 
_entry.id   3DE9 
# 
_audit_conform.dict_name       mmcif_pdbx.dic 
_audit_conform.dict_version    5.387 
_audit_conform.dict_location   http://mmcif.pdb.org/dictionaries/ascii/mmcif_pdbx.dic 
# 
loop_
_database_2.database_id 
_database_2.database_code 
_database_2.pdbx_database_accession 
_database_2.pdbx_DOI 
PDB   3DE9         pdb_00003de9 10.2210/pdb3de9/pdb 
RCSB  RCSB047929   ?            ?                   
WWPDB D_1000047929 ?            ?                   
# 
loop_
_pdbx_audit_revision_history.ordinal 
_pdbx_audit_revision_history.data_content_type 
_pdbx_audit_revision_history.major_revision 
_pdbx_audit_revision_history.minor_revision 
_pdbx_audit_revision_history.revision_date 
1 'Structure model' 1 0 2009-04-21 
2 'Structure model' 1 1 2011-07-13 
3 'Structure model' 1 2 2018-03-07 
4 'Structure model' 1 3 2021-10-20 
5 'Structure model' 1 4 2024-02-21 
# 
_pdbx_audit_revision_details.ordinal             1 
_pdbx_audit_revision_details.revision_ordinal    1 
_pdbx_audit_revision_details.data_content_type   'Structure model' 
_pdbx_audit_revision_details.provider            repository 
_pdbx_audit_revision_details.type                'Initial release' 
_pdbx_audit_revision_details.description         ? 
_pdbx_audit_revision_details.details             ? 
# 
loop_
_pdbx_audit_revision_group.ordinal 
_pdbx_audit_revision_group.revision_ordinal 
_pdbx_audit_revision_group.data_content_type 
_pdbx_audit_revision_group.group 
1 2 'Structure model' 'Version format compliance' 
2 3 'Structure model' 'Data collection'           
3 4 'Structure model' 'Database references'       
4 4 'Structure model' 'Derived calculations'      
5 5 'Structure model' 'Data collection'           
# 
loop_
_pdbx_audit_revision_category.ordinal 
_pdbx_audit_revision_category.revision_ordinal 
_pdbx_audit_revision_category.data_content_type 
_pdbx_audit_revision_category.category 
1 3 'Structure model' diffrn_source      
2 4 'Structure model' database_2         
3 4 'Structure model' struct_ref_seq_dif 
4 4 'Structure model' struct_site        
5 5 'Structure model' chem_comp_atom     
6 5 'Structure model' chem_comp_bond     
# 
loop_
_pdbx_audit_revision_item.ordinal 
_pdbx_audit_revision_item.revision_ordinal 
_pdbx_audit_revision_item.data_content_type 
_pdbx_audit_revision_item.item 
1 3 'Structure model' '_diffrn_source.source'               
2 4 'Structure model' '_database_2.pdbx_DOI'                
3 4 'Structure model' '_database_2.pdbx_database_accession' 
4 4 'Structure model' '_struct_ref_seq_dif.details'         
5 4 'Structure model' '_struct_site.pdbx_auth_asym_id'      
6 4 'Structure model' '_struct_site.pdbx_auth_comp_id'      
7 4 'Structure model' '_struct_site.pdbx_auth_seq_id'       
# 
_pdbx_database_status.status_code                     REL 
_pdbx_database_status.entry_id                        3DE9 
_pdbx_database_status.recvd_initial_deposition_date   2008-06-08 
_pdbx_database_status.deposit_site                    RCSB 
_pdbx_database_status.process_site                    RCSB 
_pdbx_database_status.status_code_sf                  REL 
_pdbx_database_status.status_code_mr                  ? 
_pdbx_database_status.SG_entry                        ? 
_pdbx_database_status.pdb_format_compatible           Y 
_pdbx_database_status.status_code_cs                  ? 
_pdbx_database_status.methods_development_category    ? 
_pdbx_database_status.status_code_nmr_data            ? 
# 
loop_
_pdbx_database_related.db_name 
_pdbx_database_related.db_id 
_pdbx_database_related.details 
_pdbx_database_related.content_type 
PDB 2QLA 
'Crystal Structure of a 16-Helix Bundle Architecture Produced by the Zinc-Mediated Self Assembly of Four Cytochrome cb562 Molecules' 
unspecified 
PDB 2BC5 'Crystal structure of E. coli cytochrome b562 with engineered c-type heme linkages' unspecified 
PDB 3DE8 'Crystal Structure of a Dimeric Cytochrome cb562 Assembly Induced by Copper Coordination' unspecified 
# 
loop_
_audit_author.name 
_audit_author.pdbx_ordinal 
'Salgado, E.N.'   1 
'Lewis, R.A.'     2 
'Rheingold, A.L.' 3 
'Tezcan, F.A.'    4 
# 
_citation.id                        primary 
_citation.title                     
;Control of protein oligomerization symmetry by metal coordination: C2 and C3 symmetrical assemblies through Cu(II) and Ni(II) coordination.
;
_citation.journal_abbrev            Inorg.Chem. 
_citation.journal_volume            48 
_citation.page_first                2726 
_citation.page_last                 2728 
_citation.year                      2009 
_citation.journal_id_ASTM           INOCAJ 
_citation.country                   US 
_citation.journal_id_ISSN           0020-1669 
_citation.journal_id_CSD            0009 
_citation.book_publisher            ? 
_citation.pdbx_database_id_PubMed   19267481 
_citation.pdbx_database_id_DOI      10.1021/ic9001237 
# 
loop_
_citation_author.citation_id 
_citation_author.name 
_citation_author.ordinal 
_citation_author.identifier_ORCID 
primary 'Salgado, E.N.'   1 ? 
primary 'Lewis, R.A.'     2 ? 
primary 'Mossin, S.'      3 ? 
primary 'Rheingold, A.L.' 4 ? 
primary 'Tezcan, F.A.'    5 ? 
# 
loop_
_entity.id 
_entity.type 
_entity.src_method 
_entity.pdbx_description 
_entity.formula_weight 
_entity.pdbx_number_of_molecules 
_entity.pdbx_ec 
_entity.pdbx_mutation 
_entity.pdbx_fragment 
_entity.details 
1 polymer     man 'Soluble cytochrome b562'         11726.153 1  ? 'K59H, D73H, K77H, R98C, Y101C' ? ? 
2 non-polymer syn 'NICKEL (II) ION'                 58.693    3  ? ?                               ? ? 
3 non-polymer syn 'PROTOPORPHYRIN IX CONTAINING FE' 616.487   1  ? ?                               ? ? 
4 water       nat water                             18.015    55 ? ?                               ? ? 
# 
_entity_name_com.entity_id   1 
_entity_name_com.name        'Cytochrome b-562' 
# 
_entity_poly.entity_id                      1 
_entity_poly.type                           'polypeptide(L)' 
_entity_poly.nstd_linkage                   no 
_entity_poly.nstd_monomer                   no 
_entity_poly.pdbx_seq_one_letter_code       
;ADLEDNMETLNDNLKVIEKADNAAQVKDALTKMRAAALDAQKATPPKLEDKSPDSPEMHDFRHGFDILVGQIHDALHLAN
EGKVKEAQAAAEQLKTTCNACHQKYR
;
_entity_poly.pdbx_seq_one_letter_code_can   
;ADLEDNMETLNDNLKVIEKADNAAQVKDALTKMRAAALDAQKATPPKLEDKSPDSPEMHDFRHGFDILVGQIHDALHLAN
EGKVKEAQAAAEQLKTTCNACHQKYR
;
_entity_poly.pdbx_strand_id                 A 
_entity_poly.pdbx_target_identifier         ? 
# 
loop_
_pdbx_entity_nonpoly.entity_id 
_pdbx_entity_nonpoly.name 
_pdbx_entity_nonpoly.comp_id 
2 'NICKEL (II) ION'                 NI  
3 'PROTOPORPHYRIN IX CONTAINING FE' HEM 
4 water                             HOH 
# 
loop_
_entity_poly_seq.entity_id 
_entity_poly_seq.num 
_entity_poly_seq.mon_id 
_entity_poly_seq.hetero 
1 1   ALA n 
1 2   ASP n 
1 3   LEU n 
1 4   GLU n 
1 5   ASP n 
1 6   ASN n 
1 7   MET n 
1 8   GLU n 
1 9   THR n 
1 10  LEU n 
1 11  ASN n 
1 12  ASP n 
1 13  ASN n 
1 14  LEU n 
1 15  LYS n 
1 16  VAL n 
1 17  ILE n 
1 18  GLU n 
1 19  LYS n 
1 20  ALA n 
1 21  ASP n 
1 22  ASN n 
1 23  ALA n 
1 24  ALA n 
1 25  GLN n 
1 26  VAL n 
1 27  LYS n 
1 28  ASP n 
1 29  ALA n 
1 30  LEU n 
1 31  THR n 
1 32  LYS n 
1 33  MET n 
1 34  ARG n 
1 35  ALA n 
1 36  ALA n 
1 37  ALA n 
1 38  LEU n 
1 39  ASP n 
1 40  ALA n 
1 41  GLN n 
1 42  LYS n 
1 43  ALA n 
1 44  THR n 
1 45  PRO n 
1 46  PRO n 
1 47  LYS n 
1 48  LEU n 
1 49  GLU n 
1 50  ASP n 
1 51  LYS n 
1 52  SER n 
1 53  PRO n 
1 54  ASP n 
1 55  SER n 
1 56  PRO n 
1 57  GLU n 
1 58  MET n 
1 59  HIS n 
1 60  ASP n 
1 61  PHE n 
1 62  ARG n 
1 63  HIS n 
1 64  GLY n 
1 65  PHE n 
1 66  ASP n 
1 67  ILE n 
1 68  LEU n 
1 69  VAL n 
1 70  GLY n 
1 71  GLN n 
1 72  ILE n 
1 73  HIS n 
1 74  ASP n 
1 75  ALA n 
1 76  LEU n 
1 77  HIS n 
1 78  LEU n 
1 79  ALA n 
1 80  ASN n 
1 81  GLU n 
1 82  GLY n 
1 83  LYS n 
1 84  VAL n 
1 85  LYS n 
1 86  GLU n 
1 87  ALA n 
1 88  GLN n 
1 89  ALA n 
1 90  ALA n 
1 91  ALA n 
1 92  GLU n 
1 93  GLN n 
1 94  LEU n 
1 95  LYS n 
1 96  THR n 
1 97  THR n 
1 98  CYS n 
1 99  ASN n 
1 100 ALA n 
1 101 CYS n 
1 102 HIS n 
1 103 GLN n 
1 104 LYS n 
1 105 TYR n 
1 106 ARG n 
# 
_entity_src_gen.entity_id                          1 
_entity_src_gen.pdbx_src_id                        1 
_entity_src_gen.pdbx_alt_source_flag               sample 
_entity_src_gen.pdbx_seq_type                      ? 
_entity_src_gen.pdbx_beg_seq_num                   ? 
_entity_src_gen.pdbx_end_seq_num                   ? 
_entity_src_gen.gene_src_common_name               ? 
_entity_src_gen.gene_src_genus                     ? 
_entity_src_gen.pdbx_gene_src_gene                 cybC 
_entity_src_gen.gene_src_species                   ? 
_entity_src_gen.gene_src_strain                    ? 
_entity_src_gen.gene_src_tissue                    ? 
_entity_src_gen.gene_src_tissue_fraction           ? 
_entity_src_gen.gene_src_details                   ? 
_entity_src_gen.pdbx_gene_src_fragment             ? 
_entity_src_gen.pdbx_gene_src_scientific_name      'Escherichia coli' 
_entity_src_gen.pdbx_gene_src_ncbi_taxonomy_id     562 
_entity_src_gen.pdbx_gene_src_variant              ? 
_entity_src_gen.pdbx_gene_src_cell_line            ? 
_entity_src_gen.pdbx_gene_src_atcc                 ? 
_entity_src_gen.pdbx_gene_src_organ                ? 
_entity_src_gen.pdbx_gene_src_organelle            ? 
_entity_src_gen.pdbx_gene_src_cell                 ? 
_entity_src_gen.pdbx_gene_src_cellular_location    ? 
_entity_src_gen.host_org_common_name               ? 
_entity_src_gen.pdbx_host_org_scientific_name      'Escherichia coli' 
_entity_src_gen.pdbx_host_org_ncbi_taxonomy_id     562 
_entity_src_gen.host_org_genus                     ? 
_entity_src_gen.pdbx_host_org_gene                 ? 
_entity_src_gen.pdbx_host_org_organ                ? 
_entity_src_gen.host_org_species                   ? 
_entity_src_gen.pdbx_host_org_tissue               ? 
_entity_src_gen.pdbx_host_org_tissue_fraction      ? 
_entity_src_gen.pdbx_host_org_strain               ? 
_entity_src_gen.pdbx_host_org_variant              ? 
_entity_src_gen.pdbx_host_org_cell_line            ? 
_entity_src_gen.pdbx_host_org_atcc                 ? 
_entity_src_gen.pdbx_host_org_culture_collection   ? 
_entity_src_gen.pdbx_host_org_cell                 ? 
_entity_src_gen.pdbx_host_org_organelle            ? 
_entity_src_gen.pdbx_host_org_cellular_location    ? 
_entity_src_gen.pdbx_host_org_vector_type          ? 
_entity_src_gen.pdbx_host_org_vector               ? 
_entity_src_gen.host_org_details                   ? 
_entity_src_gen.expression_system_id               ? 
_entity_src_gen.plasmid_name                       ? 
_entity_src_gen.plasmid_details                    ? 
_entity_src_gen.pdbx_description                   ? 
# 
loop_
_chem_comp.id 
_chem_comp.type 
_chem_comp.mon_nstd_flag 
_chem_comp.name 
_chem_comp.pdbx_synonyms 
_chem_comp.formula 
_chem_comp.formula_weight 
ALA 'L-peptide linking' y ALANINE                           ?    'C3 H7 N O2'       89.093  
ARG 'L-peptide linking' y ARGININE                          ?    'C6 H15 N4 O2 1'   175.209 
ASN 'L-peptide linking' y ASPARAGINE                        ?    'C4 H8 N2 O3'      132.118 
ASP 'L-peptide linking' y 'ASPARTIC ACID'                   ?    'C4 H7 N O4'       133.103 
CYS 'L-peptide linking' y CYSTEINE                          ?    'C3 H7 N O2 S'     121.158 
GLN 'L-peptide linking' y GLUTAMINE                         ?    'C5 H10 N2 O3'     146.144 
GLU 'L-peptide linking' y 'GLUTAMIC ACID'                   ?    'C5 H9 N O4'       147.129 
GLY 'peptide linking'   y GLYCINE                           ?    'C2 H5 N O2'       75.067  
HEM non-polymer         . 'PROTOPORPHYRIN IX CONTAINING FE' HEME 'C34 H32 Fe N4 O4' 616.487 
HIS 'L-peptide linking' y HISTIDINE                         ?    'C6 H10 N3 O2 1'   156.162 
HOH non-polymer         . WATER                             ?    'H2 O'             18.015  
ILE 'L-peptide linking' y ISOLEUCINE                        ?    'C6 H13 N O2'      131.173 
LEU 'L-peptide linking' y LEUCINE                           ?    'C6 H13 N O2'      131.173 
LYS 'L-peptide linking' y LYSINE                            ?    'C6 H15 N2 O2 1'   147.195 
MET 'L-peptide linking' y METHIONINE                        ?    'C5 H11 N O2 S'    149.211 
NI  non-polymer         . 'NICKEL (II) ION'                 ?    'Ni 2'             58.693  
PHE 'L-peptide linking' y PHENYLALANINE                     ?    'C9 H11 N O2'      165.189 
PRO 'L-peptide linking' y PROLINE                           ?    'C5 H9 N O2'       115.130 
SER 'L-peptide linking' y SERINE                            ?    'C3 H7 N O3'       105.093 
THR 'L-peptide linking' y THREONINE                         ?    'C4 H9 N O3'       119.119 
TYR 'L-peptide linking' y TYROSINE                          ?    'C9 H11 N O3'      181.189 
VAL 'L-peptide linking' y VALINE                            ?    'C5 H11 N O2'      117.146 
# 
loop_
_pdbx_poly_seq_scheme.asym_id 
_pdbx_poly_seq_scheme.entity_id 
_pdbx_poly_seq_scheme.seq_id 
_pdbx_poly_seq_scheme.mon_id 
_pdbx_poly_seq_scheme.ndb_seq_num 
_pdbx_poly_seq_scheme.pdb_seq_num 
_pdbx_poly_seq_scheme.auth_seq_num 
_pdbx_poly_seq_scheme.pdb_mon_id 
_pdbx_poly_seq_scheme.auth_mon_id 
_pdbx_poly_seq_scheme.pdb_strand_id 
_pdbx_poly_seq_scheme.pdb_ins_code 
_pdbx_poly_seq_scheme.hetero 
A 1 1   ALA 1   1   1   ALA ALA A . n 
A 1 2   ASP 2   2   2   ASP ASP A . n 
A 1 3   LEU 3   3   3   LEU LEU A . n 
A 1 4   GLU 4   4   4   GLU GLU A . n 
A 1 5   ASP 5   5   5   ASP ASP A . n 
A 1 6   ASN 6   6   6   ASN ASN A . n 
A 1 7   MET 7   7   7   MET MET A . n 
A 1 8   GLU 8   8   8   GLU GLU A . n 
A 1 9   THR 9   9   9   THR THR A . n 
A 1 10  LEU 10  10  10  LEU LEU A . n 
A 1 11  ASN 11  11  11  ASN ASN A . n 
A 1 12  ASP 12  12  12  ASP ASP A . n 
A 1 13  ASN 13  13  13  ASN ASN A . n 
A 1 14  LEU 14  14  14  LEU LEU A . n 
A 1 15  LYS 15  15  15  LYS LYS A . n 
A 1 16  VAL 16  16  16  VAL VAL A . n 
A 1 17  ILE 17  17  17  ILE ILE A . n 
A 1 18  GLU 18  18  18  GLU GLU A . n 
A 1 19  LYS 19  19  19  LYS LYS A . n 
A 1 20  ALA 20  20  20  ALA ALA A . n 
A 1 21  ASP 21  21  21  ASP ASP A . n 
A 1 22  ASN 22  22  22  ASN ASN A . n 
A 1 23  ALA 23  23  23  ALA ALA A . n 
A 1 24  ALA 24  24  24  ALA ALA A . n 
A 1 25  GLN 25  25  25  GLN GLN A . n 
A 1 26  VAL 26  26  26  VAL VAL A . n 
A 1 27  LYS 27  27  27  LYS LYS A . n 
A 1 28  ASP 28  28  28  ASP ASP A . n 
A 1 29  ALA 29  29  29  ALA ALA A . n 
A 1 30  LEU 30  30  30  LEU LEU A . n 
A 1 31  THR 31  31  31  THR THR A . n 
A 1 32  LYS 32  32  32  LYS LYS A . n 
A 1 33  MET 33  33  33  MET MET A . n 
A 1 34  ARG 34  34  34  ARG ARG A . n 
A 1 35  ALA 35  35  35  ALA ALA A . n 
A 1 36  ALA 36  36  36  ALA ALA A . n 
A 1 37  ALA 37  37  37  ALA ALA A . n 
A 1 38  LEU 38  38  38  LEU LEU A . n 
A 1 39  ASP 39  39  39  ASP ASP A . n 
A 1 40  ALA 40  40  40  ALA ALA A . n 
A 1 41  GLN 41  41  41  GLN GLN A . n 
A 1 42  LYS 42  42  42  LYS LYS A . n 
A 1 43  ALA 43  43  43  ALA ALA A . n 
A 1 44  THR 44  44  44  THR THR A . n 
A 1 45  PRO 45  45  45  PRO PRO A . n 
A 1 46  PRO 46  46  46  PRO PRO A . n 
A 1 47  LYS 47  47  47  LYS LYS A . n 
A 1 48  LEU 48  48  48  LEU LEU A . n 
A 1 49  GLU 49  49  49  GLU GLU A . n 
A 1 50  ASP 50  50  50  ASP ASP A . n 
A 1 51  LYS 51  51  51  LYS LYS A . n 
A 1 52  SER 52  52  52  SER SER A . n 
A 1 53  PRO 53  53  53  PRO PRO A . n 
A 1 54  ASP 54  54  54  ASP ASP A . n 
A 1 55  SER 55  55  55  SER SER A . n 
A 1 56  PRO 56  56  56  PRO PRO A . n 
A 1 57  GLU 57  57  57  GLU GLU A . n 
A 1 58  MET 58  58  58  MET MET A . n 
A 1 59  HIS 59  59  59  HIS HIS A . n 
A 1 60  ASP 60  60  60  ASP ASP A . n 
A 1 61  PHE 61  61  61  PHE PHE A . n 
A 1 62  ARG 62  62  62  ARG ARG A . n 
A 1 63  HIS 63  63  63  HIS HIS A . n 
A 1 64  GLY 64  64  64  GLY GLY A . n 
A 1 65  PHE 65  65  65  PHE PHE A . n 
A 1 66  ASP 66  66  66  ASP ASP A . n 
A 1 67  ILE 67  67  67  ILE ILE A . n 
A 1 68  LEU 68  68  68  LEU LEU A . n 
A 1 69  VAL 69  69  69  VAL VAL A . n 
A 1 70  GLY 70  70  70  GLY GLY A . n 
A 1 71  GLN 71  71  71  GLN GLN A . n 
A 1 72  ILE 72  72  72  ILE ILE A . n 
A 1 73  HIS 73  73  73  HIS HIS A . n 
A 1 74  ASP 74  74  74  ASP ASP A . n 
A 1 75  ALA 75  75  75  ALA ALA A . n 
A 1 76  LEU 76  76  76  LEU LEU A . n 
A 1 77  HIS 77  77  77  HIS HIS A . n 
A 1 78  LEU 78  78  78  LEU LEU A . n 
A 1 79  ALA 79  79  79  ALA ALA A . n 
A 1 80  ASN 80  80  80  ASN ASN A . n 
A 1 81  GLU 81  81  81  GLU GLU A . n 
A 1 82  GLY 82  82  82  GLY GLY A . n 
A 1 83  LYS 83  83  83  LYS LYS A . n 
A 1 84  VAL 84  84  84  VAL VAL A . n 
A 1 85  LYS 85  85  85  LYS LYS A . n 
A 1 86  GLU 86  86  86  GLU GLU A . n 
A 1 87  ALA 87  87  87  ALA ALA A . n 
A 1 88  GLN 88  88  88  GLN GLN A . n 
A 1 89  ALA 89  89  89  ALA ALA A . n 
A 1 90  ALA 90  90  90  ALA ALA A . n 
A 1 91  ALA 91  91  91  ALA ALA A . n 
A 1 92  GLU 92  92  92  GLU GLU A . n 
A 1 93  GLN 93  93  93  GLN GLN A . n 
A 1 94  LEU 94  94  94  LEU LEU A . n 
A 1 95  LYS 95  95  95  LYS LYS A . n 
A 1 96  THR 96  96  96  THR THR A . n 
A 1 97  THR 97  97  97  THR THR A . n 
A 1 98  CYS 98  98  98  CYS CYS A . n 
A 1 99  ASN 99  99  99  ASN ASN A . n 
A 1 100 ALA 100 100 100 ALA ALA A . n 
A 1 101 CYS 101 101 101 CYS CYS A . n 
A 1 102 HIS 102 102 102 HIS HIS A . n 
A 1 103 GLN 103 103 103 GLN GLN A . n 
A 1 104 LYS 104 104 104 LYS LYS A . n 
A 1 105 TYR 105 105 105 TYR TYR A . n 
A 1 106 ARG 106 106 106 ARG ARG A . n 
# 
loop_
_pdbx_nonpoly_scheme.asym_id 
_pdbx_nonpoly_scheme.entity_id 
_pdbx_nonpoly_scheme.mon_id 
_pdbx_nonpoly_scheme.ndb_seq_num 
_pdbx_nonpoly_scheme.pdb_seq_num 
_pdbx_nonpoly_scheme.auth_seq_num 
_pdbx_nonpoly_scheme.pdb_mon_id 
_pdbx_nonpoly_scheme.auth_mon_id 
_pdbx_nonpoly_scheme.pdb_strand_id 
_pdbx_nonpoly_scheme.pdb_ins_code 
B 2 NI  1  107 1   NI  NI  A . 
C 2 NI  1  108 2   NI  NI  A . 
D 2 NI  1  109 3   NI  NI  A . 
E 3 HEM 1  150 150 HEM HEM A . 
F 4 HOH 1  151 1   HOH HOH A . 
F 4 HOH 2  152 2   HOH HOH A . 
F 4 HOH 3  153 3   HOH HOH A . 
F 4 HOH 4  154 4   HOH HOH A . 
F 4 HOH 5  155 5   HOH HOH A . 
F 4 HOH 6  156 6   HOH HOH A . 
F 4 HOH 7  157 7   HOH HOH A . 
F 4 HOH 8  158 8   HOH HOH A . 
F 4 HOH 9  159 9   HOH HOH A . 
F 4 HOH 10 160 10  HOH HOH A . 
F 4 HOH 11 161 11  HOH HOH A . 
F 4 HOH 12 162 12  HOH HOH A . 
F 4 HOH 13 163 13  HOH HOH A . 
F 4 HOH 14 164 14  HOH HOH A . 
F 4 HOH 15 165 15  HOH HOH A . 
F 4 HOH 16 166 16  HOH HOH A . 
F 4 HOH 17 167 17  HOH HOH A . 
F 4 HOH 18 168 18  HOH HOH A . 
F 4 HOH 19 169 19  HOH HOH A . 
F 4 HOH 20 170 20  HOH HOH A . 
F 4 HOH 21 171 21  HOH HOH A . 
F 4 HOH 22 172 22  HOH HOH A . 
F 4 HOH 23 173 23  HOH HOH A . 
F 4 HOH 24 174 24  HOH HOH A . 
F 4 HOH 25 175 25  HOH HOH A . 
F 4 HOH 26 176 26  HOH HOH A . 
F 4 HOH 27 177 27  HOH HOH A . 
F 4 HOH 28 178 28  HOH HOH A . 
F 4 HOH 29 179 29  HOH HOH A . 
F 4 HOH 30 180 30  HOH HOH A . 
F 4 HOH 31 181 31  HOH HOH A . 
F 4 HOH 32 182 32  HOH HOH A . 
F 4 HOH 33 183 33  HOH HOH A . 
F 4 HOH 34 184 34  HOH HOH A . 
F 4 HOH 35 185 35  HOH HOH A . 
F 4 HOH 36 186 36  HOH HOH A . 
F 4 HOH 37 187 37  HOH HOH A . 
F 4 HOH 38 188 38  HOH HOH A . 
F 4 HOH 39 189 39  HOH HOH A . 
F 4 HOH 40 190 40  HOH HOH A . 
F 4 HOH 41 191 41  HOH HOH A . 
F 4 HOH 42 192 42  HOH HOH A . 
F 4 HOH 43 193 43  HOH HOH A . 
F 4 HOH 44 194 44  HOH HOH A . 
F 4 HOH 45 195 45  HOH HOH A . 
F 4 HOH 46 196 46  HOH HOH A . 
F 4 HOH 47 197 47  HOH HOH A . 
F 4 HOH 48 198 48  HOH HOH A . 
F 4 HOH 49 199 49  HOH HOH A . 
F 4 HOH 50 200 50  HOH HOH A . 
F 4 HOH 51 201 51  HOH HOH A . 
F 4 HOH 52 202 52  HOH HOH A . 
F 4 HOH 53 203 53  HOH HOH A . 
F 4 HOH 54 204 54  HOH HOH A . 
F 4 HOH 55 205 55  HOH HOH A . 
# 
loop_
_software.name 
_software.classification 
_software.version 
_software.citation_id 
_software.pdbx_ordinal 
REFMAC refinement        5.2.0005 ? 1 
APEX   'data collection' .        ? 2 
SAINT  'data reduction'  .        ? 3 
SADABS 'data scaling'    .        ? 4 
MOLREP phasing           .        ? 5 
# 
_cell.entry_id           3DE9 
_cell.length_a           51.042 
_cell.length_b           51.042 
_cell.length_c           121.971 
_cell.angle_alpha        90.00 
_cell.angle_beta         90.00 
_cell.angle_gamma        120.00 
_cell.Z_PDB              9 
_cell.pdbx_unique_axis   ? 
_cell.length_a_esd       ? 
_cell.length_b_esd       ? 
_cell.length_c_esd       ? 
_cell.angle_alpha_esd    ? 
_cell.angle_beta_esd     ? 
_cell.angle_gamma_esd    ? 
# 
_symmetry.entry_id                         3DE9 
_symmetry.space_group_name_H-M             'H 3' 
_symmetry.pdbx_full_space_group_name_H-M   ? 
_symmetry.cell_setting                     ? 
_symmetry.Int_Tables_number                146 
_symmetry.space_group_name_Hall            ? 
# 
_exptl.entry_id          3DE9 
_exptl.method            'X-RAY DIFFRACTION' 
_exptl.crystals_number   1 
# 
_exptl_crystal.id                    1 
_exptl_crystal.density_meas          ? 
_exptl_crystal.density_Matthews      2.61 
_exptl_crystal.density_percent_sol   52.83 
_exptl_crystal.description           ? 
_exptl_crystal.F_000                 ? 
_exptl_crystal.preparation           ? 
# 
_exptl_crystal_grow.crystal_id      1 
_exptl_crystal_grow.method          'VAPOR DIFFUSION, SITTING DROP' 
_exptl_crystal_grow.temp            293 
_exptl_crystal_grow.temp_details    ? 
_exptl_crystal_grow.pH              8.5 
_exptl_crystal_grow.pdbx_details    
'100 mM Tris, 23% PEG 4000, 4.16 mM NiSO4, pH 8.5, VAPOR DIFFUSION, SITTING DROP, temperature 293K' 
_exptl_crystal_grow.pdbx_pH_range   . 
# 
_diffrn.id                     1 
_diffrn.ambient_temp           100 
_diffrn.ambient_temp_details   ? 
_diffrn.crystal_id             1 
# 
_diffrn_detector.diffrn_id              1 
_diffrn_detector.detector               CCD 
_diffrn_detector.type                   'Bruker Apex II' 
_diffrn_detector.pdbx_collection_date   2008-03-02 
_diffrn_detector.details                ? 
# 
_diffrn_radiation.diffrn_id                        1 
_diffrn_radiation.wavelength_id                    1 
_diffrn_radiation.pdbx_monochromatic_or_laue_m_l   M 
_diffrn_radiation.monochromator                    graphite 
_diffrn_radiation.pdbx_diffrn_protocol             'SINGLE WAVELENGTH' 
_diffrn_radiation.pdbx_scattering_type             x-ray 
# 
_diffrn_radiation_wavelength.id           1 
_diffrn_radiation_wavelength.wavelength   1.5418 
_diffrn_radiation_wavelength.wt           1.0 
# 
_diffrn_source.diffrn_id                   1 
_diffrn_source.source                      'ROTATING ANODE' 
_diffrn_source.type                        SIEMENS 
_diffrn_source.pdbx_synchrotron_site       ? 
_diffrn_source.pdbx_synchrotron_beamline   ? 
_diffrn_source.pdbx_wavelength             ? 
_diffrn_source.pdbx_wavelength_list        1.5418 
# 
_reflns.entry_id                     3DE9 
_reflns.observed_criterion_sigma_F   2.0 
_reflns.observed_criterion_sigma_I   2.0 
_reflns.d_resolution_high            2.04 
_reflns.d_resolution_low             50 
_reflns.number_all                   ? 
_reflns.number_obs                   7513 
_reflns.percent_possible_obs         99.8 
_reflns.pdbx_Rmerge_I_obs            ? 
_reflns.pdbx_Rsym_value              0.065 
_reflns.pdbx_netI_over_sigmaI        ? 
_reflns.B_iso_Wilson_estimate        ? 
_reflns.pdbx_redundancy              4.6 
_reflns.R_free_details               ? 
_reflns.limit_h_max                  ? 
_reflns.limit_h_min                  ? 
_reflns.limit_k_max                  ? 
_reflns.limit_k_min                  ? 
_reflns.limit_l_max                  ? 
_reflns.limit_l_min                  ? 
_reflns.observed_criterion_F_max     ? 
_reflns.observed_criterion_F_min     ? 
_reflns.pdbx_chi_squared             ? 
_reflns.pdbx_scaling_rejects         ? 
_reflns.pdbx_diffrn_id               1 
_reflns.pdbx_ordinal                 1 
# 
_reflns_shell.d_res_high             2.04 
_reflns_shell.d_res_low              2.14 
_reflns_shell.percent_possible_all   99.7 
_reflns_shell.Rmerge_I_obs           ? 
_reflns_shell.pdbx_Rsym_value        0.492 
_reflns_shell.meanI_over_sigI_obs    ? 
_reflns_shell.pdbx_redundancy        3.1 
_reflns_shell.percent_possible_obs   ? 
_reflns_shell.number_unique_all      970 
_reflns_shell.number_measured_all    ? 
_reflns_shell.number_measured_obs    ? 
_reflns_shell.number_unique_obs      ? 
_reflns_shell.pdbx_chi_squared       ? 
_reflns_shell.pdbx_diffrn_id         ? 
_reflns_shell.pdbx_ordinal           1 
# 
_refine.entry_id                                 3DE9 
_refine.ls_number_reflns_obs                     6918 
_refine.ls_number_reflns_all                     7499 
_refine.pdbx_ls_sigma_I                          ? 
_refine.pdbx_ls_sigma_F                          ? 
_refine.pdbx_data_cutoff_high_absF               ? 
_refine.pdbx_data_cutoff_low_absF                ? 
_refine.pdbx_data_cutoff_high_rms_absF           ? 
_refine.ls_d_res_low                             25.52 
_refine.ls_d_res_high                            2.04 
_refine.ls_percent_reflns_obs                    99.11 
_refine.ls_R_factor_obs                          0.22172 
_refine.ls_R_factor_all                          ? 
_refine.ls_R_factor_R_work                       0.21735 
_refine.ls_R_factor_R_free                       0.27806 
_refine.ls_R_factor_R_free_error                 ? 
_refine.ls_R_factor_R_free_error_details         ? 
_refine.ls_percent_reflns_R_free                 7.0 
_refine.ls_number_reflns_R_free                  519 
_refine.ls_number_parameters                     ? 
_refine.ls_number_restraints                     ? 
_refine.occupancy_min                            ? 
_refine.occupancy_max                            ? 
_refine.correlation_coeff_Fo_to_Fc               0.935 
_refine.correlation_coeff_Fo_to_Fc_free          0.903 
_refine.B_iso_mean                               28.472 
_refine.aniso_B[1][1]                            0.09 
_refine.aniso_B[2][2]                            0.09 
_refine.aniso_B[3][3]                            -0.14 
_refine.aniso_B[1][2]                            0.05 
_refine.aniso_B[1][3]                            0.00 
_refine.aniso_B[2][3]                            0.00 
_refine.solvent_model_details                    'BABINET MODEL WITH MASK' 
_refine.solvent_model_param_ksol                 ? 
_refine.solvent_model_param_bsol                 ? 
_refine.pdbx_solvent_vdw_probe_radii             1.40 
_refine.pdbx_solvent_ion_probe_radii             0.80 
_refine.pdbx_solvent_shrinkage_radii             0.80 
_refine.pdbx_ls_cross_valid_method               THROUGHOUT 
_refine.details                                  'HYDROGENS HAVE BEEN ADDED IN THE RIDING POSITIONS' 
_refine.pdbx_starting_model                      ? 
_refine.pdbx_method_to_determine_struct          'MOLECULAR REPLACEMENT' 
_refine.pdbx_isotropic_thermal_model             ? 
_refine.pdbx_stereochemistry_target_values       'MAXIMUM LIKELIHOOD' 
_refine.pdbx_stereochem_target_val_spec_case     ? 
_refine.pdbx_R_Free_selection_details            RANDOM 
_refine.pdbx_overall_ESU_R                       0.243 
_refine.pdbx_overall_ESU_R_Free                  0.213 
_refine.overall_SU_ML                            0.177 
_refine.overall_SU_B                             6.385 
_refine.ls_redundancy_reflns_obs                 ? 
_refine.B_iso_min                                ? 
_refine.B_iso_max                                ? 
_refine.overall_SU_R_Cruickshank_DPI             ? 
_refine.overall_SU_R_free                        ? 
_refine.ls_wR_factor_R_free                      ? 
_refine.ls_wR_factor_R_work                      ? 
_refine.overall_FOM_free_R_set                   ? 
_refine.overall_FOM_work_R_set                   ? 
_refine.pdbx_overall_phase_error                 ? 
_refine.pdbx_refine_id                           'X-RAY DIFFRACTION' 
_refine.pdbx_diffrn_id                           1 
_refine.pdbx_TLS_residual_ADP_flag               ? 
_refine.pdbx_overall_SU_R_free_Cruickshank_DPI   ? 
_refine.pdbx_overall_SU_R_Blow_DPI               ? 
_refine.pdbx_overall_SU_R_free_Blow_DPI          ? 
# 
_refine_hist.pdbx_refine_id                   'X-RAY DIFFRACTION' 
_refine_hist.cycle_id                         LAST 
_refine_hist.pdbx_number_atoms_protein        819 
_refine_hist.pdbx_number_atoms_nucleic_acid   0 
_refine_hist.pdbx_number_atoms_ligand         46 
_refine_hist.number_atoms_solvent             55 
_refine_hist.number_atoms_total               920 
_refine_hist.d_res_high                       2.04 
_refine_hist.d_res_low                        25.52 
# 
loop_
_refine_ls_restr.type 
_refine_ls_restr.dev_ideal 
_refine_ls_restr.dev_ideal_target 
_refine_ls_restr.weight 
_refine_ls_restr.number 
_refine_ls_restr.pdbx_refine_id 
_refine_ls_restr.pdbx_restraint_function 
r_bond_refined_d         0.022  0.022  ? 884  'X-RAY DIFFRACTION' ? 
r_bond_other_d           0.001  0.020  ? 763  'X-RAY DIFFRACTION' ? 
r_angle_refined_deg      1.918  2.114  ? 1201 'X-RAY DIFFRACTION' ? 
r_angle_other_deg        1.002  3.000  ? 1791 'X-RAY DIFFRACTION' ? 
r_dihedral_angle_1_deg   5.848  5.000  ? 105  'X-RAY DIFFRACTION' ? 
r_dihedral_angle_2_deg   43.565 26.667 ? 42   'X-RAY DIFFRACTION' ? 
r_dihedral_angle_3_deg   18.885 15.000 ? 154  'X-RAY DIFFRACTION' ? 
r_dihedral_angle_4_deg   12.339 15.000 ? 3    'X-RAY DIFFRACTION' ? 
r_chiral_restr           0.118  0.200  ? 125  'X-RAY DIFFRACTION' ? 
r_gen_planes_refined     0.007  0.020  ? 978  'X-RAY DIFFRACTION' ? 
r_gen_planes_other       0.001  0.020  ? 137  'X-RAY DIFFRACTION' ? 
r_nbd_refined            0.239  0.200  ? 248  'X-RAY DIFFRACTION' ? 
r_nbd_other              0.176  0.200  ? 790  'X-RAY DIFFRACTION' ? 
r_nbtor_refined          0.171  0.200  ? 417  'X-RAY DIFFRACTION' ? 
r_nbtor_other            0.096  0.200  ? 479  'X-RAY DIFFRACTION' ? 
r_xyhbond_nbd_refined    0.193  0.200  ? 35   'X-RAY DIFFRACTION' ? 
r_symmetry_vdw_refined   0.214  0.200  ? 29   'X-RAY DIFFRACTION' ? 
r_symmetry_vdw_other     0.312  0.200  ? 17   'X-RAY DIFFRACTION' ? 
r_symmetry_hbond_refined 0.224  0.200  ? 4    'X-RAY DIFFRACTION' ? 
r_mcbond_it              1.311  1.500  ? 681  'X-RAY DIFFRACTION' ? 
r_mcbond_other           0.265  1.500  ? 213  'X-RAY DIFFRACTION' ? 
r_mcangle_it             1.547  2.000  ? 845  'X-RAY DIFFRACTION' ? 
r_scbond_it              2.829  3.000  ? 404  'X-RAY DIFFRACTION' ? 
r_scangle_it             3.898  4.500  ? 354  'X-RAY DIFFRACTION' ? 
# 
_refine_ls_shell.pdbx_total_number_of_bins_used   20 
_refine_ls_shell.d_res_high                       2.04 
_refine_ls_shell.d_res_low                        2.096 
_refine_ls_shell.number_reflns_R_work             513 
_refine_ls_shell.R_factor_R_work                  0.259 
_refine_ls_shell.percent_reflns_obs               99.28 
_refine_ls_shell.R_factor_R_free                  0.280 
_refine_ls_shell.R_factor_R_free_error            ? 
_refine_ls_shell.percent_reflns_R_free            ? 
_refine_ls_shell.number_reflns_R_free             38 
_refine_ls_shell.number_reflns_all                ? 
_refine_ls_shell.R_factor_all                     ? 
_refine_ls_shell.number_reflns_obs                ? 
_refine_ls_shell.redundancy_reflns_obs            ? 
_refine_ls_shell.pdbx_refine_id                   'X-RAY DIFFRACTION' 
# 
_struct.entry_id                  3DE9 
_struct.title                     'Crystal Structure of a Trimeric Cytochrome cb562 Assembly Induced by Nickel Coordination' 
_struct.pdbx_model_details        ? 
_struct.pdbx_CASP_flag            ? 
_struct.pdbx_model_type_details   ? 
# 
_struct_keywords.entry_id        3DE9 
_struct_keywords.pdbx_keywords   'METAL BINDING PROTEIN' 
_struct_keywords.text            
'Ni-stabilized trimeric superstructure, Electron transport, Heme, Iron, Metal-binding, Periplasm, Transport, METAL BINDING PROTEIN' 
# 
loop_
_struct_asym.id 
_struct_asym.pdbx_blank_PDB_chainid_flag 
_struct_asym.pdbx_modified 
_struct_asym.entity_id 
_struct_asym.details 
A N N 1 ? 
B N N 2 ? 
C N N 2 ? 
D N N 2 ? 
E N N 3 ? 
F N N 4 ? 
# 
_struct_ref.id                         1 
_struct_ref.db_name                    UNP 
_struct_ref.db_code                    C562_ECOLX 
_struct_ref.pdbx_db_accession          P0ABE7 
_struct_ref.entity_id                  1 
_struct_ref.pdbx_seq_one_letter_code   
;ADLEDNMETLNDNLKVIEKADNAAQVKDALTKMRAAALDAQKATPPKLEDKSPDSPEMKDFRHGFDILVGQIDDALKLAN
EGKVKEAQAAAEQLKTTRNAYHQKYR
;
_struct_ref.pdbx_align_begin           23 
_struct_ref.pdbx_db_isoform            ? 
# 
_struct_ref_seq.align_id                      1 
_struct_ref_seq.ref_id                        1 
_struct_ref_seq.pdbx_PDB_id_code              3DE9 
_struct_ref_seq.pdbx_strand_id                A 
_struct_ref_seq.seq_align_beg                 1 
_struct_ref_seq.pdbx_seq_align_beg_ins_code   ? 
_struct_ref_seq.seq_align_end                 106 
_struct_ref_seq.pdbx_seq_align_end_ins_code   ? 
_struct_ref_seq.pdbx_db_accession             P0ABE7 
_struct_ref_seq.db_align_beg                  23 
_struct_ref_seq.pdbx_db_align_beg_ins_code    ? 
_struct_ref_seq.db_align_end                  128 
_struct_ref_seq.pdbx_db_align_end_ins_code    ? 
_struct_ref_seq.pdbx_auth_seq_align_beg       1 
_struct_ref_seq.pdbx_auth_seq_align_end       106 
# 
loop_
_struct_ref_seq_dif.align_id 
_struct_ref_seq_dif.pdbx_pdb_id_code 
_struct_ref_seq_dif.mon_id 
_struct_ref_seq_dif.pdbx_pdb_strand_id 
_struct_ref_seq_dif.seq_num 
_struct_ref_seq_dif.pdbx_pdb_ins_code 
_struct_ref_seq_dif.pdbx_seq_db_name 
_struct_ref_seq_dif.pdbx_seq_db_accession_code 
_struct_ref_seq_dif.db_mon_id 
_struct_ref_seq_dif.pdbx_seq_db_seq_num 
_struct_ref_seq_dif.details 
_struct_ref_seq_dif.pdbx_auth_seq_num 
_struct_ref_seq_dif.pdbx_ordinal 
1 3DE9 HIS A 59  ? UNP P0ABE7 LYS 81  'engineered mutation' 59  1 
1 3DE9 HIS A 73  ? UNP P0ABE7 ASP 95  'engineered mutation' 73  2 
1 3DE9 HIS A 77  ? UNP P0ABE7 LYS 99  'engineered mutation' 77  3 
1 3DE9 CYS A 98  ? UNP P0ABE7 ARG 120 'engineered mutation' 98  4 
1 3DE9 CYS A 101 ? UNP P0ABE7 TYR 123 'engineered mutation' 101 5 
# 
_pdbx_struct_assembly.id                   1 
_pdbx_struct_assembly.details              author_and_software_defined_assembly 
_pdbx_struct_assembly.method_details       PISA 
_pdbx_struct_assembly.oligomeric_details   trimeric 
_pdbx_struct_assembly.oligomeric_count     3 
# 
loop_
_pdbx_struct_assembly_prop.biol_id 
_pdbx_struct_assembly_prop.type 
_pdbx_struct_assembly_prop.value 
_pdbx_struct_assembly_prop.details 
1 'ABSA (A^2)' 6110  ? 
1 MORE         -140  ? 
1 'SSA (A^2)'  15660 ? 
# 
_pdbx_struct_assembly_gen.assembly_id       1 
_pdbx_struct_assembly_gen.oper_expression   1,2,3 
_pdbx_struct_assembly_gen.asym_id_list      A,B,C,D,E,F 
# 
loop_
_pdbx_struct_oper_list.id 
_pdbx_struct_oper_list.type 
_pdbx_struct_oper_list.name 
_pdbx_struct_oper_list.symmetry_operation 
_pdbx_struct_oper_list.matrix[1][1] 
_pdbx_struct_oper_list.matrix[1][2] 
_pdbx_struct_oper_list.matrix[1][3] 
_pdbx_struct_oper_list.vector[1] 
_pdbx_struct_oper_list.matrix[2][1] 
_pdbx_struct_oper_list.matrix[2][2] 
_pdbx_struct_oper_list.matrix[2][3] 
_pdbx_struct_oper_list.vector[2] 
_pdbx_struct_oper_list.matrix[3][1] 
_pdbx_struct_oper_list.matrix[3][2] 
_pdbx_struct_oper_list.matrix[3][3] 
_pdbx_struct_oper_list.vector[3] 
1 'identity operation'         1_555 x,y,z        1.0000000000  0.0000000000  0.0000000000 0.0000000000   0.0000000000  1.0000000000  0.0000000000 0.0000000000   0.0000000000 0.0000000000 1.0000000000 0.0000000000 
2 'crystal symmetry operation' 2_445 -y-1,x-y-1,z -0.4674663504 0.8811203360  0.0714294387 -19.6360938174 -0.8076757934 -0.4585498330 0.3706640843 -11.4573306914 0.3593536197 0.1155811582 0.9260161834 4.9192881729 
3 'crystal symmetry operation' 3_545 -x+y,-x-1,z  -0.4674663504 -0.8076757934 0.3593536197 -20.2007857807 0.8811203360  -0.4585498330 0.1155811582 11.4794274828  0.0714294387 0.3706640843 0.9260161834 1.0940756906 
# 
_struct_biol.id        1 
_struct_biol.details   ? 
# 
loop_
_struct_conf.conf_type_id 
_struct_conf.id 
_struct_conf.pdbx_PDB_helix_id 
_struct_conf.beg_label_comp_id 
_struct_conf.beg_label_asym_id 
_struct_conf.beg_label_seq_id 
_struct_conf.pdbx_beg_PDB_ins_code 
_struct_conf.end_label_comp_id 
_struct_conf.end_label_asym_id 
_struct_conf.end_label_seq_id 
_struct_conf.pdbx_end_PDB_ins_code 
_struct_conf.beg_auth_comp_id 
_struct_conf.beg_auth_asym_id 
_struct_conf.beg_auth_seq_id 
_struct_conf.end_auth_comp_id 
_struct_conf.end_auth_asym_id 
_struct_conf.end_auth_seq_id 
_struct_conf.pdbx_PDB_helix_class 
_struct_conf.details 
_struct_conf.pdbx_PDB_helix_length 
HELX_P HELX_P1 1 ASP A 2  ? LYS A 19  ? ASP A 2  LYS A 19  1 ? 18 
HELX_P HELX_P2 2 ASN A 22 ? GLN A 41  ? ASN A 22 GLN A 41  1 ? 20 
HELX_P HELX_P3 3 PRO A 45 ? GLU A 49  ? PRO A 45 GLU A 49  5 ? 5  
HELX_P HELX_P4 4 SER A 55 ? GLU A 81  ? SER A 55 GLU A 81  1 ? 27 
HELX_P HELX_P5 5 LYS A 83 ? LEU A 94  ? LYS A 83 LEU A 94  1 ? 12 
HELX_P HELX_P6 6 LEU A 94 ? ARG A 106 ? LEU A 94 ARG A 106 1 ? 13 
# 
_struct_conf_type.id          HELX_P 
_struct_conf_type.criteria    ? 
_struct_conf_type.reference   ? 
# 
loop_
_struct_conn.id 
_struct_conn.conn_type_id 
_struct_conn.pdbx_leaving_atom_flag 
_struct_conn.pdbx_PDB_id 
_struct_conn.ptnr1_label_asym_id 
_struct_conn.ptnr1_label_comp_id 
_struct_conn.ptnr1_label_seq_id 
_struct_conn.ptnr1_label_atom_id 
_struct_conn.pdbx_ptnr1_label_alt_id 
_struct_conn.pdbx_ptnr1_PDB_ins_code 
_struct_conn.pdbx_ptnr1_standard_comp_id 
_struct_conn.ptnr1_symmetry 
_struct_conn.ptnr2_label_asym_id 
_struct_conn.ptnr2_label_comp_id 
_struct_conn.ptnr2_label_seq_id 
_struct_conn.ptnr2_label_atom_id 
_struct_conn.pdbx_ptnr2_label_alt_id 
_struct_conn.pdbx_ptnr2_PDB_ins_code 
_struct_conn.ptnr1_auth_asym_id 
_struct_conn.ptnr1_auth_comp_id 
_struct_conn.ptnr1_auth_seq_id 
_struct_conn.ptnr2_auth_asym_id 
_struct_conn.ptnr2_auth_comp_id 
_struct_conn.ptnr2_auth_seq_id 
_struct_conn.ptnr2_symmetry 
_struct_conn.pdbx_ptnr3_label_atom_id 
_struct_conn.pdbx_ptnr3_label_seq_id 
_struct_conn.pdbx_ptnr3_label_comp_id 
_struct_conn.pdbx_ptnr3_label_asym_id 
_struct_conn.pdbx_ptnr3_label_alt_id 
_struct_conn.pdbx_ptnr3_PDB_ins_code 
_struct_conn.details 
_struct_conn.pdbx_dist_value 
_struct_conn.pdbx_value_order 
_struct_conn.pdbx_role 
metalc1 metalc ? ? A ALA 1   N   ? ? ? 1_555 D NI  . NI ? ? A ALA 1   A NI  109 1_555 ? ? ? ? ? ? ? 2.029 ? ? 
metalc2 metalc ? ? A ALA 1   O   ? ? ? 1_555 D NI  . NI ? ? A ALA 1   A NI  109 1_555 ? ? ? ? ? ? ? 2.028 ? ? 
metalc3 metalc ? ? A MET 7   SD  ? ? ? 1_555 E HEM . FE ? ? A MET 7   A HEM 150 1_555 ? ? ? ? ? ? ? 2.313 ? ? 
metalc4 metalc ? ? A HIS 59  NE2 ? ? ? 1_555 B NI  . NI ? ? A HIS 59  A NI  107 1_555 ? ? ? ? ? ? ? 2.239 ? ? 
metalc5 metalc ? ? A HIS 63  NE2 ? ? ? 1_555 B NI  . NI ? ? A HIS 63  A NI  107 1_555 ? ? ? ? ? ? ? 2.087 ? ? 
metalc6 metalc ? ? A HIS 73  NE2 ? ? ? 1_555 C NI  . NI ? ? A HIS 73  A NI  108 1_555 ? ? ? ? ? ? ? 2.207 ? ? 
metalc7 metalc ? ? A HIS 77  NE2 ? ? ? 1_555 C NI  . NI ? ? A HIS 77  A NI  108 1_555 ? ? ? ? ? ? ? 2.189 ? ? 
metalc8 metalc ? ? A HIS 102 NE2 ? ? ? 1_555 E HEM . FE ? ? A HIS 102 A HEM 150 1_555 ? ? ? ? ? ? ? 2.008 ? ? 
# 
_struct_conn_type.id          metalc 
_struct_conn_type.criteria    ? 
_struct_conn_type.reference   ? 
# 
loop_
_pdbx_struct_conn_angle.id 
_pdbx_struct_conn_angle.ptnr1_label_atom_id 
_pdbx_struct_conn_angle.ptnr1_label_alt_id 
_pdbx_struct_conn_angle.ptnr1_label_asym_id 
_pdbx_struct_conn_angle.ptnr1_label_comp_id 
_pdbx_struct_conn_angle.ptnr1_label_seq_id 
_pdbx_struct_conn_angle.ptnr1_auth_atom_id 
_pdbx_struct_conn_angle.ptnr1_auth_asym_id 
_pdbx_struct_conn_angle.ptnr1_auth_comp_id 
_pdbx_struct_conn_angle.ptnr1_auth_seq_id 
_pdbx_struct_conn_angle.ptnr1_PDB_ins_code 
_pdbx_struct_conn_angle.ptnr1_symmetry 
_pdbx_struct_conn_angle.ptnr2_label_atom_id 
_pdbx_struct_conn_angle.ptnr2_label_alt_id 
_pdbx_struct_conn_angle.ptnr2_label_asym_id 
_pdbx_struct_conn_angle.ptnr2_label_comp_id 
_pdbx_struct_conn_angle.ptnr2_label_seq_id 
_pdbx_struct_conn_angle.ptnr2_auth_atom_id 
_pdbx_struct_conn_angle.ptnr2_auth_asym_id 
_pdbx_struct_conn_angle.ptnr2_auth_comp_id 
_pdbx_struct_conn_angle.ptnr2_auth_seq_id 
_pdbx_struct_conn_angle.ptnr2_PDB_ins_code 
_pdbx_struct_conn_angle.ptnr2_symmetry 
_pdbx_struct_conn_angle.ptnr3_label_atom_id 
_pdbx_struct_conn_angle.ptnr3_label_alt_id 
_pdbx_struct_conn_angle.ptnr3_label_asym_id 
_pdbx_struct_conn_angle.ptnr3_label_comp_id 
_pdbx_struct_conn_angle.ptnr3_label_seq_id 
_pdbx_struct_conn_angle.ptnr3_auth_atom_id 
_pdbx_struct_conn_angle.ptnr3_auth_asym_id 
_pdbx_struct_conn_angle.ptnr3_auth_comp_id 
_pdbx_struct_conn_angle.ptnr3_auth_seq_id 
_pdbx_struct_conn_angle.ptnr3_PDB_ins_code 
_pdbx_struct_conn_angle.ptnr3_symmetry 
_pdbx_struct_conn_angle.value 
_pdbx_struct_conn_angle.value_esd 
1  N   ? A ALA 1  ? A ALA 1   ? 1_555 NI ? D NI  . ? A NI  109 ? 1_555 O   ? A ALA 1   ? A ALA 1   ? 1_555 78.2  ? 
2  SD  ? A MET 7  ? A MET 7   ? 1_555 FE ? E HEM . ? A HEM 150 ? 1_555 NA  ? E HEM .   ? A HEM 150 ? 1_555 93.0  ? 
3  SD  ? A MET 7  ? A MET 7   ? 1_555 FE ? E HEM . ? A HEM 150 ? 1_555 NB  ? E HEM .   ? A HEM 150 ? 1_555 85.6  ? 
4  NA  ? E HEM .  ? A HEM 150 ? 1_555 FE ? E HEM . ? A HEM 150 ? 1_555 NB  ? E HEM .   ? A HEM 150 ? 1_555 89.9  ? 
5  SD  ? A MET 7  ? A MET 7   ? 1_555 FE ? E HEM . ? A HEM 150 ? 1_555 NC  ? E HEM .   ? A HEM 150 ? 1_555 91.3  ? 
6  NA  ? E HEM .  ? A HEM 150 ? 1_555 FE ? E HEM . ? A HEM 150 ? 1_555 NC  ? E HEM .   ? A HEM 150 ? 1_555 175.5 ? 
7  NB  ? E HEM .  ? A HEM 150 ? 1_555 FE ? E HEM . ? A HEM 150 ? 1_555 NC  ? E HEM .   ? A HEM 150 ? 1_555 91.3  ? 
8  SD  ? A MET 7  ? A MET 7   ? 1_555 FE ? E HEM . ? A HEM 150 ? 1_555 ND  ? E HEM .   ? A HEM 150 ? 1_555 98.2  ? 
9  NA  ? E HEM .  ? A HEM 150 ? 1_555 FE ? E HEM . ? A HEM 150 ? 1_555 ND  ? E HEM .   ? A HEM 150 ? 1_555 95.1  ? 
10 NB  ? E HEM .  ? A HEM 150 ? 1_555 FE ? E HEM . ? A HEM 150 ? 1_555 ND  ? E HEM .   ? A HEM 150 ? 1_555 173.5 ? 
11 NC  ? E HEM .  ? A HEM 150 ? 1_555 FE ? E HEM . ? A HEM 150 ? 1_555 ND  ? E HEM .   ? A HEM 150 ? 1_555 83.3  ? 
12 SD  ? A MET 7  ? A MET 7   ? 1_555 FE ? E HEM . ? A HEM 150 ? 1_555 NE2 ? A HIS 102 ? A HIS 102 ? 1_555 176.4 ? 
13 NA  ? E HEM .  ? A HEM 150 ? 1_555 FE ? E HEM . ? A HEM 150 ? 1_555 NE2 ? A HIS 102 ? A HIS 102 ? 1_555 90.5  ? 
14 NB  ? E HEM .  ? A HEM 150 ? 1_555 FE ? E HEM . ? A HEM 150 ? 1_555 NE2 ? A HIS 102 ? A HIS 102 ? 1_555 94.5  ? 
15 NC  ? E HEM .  ? A HEM 150 ? 1_555 FE ? E HEM . ? A HEM 150 ? 1_555 NE2 ? A HIS 102 ? A HIS 102 ? 1_555 85.1  ? 
16 ND  ? E HEM .  ? A HEM 150 ? 1_555 FE ? E HEM . ? A HEM 150 ? 1_555 NE2 ? A HIS 102 ? A HIS 102 ? 1_555 81.3  ? 
17 NE2 ? A HIS 59 ? A HIS 59  ? 1_555 NI ? B NI  . ? A NI  107 ? 1_555 NE2 ? A HIS 63  ? A HIS 63  ? 1_555 81.7  ? 
18 NE2 ? A HIS 73 ? A HIS 73  ? 1_555 NI ? C NI  . ? A NI  108 ? 1_555 NE2 ? A HIS 77  ? A HIS 77  ? 1_555 91.1  ? 
# 
loop_
_struct_site.id 
_struct_site.pdbx_evidence_code 
_struct_site.pdbx_auth_asym_id 
_struct_site.pdbx_auth_comp_id 
_struct_site.pdbx_auth_seq_id 
_struct_site.pdbx_auth_ins_code 
_struct_site.pdbx_num_residues 
_struct_site.details 
AC1 Software A NI  107 ? 2  'BINDING SITE FOR RESIDUE NI A 107'  
AC2 Software A NI  108 ? 2  'BINDING SITE FOR RESIDUE NI A 108'  
AC3 Software A NI  109 ? 3  'BINDING SITE FOR RESIDUE NI A 109'  
AC4 Software A HEM 150 ? 15 'BINDING SITE FOR RESIDUE HEM A 150' 
# 
loop_
_struct_site_gen.id 
_struct_site_gen.site_id 
_struct_site_gen.pdbx_num_res 
_struct_site_gen.label_comp_id 
_struct_site_gen.label_asym_id 
_struct_site_gen.label_seq_id 
_struct_site_gen.pdbx_auth_ins_code 
_struct_site_gen.auth_comp_id 
_struct_site_gen.auth_asym_id 
_struct_site_gen.auth_seq_id 
_struct_site_gen.label_atom_id 
_struct_site_gen.label_alt_id 
_struct_site_gen.symmetry 
_struct_site_gen.details 
1  AC1 2  HIS A 59  ? HIS A 59  . ? 1_555 ? 
2  AC1 2  HIS A 63  ? HIS A 63  . ? 1_555 ? 
3  AC2 2  HIS A 73  ? HIS A 73  . ? 1_555 ? 
4  AC2 2  HIS A 77  ? HIS A 77  . ? 1_555 ? 
5  AC3 3  ALA A 1   ? ALA A 1   . ? 1_555 ? 
6  AC3 3  ASP A 39  ? ASP A 39  . ? 1_555 ? 
7  AC3 3  LYS A 42  ? LYS A 42  . ? 1_555 ? 
8  AC4 15 LEU A 3   ? LEU A 3   . ? 1_555 ? 
9  AC4 15 GLU A 4   ? GLU A 4   . ? 1_555 ? 
10 AC4 15 MET A 7   ? MET A 7   . ? 1_555 ? 
11 AC4 15 LEU A 14  ? LEU A 14  . ? 1_555 ? 
12 AC4 15 PRO A 45  ? PRO A 45  . ? 1_555 ? 
13 AC4 15 PRO A 46  ? PRO A 46  . ? 1_555 ? 
14 AC4 15 PHE A 61  ? PHE A 61  . ? 1_555 ? 
15 AC4 15 GLY A 64  ? GLY A 64  . ? 1_555 ? 
16 AC4 15 PHE A 65  ? PHE A 65  . ? 1_555 ? 
17 AC4 15 CYS A 98  ? CYS A 98  . ? 1_555 ? 
18 AC4 15 CYS A 101 ? CYS A 101 . ? 1_555 ? 
19 AC4 15 HIS A 102 ? HIS A 102 . ? 1_555 ? 
20 AC4 15 TYR A 105 ? TYR A 105 . ? 1_555 ? 
21 AC4 15 ARG A 106 ? ARG A 106 . ? 1_555 ? 
22 AC4 15 HOH F .   ? HOH A 154 . ? 1_555 ? 
# 
loop_
_pdbx_validate_close_contact.id 
_pdbx_validate_close_contact.PDB_model_num 
_pdbx_validate_close_contact.auth_atom_id_1 
_pdbx_validate_close_contact.auth_asym_id_1 
_pdbx_validate_close_contact.auth_comp_id_1 
_pdbx_validate_close_contact.auth_seq_id_1 
_pdbx_validate_close_contact.PDB_ins_code_1 
_pdbx_validate_close_contact.label_alt_id_1 
_pdbx_validate_close_contact.auth_atom_id_2 
_pdbx_validate_close_contact.auth_asym_id_2 
_pdbx_validate_close_contact.auth_comp_id_2 
_pdbx_validate_close_contact.auth_seq_id_2 
_pdbx_validate_close_contact.PDB_ins_code_2 
_pdbx_validate_close_contact.label_alt_id_2 
_pdbx_validate_close_contact.dist 
1 1 SG  A CYS 101 ? ? CAC A HEM 150 ? ? 1.67 
2 1 SG  A CYS 98  ? ? CAB A HEM 150 ? ? 1.77 
3 1 OD1 A ASP 2   ? ? N   A GLU 4   ? ? 2.14 
# 
_pdbx_validate_torsion.id              1 
_pdbx_validate_torsion.PDB_model_num   1 
_pdbx_validate_torsion.auth_comp_id    LYS 
_pdbx_validate_torsion.auth_asym_id    A 
_pdbx_validate_torsion.auth_seq_id     83 
_pdbx_validate_torsion.PDB_ins_code    ? 
_pdbx_validate_torsion.label_alt_id    ? 
_pdbx_validate_torsion.phi             -100.85 
_pdbx_validate_torsion.psi             79.12 
# 
loop_
_pdbx_struct_special_symmetry.id 
_pdbx_struct_special_symmetry.PDB_model_num 
_pdbx_struct_special_symmetry.auth_asym_id 
_pdbx_struct_special_symmetry.auth_comp_id 
_pdbx_struct_special_symmetry.auth_seq_id 
_pdbx_struct_special_symmetry.PDB_ins_code 
_pdbx_struct_special_symmetry.label_asym_id 
_pdbx_struct_special_symmetry.label_comp_id 
_pdbx_struct_special_symmetry.label_seq_id 
1 1 A NI 107 ? B NI . 
2 1 A NI 108 ? C NI . 
# 
loop_
_chem_comp_atom.comp_id 
_chem_comp_atom.atom_id 
_chem_comp_atom.type_symbol 
_chem_comp_atom.pdbx_aromatic_flag 
_chem_comp_atom.pdbx_stereo_config 
_chem_comp_atom.pdbx_ordinal 
ALA N    N  N N 1   
ALA CA   C  N S 2   
ALA C    C  N N 3   
ALA O    O  N N 4   
ALA CB   C  N N 5   
ALA OXT  O  N N 6   
ALA H    H  N N 7   
ALA H2   H  N N 8   
ALA HA   H  N N 9   
ALA HB1  H  N N 10  
ALA HB2  H  N N 11  
ALA HB3  H  N N 12  
ALA HXT  H  N N 13  
ARG N    N  N N 14  
ARG CA   C  N S 15  
ARG C    C  N N 16  
ARG O    O  N N 17  
ARG CB   C  N N 18  
ARG CG   C  N N 19  
ARG CD   C  N N 20  
ARG NE   N  N N 21  
ARG CZ   C  N N 22  
ARG NH1  N  N N 23  
ARG NH2  N  N N 24  
ARG OXT  O  N N 25  
ARG H    H  N N 26  
ARG H2   H  N N 27  
ARG HA   H  N N 28  
ARG HB2  H  N N 29  
ARG HB3  H  N N 30  
ARG HG2  H  N N 31  
ARG HG3  H  N N 32  
ARG HD2  H  N N 33  
ARG HD3  H  N N 34  
ARG HE   H  N N 35  
ARG HH11 H  N N 36  
ARG HH12 H  N N 37  
ARG HH21 H  N N 38  
ARG HH22 H  N N 39  
ARG HXT  H  N N 40  
ASN N    N  N N 41  
ASN CA   C  N S 42  
ASN C    C  N N 43  
ASN O    O  N N 44  
ASN CB   C  N N 45  
ASN CG   C  N N 46  
ASN OD1  O  N N 47  
ASN ND2  N  N N 48  
ASN OXT  O  N N 49  
ASN H    H  N N 50  
ASN H2   H  N N 51  
ASN HA   H  N N 52  
ASN HB2  H  N N 53  
ASN HB3  H  N N 54  
ASN HD21 H  N N 55  
ASN HD22 H  N N 56  
ASN HXT  H  N N 57  
ASP N    N  N N 58  
ASP CA   C  N S 59  
ASP C    C  N N 60  
ASP O    O  N N 61  
ASP CB   C  N N 62  
ASP CG   C  N N 63  
ASP OD1  O  N N 64  
ASP OD2  O  N N 65  
ASP OXT  O  N N 66  
ASP H    H  N N 67  
ASP H2   H  N N 68  
ASP HA   H  N N 69  
ASP HB2  H  N N 70  
ASP HB3  H  N N 71  
ASP HD2  H  N N 72  
ASP HXT  H  N N 73  
CYS N    N  N N 74  
CYS CA   C  N R 75  
CYS C    C  N N 76  
CYS O    O  N N 77  
CYS CB   C  N N 78  
CYS SG   S  N N 79  
CYS OXT  O  N N 80  
CYS H    H  N N 81  
CYS H2   H  N N 82  
CYS HA   H  N N 83  
CYS HB2  H  N N 84  
CYS HB3  H  N N 85  
CYS HG   H  N N 86  
CYS HXT  H  N N 87  
GLN N    N  N N 88  
GLN CA   C  N S 89  
GLN C    C  N N 90  
GLN O    O  N N 91  
GLN CB   C  N N 92  
GLN CG   C  N N 93  
GLN CD   C  N N 94  
GLN OE1  O  N N 95  
GLN NE2  N  N N 96  
GLN OXT  O  N N 97  
GLN H    H  N N 98  
GLN H2   H  N N 99  
GLN HA   H  N N 100 
GLN HB2  H  N N 101 
GLN HB3  H  N N 102 
GLN HG2  H  N N 103 
GLN HG3  H  N N 104 
GLN HE21 H  N N 105 
GLN HE22 H  N N 106 
GLN HXT  H  N N 107 
GLU N    N  N N 108 
GLU CA   C  N S 109 
GLU C    C  N N 110 
GLU O    O  N N 111 
GLU CB   C  N N 112 
GLU CG   C  N N 113 
GLU CD   C  N N 114 
GLU OE1  O  N N 115 
GLU OE2  O  N N 116 
GLU OXT  O  N N 117 
GLU H    H  N N 118 
GLU H2   H  N N 119 
GLU HA   H  N N 120 
GLU HB2  H  N N 121 
GLU HB3  H  N N 122 
GLU HG2  H  N N 123 
GLU HG3  H  N N 124 
GLU HE2  H  N N 125 
GLU HXT  H  N N 126 
GLY N    N  N N 127 
GLY CA   C  N N 128 
GLY C    C  N N 129 
GLY O    O  N N 130 
GLY OXT  O  N N 131 
GLY H    H  N N 132 
GLY H2   H  N N 133 
GLY HA2  H  N N 134 
GLY HA3  H  N N 135 
GLY HXT  H  N N 136 
HEM CHA  C  N N 137 
HEM CHB  C  N N 138 
HEM CHC  C  N N 139 
HEM CHD  C  N N 140 
HEM C1A  C  Y N 141 
HEM C2A  C  Y N 142 
HEM C3A  C  Y N 143 
HEM C4A  C  Y N 144 
HEM CMA  C  N N 145 
HEM CAA  C  N N 146 
HEM CBA  C  N N 147 
HEM CGA  C  N N 148 
HEM O1A  O  N N 149 
HEM O2A  O  N N 150 
HEM C1B  C  N N 151 
HEM C2B  C  N N 152 
HEM C3B  C  N N 153 
HEM C4B  C  N N 154 
HEM CMB  C  N N 155 
HEM CAB  C  N N 156 
HEM CBB  C  N N 157 
HEM C1C  C  Y N 158 
HEM C2C  C  Y N 159 
HEM C3C  C  Y N 160 
HEM C4C  C  Y N 161 
HEM CMC  C  N N 162 
HEM CAC  C  N N 163 
HEM CBC  C  N N 164 
HEM C1D  C  N N 165 
HEM C2D  C  N N 166 
HEM C3D  C  N N 167 
HEM C4D  C  N N 168 
HEM CMD  C  N N 169 
HEM CAD  C  N N 170 
HEM CBD  C  N N 171 
HEM CGD  C  N N 172 
HEM O1D  O  N N 173 
HEM O2D  O  N N 174 
HEM NA   N  Y N 175 
HEM NB   N  N N 176 
HEM NC   N  Y N 177 
HEM ND   N  N N 178 
HEM FE   FE N N 179 
HEM HHB  H  N N 180 
HEM HHC  H  N N 181 
HEM HHD  H  N N 182 
HEM HMA  H  N N 183 
HEM HMAA H  N N 184 
HEM HMAB H  N N 185 
HEM HAA  H  N N 186 
HEM HAAA H  N N 187 
HEM HBA  H  N N 188 
HEM HBAA H  N N 189 
HEM HMB  H  N N 190 
HEM HMBA H  N N 191 
HEM HMBB H  N N 192 
HEM HAB  H  N N 193 
HEM HBB  H  N N 194 
HEM HBBA H  N N 195 
HEM HMC  H  N N 196 
HEM HMCA H  N N 197 
HEM HMCB H  N N 198 
HEM HAC  H  N N 199 
HEM HBC  H  N N 200 
HEM HBCA H  N N 201 
HEM HMD  H  N N 202 
HEM HMDA H  N N 203 
HEM HMDB H  N N 204 
HEM HAD  H  N N 205 
HEM HADA H  N N 206 
HEM HBD  H  N N 207 
HEM HBDA H  N N 208 
HEM H2A  H  N N 209 
HEM H2D  H  N N 210 
HEM HHA  H  N N 211 
HIS N    N  N N 212 
HIS CA   C  N S 213 
HIS C    C  N N 214 
HIS O    O  N N 215 
HIS CB   C  N N 216 
HIS CG   C  Y N 217 
HIS ND1  N  Y N 218 
HIS CD2  C  Y N 219 
HIS CE1  C  Y N 220 
HIS NE2  N  Y N 221 
HIS OXT  O  N N 222 
HIS H    H  N N 223 
HIS H2   H  N N 224 
HIS HA   H  N N 225 
HIS HB2  H  N N 226 
HIS HB3  H  N N 227 
HIS HD1  H  N N 228 
HIS HD2  H  N N 229 
HIS HE1  H  N N 230 
HIS HE2  H  N N 231 
HIS HXT  H  N N 232 
HOH O    O  N N 233 
HOH H1   H  N N 234 
HOH H2   H  N N 235 
ILE N    N  N N 236 
ILE CA   C  N S 237 
ILE C    C  N N 238 
ILE O    O  N N 239 
ILE CB   C  N S 240 
ILE CG1  C  N N 241 
ILE CG2  C  N N 242 
ILE CD1  C  N N 243 
ILE OXT  O  N N 244 
ILE H    H  N N 245 
ILE H2   H  N N 246 
ILE HA   H  N N 247 
ILE HB   H  N N 248 
ILE HG12 H  N N 249 
ILE HG13 H  N N 250 
ILE HG21 H  N N 251 
ILE HG22 H  N N 252 
ILE HG23 H  N N 253 
ILE HD11 H  N N 254 
ILE HD12 H  N N 255 
ILE HD13 H  N N 256 
ILE HXT  H  N N 257 
LEU N    N  N N 258 
LEU CA   C  N S 259 
LEU C    C  N N 260 
LEU O    O  N N 261 
LEU CB   C  N N 262 
LEU CG   C  N N 263 
LEU CD1  C  N N 264 
LEU CD2  C  N N 265 
LEU OXT  O  N N 266 
LEU H    H  N N 267 
LEU H2   H  N N 268 
LEU HA   H  N N 269 
LEU HB2  H  N N 270 
LEU HB3  H  N N 271 
LEU HG   H  N N 272 
LEU HD11 H  N N 273 
LEU HD12 H  N N 274 
LEU HD13 H  N N 275 
LEU HD21 H  N N 276 
LEU HD22 H  N N 277 
LEU HD23 H  N N 278 
LEU HXT  H  N N 279 
LYS N    N  N N 280 
LYS CA   C  N S 281 
LYS C    C  N N 282 
LYS O    O  N N 283 
LYS CB   C  N N 284 
LYS CG   C  N N 285 
LYS CD   C  N N 286 
LYS CE   C  N N 287 
LYS NZ   N  N N 288 
LYS OXT  O  N N 289 
LYS H    H  N N 290 
LYS H2   H  N N 291 
LYS HA   H  N N 292 
LYS HB2  H  N N 293 
LYS HB3  H  N N 294 
LYS HG2  H  N N 295 
LYS HG3  H  N N 296 
LYS HD2  H  N N 297 
LYS HD3  H  N N 298 
LYS HE2  H  N N 299 
LYS HE3  H  N N 300 
LYS HZ1  H  N N 301 
LYS HZ2  H  N N 302 
LYS HZ3  H  N N 303 
LYS HXT  H  N N 304 
MET N    N  N N 305 
MET CA   C  N S 306 
MET C    C  N N 307 
MET O    O  N N 308 
MET CB   C  N N 309 
MET CG   C  N N 310 
MET SD   S  N N 311 
MET CE   C  N N 312 
MET OXT  O  N N 313 
MET H    H  N N 314 
MET H2   H  N N 315 
MET HA   H  N N 316 
MET HB2  H  N N 317 
MET HB3  H  N N 318 
MET HG2  H  N N 319 
MET HG3  H  N N 320 
MET HE1  H  N N 321 
MET HE2  H  N N 322 
MET HE3  H  N N 323 
MET HXT  H  N N 324 
NI  NI   NI N N 325 
PHE N    N  N N 326 
PHE CA   C  N S 327 
PHE C    C  N N 328 
PHE O    O  N N 329 
PHE CB   C  N N 330 
PHE CG   C  Y N 331 
PHE CD1  C  Y N 332 
PHE CD2  C  Y N 333 
PHE CE1  C  Y N 334 
PHE CE2  C  Y N 335 
PHE CZ   C  Y N 336 
PHE OXT  O  N N 337 
PHE H    H  N N 338 
PHE H2   H  N N 339 
PHE HA   H  N N 340 
PHE HB2  H  N N 341 
PHE HB3  H  N N 342 
PHE HD1  H  N N 343 
PHE HD2  H  N N 344 
PHE HE1  H  N N 345 
PHE HE2  H  N N 346 
PHE HZ   H  N N 347 
PHE HXT  H  N N 348 
PRO N    N  N N 349 
PRO CA   C  N S 350 
PRO C    C  N N 351 
PRO O    O  N N 352 
PRO CB   C  N N 353 
PRO CG   C  N N 354 
PRO CD   C  N N 355 
PRO OXT  O  N N 356 
PRO H    H  N N 357 
PRO HA   H  N N 358 
PRO HB2  H  N N 359 
PRO HB3  H  N N 360 
PRO HG2  H  N N 361 
PRO HG3  H  N N 362 
PRO HD2  H  N N 363 
PRO HD3  H  N N 364 
PRO HXT  H  N N 365 
SER N    N  N N 366 
SER CA   C  N S 367 
SER C    C  N N 368 
SER O    O  N N 369 
SER CB   C  N N 370 
SER OG   O  N N 371 
SER OXT  O  N N 372 
SER H    H  N N 373 
SER H2   H  N N 374 
SER HA   H  N N 375 
SER HB2  H  N N 376 
SER HB3  H  N N 377 
SER HG   H  N N 378 
SER HXT  H  N N 379 
THR N    N  N N 380 
THR CA   C  N S 381 
THR C    C  N N 382 
THR O    O  N N 383 
THR CB   C  N R 384 
THR OG1  O  N N 385 
THR CG2  C  N N 386 
THR OXT  O  N N 387 
THR H    H  N N 388 
THR H2   H  N N 389 
THR HA   H  N N 390 
THR HB   H  N N 391 
THR HG1  H  N N 392 
THR HG21 H  N N 393 
THR HG22 H  N N 394 
THR HG23 H  N N 395 
THR HXT  H  N N 396 
TYR N    N  N N 397 
TYR CA   C  N S 398 
TYR C    C  N N 399 
TYR O    O  N N 400 
TYR CB   C  N N 401 
TYR CG   C  Y N 402 
TYR CD1  C  Y N 403 
TYR CD2  C  Y N 404 
TYR CE1  C  Y N 405 
TYR CE2  C  Y N 406 
TYR CZ   C  Y N 407 
TYR OH   O  N N 408 
TYR OXT  O  N N 409 
TYR H    H  N N 410 
TYR H2   H  N N 411 
TYR HA   H  N N 412 
TYR HB2  H  N N 413 
TYR HB3  H  N N 414 
TYR HD1  H  N N 415 
TYR HD2  H  N N 416 
TYR HE1  H  N N 417 
TYR HE2  H  N N 418 
TYR HH   H  N N 419 
TYR HXT  H  N N 420 
VAL N    N  N N 421 
VAL CA   C  N S 422 
VAL C    C  N N 423 
VAL O    O  N N 424 
VAL CB   C  N N 425 
VAL CG1  C  N N 426 
VAL CG2  C  N N 427 
VAL OXT  O  N N 428 
VAL H    H  N N 429 
VAL H2   H  N N 430 
VAL HA   H  N N 431 
VAL HB   H  N N 432 
VAL HG11 H  N N 433 
VAL HG12 H  N N 434 
VAL HG13 H  N N 435 
VAL HG21 H  N N 436 
VAL HG22 H  N N 437 
VAL HG23 H  N N 438 
VAL HXT  H  N N 439 
# 
loop_
_chem_comp_bond.comp_id 
_chem_comp_bond.atom_id_1 
_chem_comp_bond.atom_id_2 
_chem_comp_bond.value_order 
_chem_comp_bond.pdbx_aromatic_flag 
_chem_comp_bond.pdbx_stereo_config 
_chem_comp_bond.pdbx_ordinal 
ALA N   CA   sing N N 1   
ALA N   H    sing N N 2   
ALA N   H2   sing N N 3   
ALA CA  C    sing N N 4   
ALA CA  CB   sing N N 5   
ALA CA  HA   sing N N 6   
ALA C   O    doub N N 7   
ALA C   OXT  sing N N 8   
ALA CB  HB1  sing N N 9   
ALA CB  HB2  sing N N 10  
ALA CB  HB3  sing N N 11  
ALA OXT HXT  sing N N 12  
ARG N   CA   sing N N 13  
ARG N   H    sing N N 14  
ARG N   H2   sing N N 15  
ARG CA  C    sing N N 16  
ARG CA  CB   sing N N 17  
ARG CA  HA   sing N N 18  
ARG C   O    doub N N 19  
ARG C   OXT  sing N N 20  
ARG CB  CG   sing N N 21  
ARG CB  HB2  sing N N 22  
ARG CB  HB3  sing N N 23  
ARG CG  CD   sing N N 24  
ARG CG  HG2  sing N N 25  
ARG CG  HG3  sing N N 26  
ARG CD  NE   sing N N 27  
ARG CD  HD2  sing N N 28  
ARG CD  HD3  sing N N 29  
ARG NE  CZ   sing N N 30  
ARG NE  HE   sing N N 31  
ARG CZ  NH1  sing N N 32  
ARG CZ  NH2  doub N N 33  
ARG NH1 HH11 sing N N 34  
ARG NH1 HH12 sing N N 35  
ARG NH2 HH21 sing N N 36  
ARG NH2 HH22 sing N N 37  
ARG OXT HXT  sing N N 38  
ASN N   CA   sing N N 39  
ASN N   H    sing N N 40  
ASN N   H2   sing N N 41  
ASN CA  C    sing N N 42  
ASN CA  CB   sing N N 43  
ASN CA  HA   sing N N 44  
ASN C   O    doub N N 45  
ASN C   OXT  sing N N 46  
ASN CB  CG   sing N N 47  
ASN CB  HB2  sing N N 48  
ASN CB  HB3  sing N N 49  
ASN CG  OD1  doub N N 50  
ASN CG  ND2  sing N N 51  
ASN ND2 HD21 sing N N 52  
ASN ND2 HD22 sing N N 53  
ASN OXT HXT  sing N N 54  
ASP N   CA   sing N N 55  
ASP N   H    sing N N 56  
ASP N   H2   sing N N 57  
ASP CA  C    sing N N 58  
ASP CA  CB   sing N N 59  
ASP CA  HA   sing N N 60  
ASP C   O    doub N N 61  
ASP C   OXT  sing N N 62  
ASP CB  CG   sing N N 63  
ASP CB  HB2  sing N N 64  
ASP CB  HB3  sing N N 65  
ASP CG  OD1  doub N N 66  
ASP CG  OD2  sing N N 67  
ASP OD2 HD2  sing N N 68  
ASP OXT HXT  sing N N 69  
CYS N   CA   sing N N 70  
CYS N   H    sing N N 71  
CYS N   H2   sing N N 72  
CYS CA  C    sing N N 73  
CYS CA  CB   sing N N 74  
CYS CA  HA   sing N N 75  
CYS C   O    doub N N 76  
CYS C   OXT  sing N N 77  
CYS CB  SG   sing N N 78  
CYS CB  HB2  sing N N 79  
CYS CB  HB3  sing N N 80  
CYS SG  HG   sing N N 81  
CYS OXT HXT  sing N N 82  
GLN N   CA   sing N N 83  
GLN N   H    sing N N 84  
GLN N   H2   sing N N 85  
GLN CA  C    sing N N 86  
GLN CA  CB   sing N N 87  
GLN CA  HA   sing N N 88  
GLN C   O    doub N N 89  
GLN C   OXT  sing N N 90  
GLN CB  CG   sing N N 91  
GLN CB  HB2  sing N N 92  
GLN CB  HB3  sing N N 93  
GLN CG  CD   sing N N 94  
GLN CG  HG2  sing N N 95  
GLN CG  HG3  sing N N 96  
GLN CD  OE1  doub N N 97  
GLN CD  NE2  sing N N 98  
GLN NE2 HE21 sing N N 99  
GLN NE2 HE22 sing N N 100 
GLN OXT HXT  sing N N 101 
GLU N   CA   sing N N 102 
GLU N   H    sing N N 103 
GLU N   H2   sing N N 104 
GLU CA  C    sing N N 105 
GLU CA  CB   sing N N 106 
GLU CA  HA   sing N N 107 
GLU C   O    doub N N 108 
GLU C   OXT  sing N N 109 
GLU CB  CG   sing N N 110 
GLU CB  HB2  sing N N 111 
GLU CB  HB3  sing N N 112 
GLU CG  CD   sing N N 113 
GLU CG  HG2  sing N N 114 
GLU CG  HG3  sing N N 115 
GLU CD  OE1  doub N N 116 
GLU CD  OE2  sing N N 117 
GLU OE2 HE2  sing N N 118 
GLU OXT HXT  sing N N 119 
GLY N   CA   sing N N 120 
GLY N   H    sing N N 121 
GLY N   H2   sing N N 122 
GLY CA  C    sing N N 123 
GLY CA  HA2  sing N N 124 
GLY CA  HA3  sing N N 125 
GLY C   O    doub N N 126 
GLY C   OXT  sing N N 127 
GLY OXT HXT  sing N N 128 
HEM CHA C1A  sing N N 129 
HEM CHA C4D  doub N N 130 
HEM CHA HHA  sing N N 131 
HEM CHB C4A  sing N N 132 
HEM CHB C1B  doub N N 133 
HEM CHB HHB  sing N N 134 
HEM CHC C4B  sing N N 135 
HEM CHC C1C  doub N N 136 
HEM CHC HHC  sing N N 137 
HEM CHD C4C  doub N N 138 
HEM CHD C1D  sing N N 139 
HEM CHD HHD  sing N N 140 
HEM C1A C2A  doub Y N 141 
HEM C1A NA   sing Y N 142 
HEM C2A C3A  sing Y N 143 
HEM C2A CAA  sing N N 144 
HEM C3A C4A  doub Y N 145 
HEM C3A CMA  sing N N 146 
HEM C4A NA   sing Y N 147 
HEM CMA HMA  sing N N 148 
HEM CMA HMAA sing N N 149 
HEM CMA HMAB sing N N 150 
HEM CAA CBA  sing N N 151 
HEM CAA HAA  sing N N 152 
HEM CAA HAAA sing N N 153 
HEM CBA CGA  sing N N 154 
HEM CBA HBA  sing N N 155 
HEM CBA HBAA sing N N 156 
HEM CGA O1A  doub N N 157 
HEM CGA O2A  sing N N 158 
HEM C1B C2B  sing N N 159 
HEM C1B NB   sing N N 160 
HEM C2B C3B  doub N N 161 
HEM C2B CMB  sing N N 162 
HEM C3B C4B  sing N N 163 
HEM C3B CAB  sing N N 164 
HEM C4B NB   doub N N 165 
HEM CMB HMB  sing N N 166 
HEM CMB HMBA sing N N 167 
HEM CMB HMBB sing N N 168 
HEM CAB CBB  doub N N 169 
HEM CAB HAB  sing N N 170 
HEM CBB HBB  sing N N 171 
HEM CBB HBBA sing N N 172 
HEM C1C C2C  sing Y N 173 
HEM C1C NC   sing Y N 174 
HEM C2C C3C  doub Y N 175 
HEM C2C CMC  sing N N 176 
HEM C3C C4C  sing Y N 177 
HEM C3C CAC  sing N N 178 
HEM C4C NC   sing Y N 179 
HEM CMC HMC  sing N N 180 
HEM CMC HMCA sing N N 181 
HEM CMC HMCB sing N N 182 
HEM CAC CBC  doub N N 183 
HEM CAC HAC  sing N N 184 
HEM CBC HBC  sing N N 185 
HEM CBC HBCA sing N N 186 
HEM C1D C2D  sing N N 187 
HEM C1D ND   doub N N 188 
HEM C2D C3D  doub N N 189 
HEM C2D CMD  sing N N 190 
HEM C3D C4D  sing N N 191 
HEM C3D CAD  sing N N 192 
HEM C4D ND   sing N N 193 
HEM CMD HMD  sing N N 194 
HEM CMD HMDA sing N N 195 
HEM CMD HMDB sing N N 196 
HEM CAD CBD  sing N N 197 
HEM CAD HAD  sing N N 198 
HEM CAD HADA sing N N 199 
HEM CBD CGD  sing N N 200 
HEM CBD HBD  sing N N 201 
HEM CBD HBDA sing N N 202 
HEM CGD O1D  doub N N 203 
HEM CGD O2D  sing N N 204 
HEM O2A H2A  sing N N 205 
HEM O2D H2D  sing N N 206 
HEM FE  NA   sing N N 207 
HEM FE  NB   sing N N 208 
HEM FE  NC   sing N N 209 
HEM FE  ND   sing N N 210 
HIS N   CA   sing N N 211 
HIS N   H    sing N N 212 
HIS N   H2   sing N N 213 
HIS CA  C    sing N N 214 
HIS CA  CB   sing N N 215 
HIS CA  HA   sing N N 216 
HIS C   O    doub N N 217 
HIS C   OXT  sing N N 218 
HIS CB  CG   sing N N 219 
HIS CB  HB2  sing N N 220 
HIS CB  HB3  sing N N 221 
HIS CG  ND1  sing Y N 222 
HIS CG  CD2  doub Y N 223 
HIS ND1 CE1  doub Y N 224 
HIS ND1 HD1  sing N N 225 
HIS CD2 NE2  sing Y N 226 
HIS CD2 HD2  sing N N 227 
HIS CE1 NE2  sing Y N 228 
HIS CE1 HE1  sing N N 229 
HIS NE2 HE2  sing N N 230 
HIS OXT HXT  sing N N 231 
HOH O   H1   sing N N 232 
HOH O   H2   sing N N 233 
ILE N   CA   sing N N 234 
ILE N   H    sing N N 235 
ILE N   H2   sing N N 236 
ILE CA  C    sing N N 237 
ILE CA  CB   sing N N 238 
ILE CA  HA   sing N N 239 
ILE C   O    doub N N 240 
ILE C   OXT  sing N N 241 
ILE CB  CG1  sing N N 242 
ILE CB  CG2  sing N N 243 
ILE CB  HB   sing N N 244 
ILE CG1 CD1  sing N N 245 
ILE CG1 HG12 sing N N 246 
ILE CG1 HG13 sing N N 247 
ILE CG2 HG21 sing N N 248 
ILE CG2 HG22 sing N N 249 
ILE CG2 HG23 sing N N 250 
ILE CD1 HD11 sing N N 251 
ILE CD1 HD12 sing N N 252 
ILE CD1 HD13 sing N N 253 
ILE OXT HXT  sing N N 254 
LEU N   CA   sing N N 255 
LEU N   H    sing N N 256 
LEU N   H2   sing N N 257 
LEU CA  C    sing N N 258 
LEU CA  CB   sing N N 259 
LEU CA  HA   sing N N 260 
LEU C   O    doub N N 261 
LEU C   OXT  sing N N 262 
LEU CB  CG   sing N N 263 
LEU CB  HB2  sing N N 264 
LEU CB  HB3  sing N N 265 
LEU CG  CD1  sing N N 266 
LEU CG  CD2  sing N N 267 
LEU CG  HG   sing N N 268 
LEU CD1 HD11 sing N N 269 
LEU CD1 HD12 sing N N 270 
LEU CD1 HD13 sing N N 271 
LEU CD2 HD21 sing N N 272 
LEU CD2 HD22 sing N N 273 
LEU CD2 HD23 sing N N 274 
LEU OXT HXT  sing N N 275 
LYS N   CA   sing N N 276 
LYS N   H    sing N N 277 
LYS N   H2   sing N N 278 
LYS CA  C    sing N N 279 
LYS CA  CB   sing N N 280 
LYS CA  HA   sing N N 281 
LYS C   O    doub N N 282 
LYS C   OXT  sing N N 283 
LYS CB  CG   sing N N 284 
LYS CB  HB2  sing N N 285 
LYS CB  HB3  sing N N 286 
LYS CG  CD   sing N N 287 
LYS CG  HG2  sing N N 288 
LYS CG  HG3  sing N N 289 
LYS CD  CE   sing N N 290 
LYS CD  HD2  sing N N 291 
LYS CD  HD3  sing N N 292 
LYS CE  NZ   sing N N 293 
LYS CE  HE2  sing N N 294 
LYS CE  HE3  sing N N 295 
LYS NZ  HZ1  sing N N 296 
LYS NZ  HZ2  sing N N 297 
LYS NZ  HZ3  sing N N 298 
LYS OXT HXT  sing N N 299 
MET N   CA   sing N N 300 
MET N   H    sing N N 301 
MET N   H2   sing N N 302 
MET CA  C    sing N N 303 
MET CA  CB   sing N N 304 
MET CA  HA   sing N N 305 
MET C   O    doub N N 306 
MET C   OXT  sing N N 307 
MET CB  CG   sing N N 308 
MET CB  HB2  sing N N 309 
MET CB  HB3  sing N N 310 
MET CG  SD   sing N N 311 
MET CG  HG2  sing N N 312 
MET CG  HG3  sing N N 313 
MET SD  CE   sing N N 314 
MET CE  HE1  sing N N 315 
MET CE  HE2  sing N N 316 
MET CE  HE3  sing N N 317 
MET OXT HXT  sing N N 318 
PHE N   CA   sing N N 319 
PHE N   H    sing N N 320 
PHE N   H2   sing N N 321 
PHE CA  C    sing N N 322 
PHE CA  CB   sing N N 323 
PHE CA  HA   sing N N 324 
PHE C   O    doub N N 325 
PHE C   OXT  sing N N 326 
PHE CB  CG   sing N N 327 
PHE CB  HB2  sing N N 328 
PHE CB  HB3  sing N N 329 
PHE CG  CD1  doub Y N 330 
PHE CG  CD2  sing Y N 331 
PHE CD1 CE1  sing Y N 332 
PHE CD1 HD1  sing N N 333 
PHE CD2 CE2  doub Y N 334 
PHE CD2 HD2  sing N N 335 
PHE CE1 CZ   doub Y N 336 
PHE CE1 HE1  sing N N 337 
PHE CE2 CZ   sing Y N 338 
PHE CE2 HE2  sing N N 339 
PHE CZ  HZ   sing N N 340 
PHE OXT HXT  sing N N 341 
PRO N   CA   sing N N 342 
PRO N   CD   sing N N 343 
PRO N   H    sing N N 344 
PRO CA  C    sing N N 345 
PRO CA  CB   sing N N 346 
PRO CA  HA   sing N N 347 
PRO C   O    doub N N 348 
PRO C   OXT  sing N N 349 
PRO CB  CG   sing N N 350 
PRO CB  HB2  sing N N 351 
PRO CB  HB3  sing N N 352 
PRO CG  CD   sing N N 353 
PRO CG  HG2  sing N N 354 
PRO CG  HG3  sing N N 355 
PRO CD  HD2  sing N N 356 
PRO CD  HD3  sing N N 357 
PRO OXT HXT  sing N N 358 
SER N   CA   sing N N 359 
SER N   H    sing N N 360 
SER N   H2   sing N N 361 
SER CA  C    sing N N 362 
SER CA  CB   sing N N 363 
SER CA  HA   sing N N 364 
SER C   O    doub N N 365 
SER C   OXT  sing N N 366 
SER CB  OG   sing N N 367 
SER CB  HB2  sing N N 368 
SER CB  HB3  sing N N 369 
SER OG  HG   sing N N 370 
SER OXT HXT  sing N N 371 
THR N   CA   sing N N 372 
THR N   H    sing N N 373 
THR N   H2   sing N N 374 
THR CA  C    sing N N 375 
THR CA  CB   sing N N 376 
THR CA  HA   sing N N 377 
THR C   O    doub N N 378 
THR C   OXT  sing N N 379 
THR CB  OG1  sing N N 380 
THR CB  CG2  sing N N 381 
THR CB  HB   sing N N 382 
THR OG1 HG1  sing N N 383 
THR CG2 HG21 sing N N 384 
THR CG2 HG22 sing N N 385 
THR CG2 HG23 sing N N 386 
THR OXT HXT  sing N N 387 
TYR N   CA   sing N N 388 
TYR N   H    sing N N 389 
TYR N   H2   sing N N 390 
TYR CA  C    sing N N 391 
TYR CA  CB   sing N N 392 
TYR CA  HA   sing N N 393 
TYR C   O    doub N N 394 
TYR C   OXT  sing N N 395 
TYR CB  CG   sing N N 396 
TYR CB  HB2  sing N N 397 
TYR CB  HB3  sing N N 398 
TYR CG  CD1  doub Y N 399 
TYR CG  CD2  sing Y N 400 
TYR CD1 CE1  sing Y N 401 
TYR CD1 HD1  sing N N 402 
TYR CD2 CE2  doub Y N 403 
TYR CD2 HD2  sing N N 404 
TYR CE1 CZ   doub Y N 405 
TYR CE1 HE1  sing N N 406 
TYR CE2 CZ   sing Y N 407 
TYR CE2 HE2  sing N N 408 
TYR CZ  OH   sing N N 409 
TYR OH  HH   sing N N 410 
TYR OXT HXT  sing N N 411 
VAL N   CA   sing N N 412 
VAL N   H    sing N N 413 
VAL N   H2   sing N N 414 
VAL CA  C    sing N N 415 
VAL CA  CB   sing N N 416 
VAL CA  HA   sing N N 417 
VAL C   O    doub N N 418 
VAL C   OXT  sing N N 419 
VAL CB  CG1  sing N N 420 
VAL CB  CG2  sing N N 421 
VAL CB  HB   sing N N 422 
VAL CG1 HG11 sing N N 423 
VAL CG1 HG12 sing N N 424 
VAL CG1 HG13 sing N N 425 
VAL CG2 HG21 sing N N 426 
VAL CG2 HG22 sing N N 427 
VAL CG2 HG23 sing N N 428 
VAL OXT HXT  sing N N 429 
# 
_atom_sites.entry_id                    3DE9 
_atom_sites.fract_transf_matrix[1][1]   0.01119600 
_atom_sites.fract_transf_matrix[1][2]   0.01902835 
_atom_sites.fract_transf_matrix[1][3]   -0.00493525 
_atom_sites.fract_transf_matrix[2][1]   0.02237632 
_atom_sites.fract_transf_matrix[2][2]   -0.00056955 
_atom_sites.fract_transf_matrix[2][3]   -0.00328271 
_atom_sites.fract_transf_matrix[3][1]   -0.00120748 
_atom_sites.fract_transf_matrix[3][2]   -0.00136295 
_atom_sites.fract_transf_matrix[3][3]   -0.00799425 
_atom_sites.fract_transf_vector[1]      -0.174902 
_atom_sites.fract_transf_vector[2]      -0.362961 
_atom_sites.fract_transf_vector[3]      0.006363 
# 
loop_
_atom_type.symbol 
C  
FE 
N  
NI 
O  
S  
# 
loop_
_atom_site.group_PDB 
_atom_site.id 
_atom_site.type_symbol 
_atom_site.label_atom_id 
_atom_site.label_alt_id 
_atom_site.label_comp_id 
_atom_site.label_asym_id 
_atom_site.label_entity_id 
_atom_site.label_seq_id 
_atom_site.pdbx_PDB_ins_code 
_atom_site.Cartn_x 
_atom_site.Cartn_y 
_atom_site.Cartn_z 
_atom_site.occupancy 
_atom_site.B_iso_or_equiv 
_atom_site.pdbx_formal_charge 
_atom_site.auth_seq_id 
_atom_site.auth_comp_id 
_atom_site.auth_asym_id 
_atom_site.auth_atom_id 
_atom_site.pdbx_PDB_model_num 
ATOM   1   N  N   . ALA A 1 1   ? 4.033   -13.160 4.448   1.00 36.59 ? 1   ALA A N   1 
ATOM   2   C  CA  . ALA A 1 1   ? 5.411   -12.644 4.331   1.00 36.94 ? 1   ALA A CA  1 
ATOM   3   C  C   . ALA A 1 1   ? 5.601   -11.680 5.460   1.00 36.50 ? 1   ALA A C   1 
ATOM   4   O  O   . ALA A 1 1   ? 4.646   -11.337 6.133   1.00 36.06 ? 1   ALA A O   1 
ATOM   5   C  CB  . ALA A 1 1   ? 5.630   -11.946 3.004   1.00 37.40 ? 1   ALA A CB  1 
ATOM   6   N  N   . ASP A 1 2   ? 6.849   -11.268 5.663   1.00 36.78 ? 2   ASP A N   1 
ATOM   7   C  CA  . ASP A 1 2   ? 7.241   -10.441 6.793   1.00 37.08 ? 2   ASP A CA  1 
ATOM   8   C  C   . ASP A 1 2   ? 6.920   -8.978  6.469   1.00 36.84 ? 2   ASP A C   1 
ATOM   9   O  O   . ASP A 1 2   ? 6.868   -8.608  5.292   1.00 36.69 ? 2   ASP A O   1 
ATOM   10  C  CB  . ASP A 1 2   ? 8.754   -10.578 7.012   1.00 37.95 ? 2   ASP A CB  1 
ATOM   11  C  CG  . ASP A 1 2   ? 9.546   -9.581  6.179   1.00 39.29 ? 2   ASP A CG  1 
ATOM   12  O  OD1 . ASP A 1 2   ? 9.235   -8.382  6.309   1.00 46.39 ? 2   ASP A OD1 1 
ATOM   13  O  OD2 . ASP A 1 2   ? 10.433  -9.939  5.372   1.00 37.86 ? 2   ASP A OD2 1 
ATOM   14  N  N   . LEU A 1 3   ? 6.743   -8.157  7.510   1.00 36.04 ? 3   LEU A N   1 
ATOM   15  C  CA  . LEU A 1 3   ? 6.391   -6.766  7.337   1.00 36.08 ? 3   LEU A CA  1 
ATOM   16  C  C   . LEU A 1 3   ? 7.350   -6.127  6.331   1.00 36.22 ? 3   LEU A C   1 
ATOM   17  O  O   . LEU A 1 3   ? 6.943   -5.539  5.315   1.00 34.35 ? 3   LEU A O   1 
ATOM   18  C  CB  . LEU A 1 3   ? 6.381   -6.049  8.692   1.00 35.22 ? 3   LEU A CB  1 
ATOM   19  C  CG  . LEU A 1 3   ? 5.940   -4.579  8.765   1.00 35.41 ? 3   LEU A CG  1 
ATOM   20  C  CD1 . LEU A 1 3   ? 5.676   -4.160  10.176  1.00 33.17 ? 3   LEU A CD1 1 
ATOM   21  C  CD2 . LEU A 1 3   ? 6.958   -3.677  8.187   1.00 35.99 ? 3   LEU A CD2 1 
ATOM   22  N  N   . GLU A 1 4   ? 8.640   -6.345  6.560   1.00 36.08 ? 4   GLU A N   1 
ATOM   23  C  CA  . GLU A 1 4   ? 9.687   -5.702  5.769   1.00 36.68 ? 4   GLU A CA  1 
ATOM   24  C  C   . GLU A 1 4   ? 9.695   -6.130  4.248   1.00 35.82 ? 4   GLU A C   1 
ATOM   25  O  O   . GLU A 1 4   ? 9.841   -5.303  3.352   1.00 35.17 ? 4   GLU A O   1 
ATOM   26  C  CB  . GLU A 1 4   ? 11.031  -5.903  6.536   1.00 37.99 ? 4   GLU A CB  1 
ATOM   27  C  CG  . GLU A 1 4   ? 10.992  -5.332  8.050   1.00 39.72 ? 4   GLU A CG  1 
ATOM   28  C  CD  . GLU A 1 4   ? 10.239  -6.217  9.115   1.00 42.63 ? 4   GLU A CD  1 
ATOM   29  O  OE1 . GLU A 1 4   ? 10.009  -7.407  8.850   1.00 43.05 ? 4   GLU A OE1 1 
ATOM   30  O  OE2 . GLU A 1 4   ? 9.890   -5.735  10.240  1.00 41.14 ? 4   GLU A OE2 1 
ATOM   31  N  N   . ASP A 1 5   ? 9.455   -7.394  3.929   1.00 35.71 ? 5   ASP A N   1 
ATOM   32  C  CA  . ASP A 1 5   ? 9.349   -7.784  2.497   1.00 35.98 ? 5   ASP A CA  1 
ATOM   33  C  C   . ASP A 1 5   ? 8.067   -7.233  1.829   1.00 34.55 ? 5   ASP A C   1 
ATOM   34  O  O   . ASP A 1 5   ? 8.041   -6.962  0.644   1.00 33.65 ? 5   ASP A O   1 
ATOM   35  C  CB  . ASP A 1 5   ? 9.351   -9.305  2.341   1.00 37.26 ? 5   ASP A CB  1 
ATOM   36  C  CG  . ASP A 1 5   ? 10.707  -9.841  1.901   1.00 42.23 ? 5   ASP A CG  1 
ATOM   37  O  OD1 . ASP A 1 5   ? 11.085  -9.598  0.717   1.00 47.54 ? 5   ASP A OD1 1 
ATOM   38  O  OD2 . ASP A 1 5   ? 11.379  -10.496 2.739   1.00 46.39 ? 5   ASP A OD2 1 
ATOM   39  N  N   . ASN A 1 6   ? 7.012   -7.116  2.609   1.00 33.31 ? 6   ASN A N   1 
ATOM   40  C  CA  . ASN A 1 6   ? 5.760   -6.548  2.112   1.00 32.96 ? 6   ASN A CA  1 
ATOM   41  C  C   . ASN A 1 6   ? 5.979   -5.060  1.785   1.00 31.54 ? 6   ASN A C   1 
ATOM   42  O  O   . ASN A 1 6   ? 5.475   -4.532  0.790   1.00 30.71 ? 6   ASN A O   1 
ATOM   43  C  CB  . ASN A 1 6   ? 4.656   -6.762  3.140   1.00 31.41 ? 6   ASN A CB  1 
ATOM   44  C  CG  . ASN A 1 6   ? 4.125   -8.184  3.146   1.00 32.22 ? 6   ASN A CG  1 
ATOM   45  O  OD1 . ASN A 1 6   ? 3.968   -8.813  2.093   1.00 29.50 ? 6   ASN A OD1 1 
ATOM   46  N  ND2 . ASN A 1 6   ? 3.790   -8.687  4.345   1.00 30.30 ? 6   ASN A ND2 1 
ATOM   47  N  N   . MET A 1 7   ? 6.790   -4.407  2.591   1.00 31.01 ? 7   MET A N   1 
ATOM   48  C  CA  . MET A 1 7   ? 7.131   -2.999  2.357   1.00 31.50 ? 7   MET A CA  1 
ATOM   49  C  C   . MET A 1 7   ? 8.016   -2.787  1.157   1.00 31.91 ? 7   MET A C   1 
ATOM   50  O  O   . MET A 1 7   ? 7.917   -1.764  0.469   1.00 31.69 ? 7   MET A O   1 
ATOM   51  C  CB  . MET A 1 7   ? 7.740   -2.419  3.600   1.00 30.95 ? 7   MET A CB  1 
ATOM   52  C  CG  . MET A 1 7   ? 6.684   -2.311  4.717   1.00 31.12 ? 7   MET A CG  1 
ATOM   53  S  SD  . MET A 1 7   ? 5.511   -1.037  4.245   1.00 27.45 ? 7   MET A SD  1 
ATOM   54  C  CE  . MET A 1 7   ? 4.062   -1.552  5.166   1.00 29.07 ? 7   MET A CE  1 
ATOM   55  N  N   . GLU A 1 8   ? 8.823   -3.800  0.855   1.00 32.64 ? 8   GLU A N   1 
ATOM   56  C  CA  . GLU A 1 8   ? 9.598   -3.843  -0.365  1.00 32.99 ? 8   GLU A CA  1 
ATOM   57  C  C   . GLU A 1 8   ? 8.725   -4.169  -1.585  1.00 32.35 ? 8   GLU A C   1 
ATOM   58  O  O   . GLU A 1 8   ? 8.955   -3.624  -2.678  1.00 32.24 ? 8   GLU A O   1 
ATOM   59  C  CB  . GLU A 1 8   ? 10.693  -4.884  -0.161  1.00 33.23 ? 8   GLU A CB  1 
ATOM   60  C  CG  . GLU A 1 8   ? 11.528  -5.225  -1.348  1.00 35.64 ? 8   GLU A CG  1 
ATOM   61  C  CD  . GLU A 1 8   ? 12.714  -6.067  -0.920  1.00 36.81 ? 8   GLU A CD  1 
ATOM   62  O  OE1 . GLU A 1 8   ? 12.528  -6.954  -0.049  1.00 45.15 ? 8   GLU A OE1 1 
ATOM   63  O  OE2 . GLU A 1 8   ? 13.828  -5.828  -1.418  1.00 44.82 ? 8   GLU A OE2 1 
ATOM   64  N  N   . THR A 1 9   ? 7.768   -5.089  -1.418  1.00 31.66 ? 9   THR A N   1 
ATOM   65  C  CA  . THR A 1 9   ? 6.710   -5.311  -2.417  1.00 32.05 ? 9   THR A CA  1 
ATOM   66  C  C   . THR A 1 9   ? 5.927   -3.984  -2.690  1.00 31.75 ? 9   THR A C   1 
ATOM   67  O  O   . THR A 1 9   ? 5.819   -3.555  -3.835  1.00 33.23 ? 9   THR A O   1 
ATOM   68  C  CB  . THR A 1 9   ? 5.745   -6.472  -1.993  1.00 31.70 ? 9   THR A CB  1 
ATOM   69  O  OG1 . THR A 1 9   ? 6.472   -7.713  -1.886  1.00 31.07 ? 9   THR A OG1 1 
ATOM   70  C  CG2 . THR A 1 9   ? 4.606   -6.700  -3.025  1.00 31.66 ? 9   THR A CG2 1 
ATOM   71  N  N   . LEU A 1 10  ? 5.396   -3.333  -1.655  1.00 31.93 ? 10  LEU A N   1 
ATOM   72  C  CA  . LEU A 1 10  ? 4.777   -2.012  -1.830  1.00 31.56 ? 10  LEU A CA  1 
ATOM   73  C  C   . LEU A 1 10  ? 5.728   -1.079  -2.578  1.00 31.57 ? 10  LEU A C   1 
ATOM   74  O  O   . LEU A 1 10  ? 5.359   -0.496  -3.583  1.00 29.82 ? 10  LEU A O   1 
ATOM   75  C  CB  . LEU A 1 10  ? 4.413   -1.370  -0.492  1.00 31.44 ? 10  LEU A CB  1 
ATOM   76  C  CG  . LEU A 1 10  ? 2.980   -1.390  0.059   1.00 31.59 ? 10  LEU A CG  1 
ATOM   77  C  CD1 . LEU A 1 10  ? 1.974   -2.273  -0.705  1.00 24.99 ? 10  LEU A CD1 1 
ATOM   78  C  CD2 . LEU A 1 10  ? 3.037   -1.739  1.525   1.00 29.50 ? 10  LEU A CD2 1 
ATOM   79  N  N   . ASN A 1 11  ? 6.968   -0.955  -2.089  1.00 33.53 ? 11  ASN A N   1 
ATOM   80  C  CA  . ASN A 1 11  ? 7.904   0.000   -2.681  1.00 33.84 ? 11  ASN A CA  1 
ATOM   81  C  C   . ASN A 1 11  ? 8.232   -0.342  -4.128  1.00 34.21 ? 11  ASN A C   1 
ATOM   82  O  O   . ASN A 1 11  ? 8.052   0.468   -4.993  1.00 34.93 ? 11  ASN A O   1 
ATOM   83  C  CB  . ASN A 1 11  ? 9.182   0.182   -1.849  1.00 34.51 ? 11  ASN A CB  1 
ATOM   84  C  CG  . ASN A 1 11  ? 9.981   1.400   -2.303  1.00 35.13 ? 11  ASN A CG  1 
ATOM   85  O  OD1 . ASN A 1 11  ? 9.391   2.392   -2.718  1.00 39.30 ? 11  ASN A OD1 1 
ATOM   86  N  ND2 . ASN A 1 11  ? 11.315  1.305   -2.297  1.00 37.08 ? 11  ASN A ND2 1 
ATOM   87  N  N   . ASP A 1 12  ? 8.638   -1.571  -4.393  1.00 35.54 ? 12  ASP A N   1 
ATOM   88  C  CA  . ASP A 1 12  ? 8.921   -2.023  -5.763  1.00 35.13 ? 12  ASP A CA  1 
ATOM   89  C  C   . ASP A 1 12  ? 7.807   -1.824  -6.804  1.00 35.54 ? 12  ASP A C   1 
ATOM   90  O  O   . ASP A 1 12  ? 8.025   -1.264  -7.895  1.00 34.91 ? 12  ASP A O   1 
ATOM   91  C  CB  . ASP A 1 12  ? 9.301   -3.512  -5.734  1.00 36.36 ? 12  ASP A CB  1 
ATOM   92  C  CG  . ASP A 1 12  ? 10.738  -3.760  -5.202  1.00 36.79 ? 12  ASP A CG  1 
ATOM   93  O  OD1 . ASP A 1 12  ? 11.189  -4.926  -5.323  1.00 36.13 ? 12  ASP A OD1 1 
ATOM   94  O  OD2 . ASP A 1 12  ? 11.380  -2.818  -4.662  1.00 39.08 ? 12  ASP A OD2 1 
ATOM   95  N  N   . ASN A 1 13  ? 6.621   -2.319  -6.502  1.00 34.39 ? 13  ASN A N   1 
ATOM   96  C  CA  . ASN A 1 13  ? 5.512   -2.170  -7.426  1.00 34.72 ? 13  ASN A CA  1 
ATOM   97  C  C   . ASN A 1 13  ? 5.131   -0.746  -7.765  1.00 34.76 ? 13  ASN A C   1 
ATOM   98  O  O   . ASN A 1 13  ? 4.648   -0.497  -8.846  1.00 34.12 ? 13  ASN A O   1 
ATOM   99  C  CB  . ASN A 1 13  ? 4.331   -2.992  -6.925  1.00 33.90 ? 13  ASN A CB  1 
ATOM   100 C  CG  . ASN A 1 13  ? 4.572   -4.466  -7.126  1.00 32.15 ? 13  ASN A CG  1 
ATOM   101 O  OD1 . ASN A 1 13  ? 4.908   -5.228  -6.194  1.00 33.32 ? 13  ASN A OD1 1 
ATOM   102 N  ND2 . ASN A 1 13  ? 4.489   -4.858  -8.353  1.00 22.89 ? 13  ASN A ND2 1 
ATOM   103 N  N   . LEU A 1 14  ? 5.403   0.158   -6.834  1.00 35.57 ? 14  LEU A N   1 
ATOM   104 C  CA  . LEU A 1 14  ? 5.290   1.598   -7.013  1.00 36.45 ? 14  LEU A CA  1 
ATOM   105 C  C   . LEU A 1 14  ? 6.202   2.107   -8.125  1.00 37.15 ? 14  LEU A C   1 
ATOM   106 O  O   . LEU A 1 14  ? 5.804   2.934   -8.917  1.00 37.36 ? 14  LEU A O   1 
ATOM   107 C  CB  . LEU A 1 14  ? 5.674   2.271   -5.703  1.00 37.04 ? 14  LEU A CB  1 
ATOM   108 C  CG  . LEU A 1 14  ? 4.839   3.425   -5.156  1.00 38.08 ? 14  LEU A CG  1 
ATOM   109 C  CD1 . LEU A 1 14  ? 3.356   3.119   -5.188  1.00 37.46 ? 14  LEU A CD1 1 
ATOM   110 C  CD2 . LEU A 1 14  ? 5.333   3.706   -3.753  1.00 36.58 ? 14  LEU A CD2 1 
ATOM   111 N  N   . LYS A 1 15  ? 7.427   1.604   -8.176  1.00 37.35 ? 15  LYS A N   1 
ATOM   112 C  CA  . LYS A 1 15  ? 8.357   1.962   -9.255  1.00 37.56 ? 15  LYS A CA  1 
ATOM   113 C  C   . LYS A 1 15  ? 7.866   1.354   -10.575 1.00 37.25 ? 15  LYS A C   1 
ATOM   114 O  O   . LYS A 1 15  ? 7.944   1.979   -11.623 1.00 37.44 ? 15  LYS A O   1 
ATOM   115 C  CB  . LYS A 1 15  ? 9.765   1.413   -8.949  1.00 36.96 ? 15  LYS A CB  1 
ATOM   116 C  CG  . LYS A 1 15  ? 10.393  1.937   -7.699  1.00 38.02 ? 15  LYS A CG  1 
ATOM   117 C  CD  . LYS A 1 15  ? 11.306  0.872   -7.091  1.00 37.94 ? 15  LYS A CD  1 
ATOM   118 C  CE  . LYS A 1 15  ? 12.308  1.437   -6.085  1.00 38.29 ? 15  LYS A CE  1 
ATOM   119 N  NZ  . LYS A 1 15  ? 13.095  0.280   -5.437  1.00 38.91 ? 15  LYS A NZ  1 
ATOM   120 N  N   . VAL A 1 16  ? 7.420   0.105   -10.522 1.00 36.64 ? 16  VAL A N   1 
ATOM   121 C  CA  . VAL A 1 16  ? 6.841   -0.562  -11.710 1.00 37.25 ? 16  VAL A CA  1 
ATOM   122 C  C   . VAL A 1 16  ? 5.719   0.252   -12.411 1.00 37.42 ? 16  VAL A C   1 
ATOM   123 O  O   . VAL A 1 16  ? 5.585   0.211   -13.629 1.00 36.19 ? 16  VAL A O   1 
ATOM   124 C  CB  . VAL A 1 16  ? 6.285   -1.942  -11.324 1.00 36.41 ? 16  VAL A CB  1 
ATOM   125 C  CG1 . VAL A 1 16  ? 5.454   -2.566  -12.454 1.00 37.18 ? 16  VAL A CG1 1 
ATOM   126 C  CG2 . VAL A 1 16  ? 7.393   -2.827  -10.967 1.00 37.30 ? 16  VAL A CG2 1 
ATOM   127 N  N   . ILE A 1 17  ? 4.884   0.921   -11.606 1.00 37.55 ? 17  ILE A N   1 
ATOM   128 C  CA  . ILE A 1 17  ? 3.716   1.673   -12.088 1.00 38.51 ? 17  ILE A CA  1 
ATOM   129 C  C   . ILE A 1 17  ? 4.190   2.970   -12.718 1.00 38.97 ? 17  ILE A C   1 
ATOM   130 O  O   . ILE A 1 17  ? 3.764   3.341   -13.800 1.00 38.65 ? 17  ILE A O   1 
ATOM   131 C  CB  . ILE A 1 17  ? 2.751   2.043   -10.875 1.00 37.69 ? 17  ILE A CB  1 
ATOM   132 C  CG1 . ILE A 1 17  ? 2.102   0.794   -10.276 1.00 37.40 ? 17  ILE A CG1 1 
ATOM   133 C  CG2 . ILE A 1 17  ? 1.713   3.109   -11.242 1.00 36.47 ? 17  ILE A CG2 1 
ATOM   134 C  CD1 . ILE A 1 17  ? 1.709   -0.180  -11.296 1.00 37.89 ? 17  ILE A CD1 1 
ATOM   135 N  N   . GLU A 1 18  ? 5.042   3.687   -11.999 1.00 40.55 ? 18  GLU A N   1 
ATOM   136 C  CA  . GLU A 1 18  ? 5.415   5.035   -12.383 1.00 42.41 ? 18  GLU A CA  1 
ATOM   137 C  C   . GLU A 1 18  ? 6.224   5.049   -13.711 1.00 43.04 ? 18  GLU A C   1 
ATOM   138 O  O   . GLU A 1 18  ? 6.287   6.089   -14.419 1.00 43.62 ? 18  GLU A O   1 
ATOM   139 C  CB  . GLU A 1 18  ? 6.066   5.721   -11.162 1.00 43.61 ? 18  GLU A CB  1 
ATOM   140 C  CG  . GLU A 1 18  ? 4.999   5.759   -9.986  1.00 45.36 ? 18  GLU A CG  1 
ATOM   141 C  CD  . GLU A 1 18  ? 5.474   6.126   -8.564  1.00 46.01 ? 18  GLU A CD  1 
ATOM   142 O  OE1 . GLU A 1 18  ? 6.691   6.136   -8.219  1.00 50.04 ? 18  GLU A OE1 1 
ATOM   143 O  OE2 . GLU A 1 18  ? 4.554   6.389   -7.751  1.00 49.41 ? 18  GLU A OE2 1 
ATOM   144 N  N   . LYS A 1 19  ? 6.760   3.874   -14.060 1.00 43.28 ? 19  LYS A N   1 
ATOM   145 C  CA  . LYS A 1 19  ? 7.440   3.600   -15.324 1.00 44.20 ? 19  LYS A CA  1 
ATOM   146 C  C   . LYS A 1 19  ? 6.663   2.689   -16.274 1.00 44.17 ? 19  LYS A C   1 
ATOM   147 O  O   . LYS A 1 19  ? 7.242   2.279   -17.266 1.00 44.67 ? 19  LYS A O   1 
ATOM   148 C  CB  . LYS A 1 19  ? 8.797   2.890   -15.069 1.00 44.83 ? 19  LYS A CB  1 
ATOM   149 C  CG  . LYS A 1 19  ? 9.934   3.746   -14.437 1.00 46.05 ? 19  LYS A CG  1 
ATOM   150 C  CD  . LYS A 1 19  ? 11.110  2.852   -13.925 1.00 45.86 ? 19  LYS A CD  1 
ATOM   151 C  CE  . LYS A 1 19  ? 12.214  3.675   -13.126 1.00 47.43 ? 19  LYS A CE  1 
ATOM   152 N  NZ  . LYS A 1 19  ? 13.466  4.052   -13.913 1.00 45.26 ? 19  LYS A NZ  1 
ATOM   153 N  N   . ALA A 1 20  ? 5.383   2.370   -16.023 1.00 43.82 ? 20  ALA A N   1 
ATOM   154 C  CA  . ALA A 1 20  ? 4.681   1.339   -16.851 1.00 43.68 ? 20  ALA A CA  1 
ATOM   155 C  C   . ALA A 1 20  ? 4.328   1.829   -18.259 1.00 43.14 ? 20  ALA A C   1 
ATOM   156 O  O   . ALA A 1 20  ? 4.121   3.034   -18.476 1.00 42.64 ? 20  ALA A O   1 
ATOM   157 C  CB  . ALA A 1 20  ? 3.406   0.790   -16.137 1.00 43.62 ? 20  ALA A CB  1 
ATOM   158 N  N   . ASP A 1 21  ? 4.289   0.893   -19.216 1.00 43.13 ? 21  ASP A N   1 
ATOM   159 C  CA  . ASP A 1 21  ? 3.846   1.201   -20.601 1.00 42.91 ? 21  ASP A CA  1 
ATOM   160 C  C   . ASP A 1 21  ? 2.314   1.204   -20.659 1.00 42.31 ? 21  ASP A C   1 
ATOM   161 O  O   . ASP A 1 21  ? 1.704   2.081   -21.292 1.00 42.70 ? 21  ASP A O   1 
ATOM   162 C  CB  . ASP A 1 21  ? 4.318   0.151   -21.645 1.00 43.44 ? 21  ASP A CB  1 
ATOM   163 C  CG  . ASP A 1 21  ? 5.825   0.149   -21.889 1.00 46.17 ? 21  ASP A CG  1 
ATOM   164 O  OD1 . ASP A 1 21  ? 6.372   -0.975  -21.956 1.00 48.36 ? 21  ASP A OD1 1 
ATOM   165 O  OD2 . ASP A 1 21  ? 6.462   1.234   -22.044 1.00 48.85 ? 21  ASP A OD2 1 
ATOM   166 N  N   . ASN A 1 22  ? 1.718   0.199   -20.014 1.00 40.68 ? 22  ASN A N   1 
ATOM   167 C  CA  . ASN A 1 22  ? 0.337   -0.165  -20.255 1.00 39.87 ? 22  ASN A CA  1 
ATOM   168 C  C   . ASN A 1 22  ? -0.441  -0.565  -19.004 1.00 38.84 ? 22  ASN A C   1 
ATOM   169 O  O   . ASN A 1 22  ? 0.139   -0.773  -17.926 1.00 37.17 ? 22  ASN A O   1 
ATOM   170 C  CB  . ASN A 1 22  ? 0.271   -1.316  -21.287 1.00 40.34 ? 22  ASN A CB  1 
ATOM   171 C  CG  . ASN A 1 22  ? 1.051   -2.568  -20.864 1.00 41.68 ? 22  ASN A CG  1 
ATOM   172 O  OD1 . ASN A 1 22  ? 0.590   -3.390  -20.068 1.00 40.70 ? 22  ASN A OD1 1 
ATOM   173 N  ND2 . ASN A 1 22  ? 2.210   -2.755  -21.470 1.00 46.53 ? 22  ASN A ND2 1 
ATOM   174 N  N   . ALA A 1 23  ? -1.760  -0.672  -19.210 1.00 37.56 ? 23  ALA A N   1 
ATOM   175 C  CA  . ALA A 1 23  ? -2.771  -1.005  -18.210 1.00 36.76 ? 23  ALA A CA  1 
ATOM   176 C  C   . ALA A 1 23  ? -2.500  -2.333  -17.510 1.00 35.61 ? 23  ALA A C   1 
ATOM   177 O  O   . ALA A 1 23  ? -2.556  -2.377  -16.295 1.00 34.87 ? 23  ALA A O   1 
ATOM   178 C  CB  . ALA A 1 23  ? -4.161  -1.024  -18.847 1.00 36.23 ? 23  ALA A CB  1 
ATOM   179 N  N   . ALA A 1 24  ? -2.172  -3.395  -18.245 1.00 34.57 ? 24  ALA A N   1 
ATOM   180 C  CA  . ALA A 1 24  ? -1.922  -4.690  -17.598 1.00 34.37 ? 24  ALA A CA  1 
ATOM   181 C  C   . ALA A 1 24  ? -0.747  -4.642  -16.617 1.00 34.55 ? 24  ALA A C   1 
ATOM   182 O  O   . ALA A 1 24  ? -0.764  -5.303  -15.572 1.00 34.98 ? 24  ALA A O   1 
ATOM   183 C  CB  . ALA A 1 24  ? -1.699  -5.778  -18.614 1.00 35.08 ? 24  ALA A CB  1 
ATOM   184 N  N   . GLN A 1 25  ? 0.278   -3.861  -16.938 1.00 33.59 ? 25  GLN A N   1 
ATOM   185 C  CA  . GLN A 1 25  ? 1.393   -3.706  -16.023 1.00 33.05 ? 25  GLN A CA  1 
ATOM   186 C  C   . GLN A 1 25  ? 0.933   -3.003  -14.748 1.00 30.95 ? 25  GLN A C   1 
ATOM   187 O  O   . GLN A 1 25  ? 1.188   -3.469  -13.651 1.00 29.16 ? 25  GLN A O   1 
ATOM   188 C  CB  . GLN A 1 25  ? 2.520   -2.961  -16.713 1.00 33.33 ? 25  GLN A CB  1 
ATOM   189 C  CG  . GLN A 1 25  ? 3.239   -3.862  -17.687 1.00 35.42 ? 25  GLN A CG  1 
ATOM   190 C  CD  . GLN A 1 25  ? 3.851   -3.117  -18.850 1.00 34.61 ? 25  GLN A CD  1 
ATOM   191 O  OE1 . GLN A 1 25  ? 3.803   -1.884  -18.919 1.00 35.46 ? 25  GLN A OE1 1 
ATOM   192 N  NE2 . GLN A 1 25  ? 4.444   -3.873  -19.773 1.00 38.04 ? 25  GLN A NE2 1 
ATOM   193 N  N   . VAL A 1 26  ? 0.211   -1.906  -14.910 1.00 30.55 ? 26  VAL A N   1 
ATOM   194 C  CA  . VAL A 1 26  ? -0.417  -1.240  -13.763 1.00 30.21 ? 26  VAL A CA  1 
ATOM   195 C  C   . VAL A 1 26  ? -1.369  -2.188  -12.939 1.00 29.55 ? 26  VAL A C   1 
ATOM   196 O  O   . VAL A 1 26  ? -1.224  -2.313  -11.726 1.00 27.16 ? 26  VAL A O   1 
ATOM   197 C  CB  . VAL A 1 26  ? -1.036  0.079   -14.223 1.00 30.32 ? 26  VAL A CB  1 
ATOM   198 C  CG1 . VAL A 1 26  ? -1.728  0.865   -13.084 1.00 29.77 ? 26  VAL A CG1 1 
ATOM   199 C  CG2 . VAL A 1 26  ? 0.057   0.978   -14.864 1.00 31.24 ? 26  VAL A CG2 1 
ATOM   200 N  N   . LYS A 1 27  ? -2.311  -2.872  -13.595 1.00 29.41 ? 27  LYS A N   1 
ATOM   201 C  CA  . LYS A 1 27  ? -3.298  -3.715  -12.863 1.00 29.43 ? 27  LYS A CA  1 
ATOM   202 C  C   . LYS A 1 27  ? -2.587  -4.763  -12.022 1.00 28.20 ? 27  LYS A C   1 
ATOM   203 O  O   . LYS A 1 27  ? -2.887  -4.970  -10.848 1.00 26.12 ? 27  LYS A O   1 
ATOM   204 C  CB  . LYS A 1 27  ? -4.289  -4.384  -13.833 1.00 29.76 ? 27  LYS A CB  1 
ATOM   205 C  CG  . LYS A 1 27  ? -5.214  -3.403  -14.545 1.00 32.16 ? 27  LYS A CG  1 
ATOM   206 C  CD  . LYS A 1 27  ? -6.031  -4.012  -15.753 1.00 33.69 ? 27  LYS A CD  1 
ATOM   207 C  CE  . LYS A 1 27  ? -6.700  -5.307  -15.422 1.00 36.81 ? 27  LYS A CE  1 
ATOM   208 N  NZ  . LYS A 1 27  ? -7.631  -5.815  -16.536 1.00 38.77 ? 27  LYS A NZ  1 
ATOM   209 N  N   . ASP A 1 28  ? -1.594  -5.412  -12.637 1.00 27.93 ? 28  ASP A N   1 
ATOM   210 C  CA  . ASP A 1 28  ? -0.745  -6.411  -11.969 1.00 27.71 ? 28  ASP A CA  1 
ATOM   211 C  C   . ASP A 1 28  ? -0.020  -5.903  -10.730 1.00 26.55 ? 28  ASP A C   1 
ATOM   212 O  O   . ASP A 1 28  ? 0.014   -6.553  -9.683  1.00 25.70 ? 28  ASP A O   1 
ATOM   213 C  CB  . ASP A 1 28  ? 0.326   -6.896  -12.968 1.00 29.45 ? 28  ASP A CB  1 
ATOM   214 C  CG  . ASP A 1 28  ? 0.971   -8.141  -12.511 1.00 31.26 ? 28  ASP A CG  1 
ATOM   215 O  OD1 . ASP A 1 28  ? 2.184   -8.108  -12.213 1.00 33.93 ? 28  ASP A OD1 1 
ATOM   216 O  OD2 . ASP A 1 28  ? 0.193   -9.133  -12.397 1.00 37.57 ? 28  ASP A OD2 1 
ATOM   217 N  N   . ALA A 1 29  ? 0.599   -4.739  -10.840 1.00 26.14 ? 29  ALA A N   1 
ATOM   218 C  CA  . ALA A 1 29  ? 1.340   -4.183  -9.689  1.00 26.13 ? 29  ALA A CA  1 
ATOM   219 C  C   . ALA A 1 29  ? 0.361   -3.810  -8.594  1.00 25.27 ? 29  ALA A C   1 
ATOM   220 O  O   . ALA A 1 29  ? 0.598   -4.138  -7.459  1.00 25.71 ? 29  ALA A O   1 
ATOM   221 C  CB  . ALA A 1 29  ? 2.202   -3.016  -10.066 1.00 24.73 ? 29  ALA A CB  1 
ATOM   222 N  N   . LEU A 1 30  ? -0.747  -3.158  -8.944  1.00 25.74 ? 30  LEU A N   1 
ATOM   223 C  CA  . LEU A 1 30  ? -1.776  -2.786  -7.948  1.00 25.70 ? 30  LEU A CA  1 
ATOM   224 C  C   . LEU A 1 30  ? -2.314  -4.032  -7.244  1.00 25.98 ? 30  LEU A C   1 
ATOM   225 O  O   . LEU A 1 30  ? -2.492  -4.041  -6.004  1.00 25.82 ? 30  LEU A O   1 
ATOM   226 C  CB  . LEU A 1 30  ? -2.890  -1.936  -8.578  1.00 25.33 ? 30  LEU A CB  1 
ATOM   227 C  CG  . LEU A 1 30  ? -2.437  -0.549  -9.097  1.00 24.72 ? 30  LEU A CG  1 
ATOM   228 C  CD1 . LEU A 1 30  ? -3.459  0.158   -10.100 1.00 24.80 ? 30  LEU A CD1 1 
ATOM   229 C  CD2 . LEU A 1 30  ? -2.053  0.419   -7.953  1.00 24.41 ? 30  LEU A CD2 1 
ATOM   230 N  N   . THR A 1 31  ? -2.559  -5.100  -8.012  1.00 25.89 ? 31  THR A N   1 
ATOM   231 C  CA  . THR A 1 31  ? -2.993  -6.373  -7.431  1.00 25.86 ? 31  THR A CA  1 
ATOM   232 C  C   . THR A 1 31  ? -2.005  -6.891  -6.361  1.00 25.33 ? 31  THR A C   1 
ATOM   233 O  O   . THR A 1 31  ? -2.381  -7.243  -5.227  1.00 24.41 ? 31  THR A O   1 
ATOM   234 C  CB  . THR A 1 31  ? -3.193  -7.420  -8.513  1.00 25.80 ? 31  THR A CB  1 
ATOM   235 O  OG1 . THR A 1 31  ? -4.189  -6.950  -9.428  1.00 24.13 ? 31  THR A OG1 1 
ATOM   236 C  CG2 . THR A 1 31  ? -3.609  -8.744  -7.914  1.00 25.94 ? 31  THR A CG2 1 
ATOM   237 N  N   . LYS A 1 32  ? -0.749  -6.895  -6.738  1.00 25.86 ? 32  LYS A N   1 
ATOM   238 C  CA  . LYS A 1 32  ? 0.330   -7.223  -5.834  1.00 26.33 ? 32  LYS A CA  1 
ATOM   239 C  C   . LYS A 1 32  ? 0.457   -6.255  -4.667  1.00 25.70 ? 32  LYS A C   1 
ATOM   240 O  O   . LYS A 1 32  ? 0.811   -6.647  -3.595  1.00 26.67 ? 32  LYS A O   1 
ATOM   241 C  CB  . LYS A 1 32  ? 1.665   -7.219  -6.576  1.00 27.84 ? 32  LYS A CB  1 
ATOM   242 C  CG  . LYS A 1 32  ? 1.918   -8.453  -7.403  1.00 28.81 ? 32  LYS A CG  1 
ATOM   243 C  CD  . LYS A 1 32  ? 2.861   -8.160  -8.493  1.00 27.39 ? 32  LYS A CD  1 
ATOM   244 C  CE  . LYS A 1 32  ? 3.116   -9.377  -9.369  1.00 32.94 ? 32  LYS A CE  1 
ATOM   245 N  NZ  . LYS A 1 32  ? 4.405   -9.168  -10.157 1.00 33.28 ? 32  LYS A NZ  1 
ATOM   246 N  N   . MET A 1 33  ? 0.214   -4.976  -4.860  1.00 25.09 ? 33  MET A N   1 
ATOM   247 C  CA  . MET A 1 33  ? 0.319   -4.050  -3.732  1.00 23.93 ? 33  MET A CA  1 
ATOM   248 C  C   . MET A 1 33  ? -0.800  -4.328  -2.768  1.00 23.91 ? 33  MET A C   1 
ATOM   249 O  O   . MET A 1 33  ? -0.603  -4.305  -1.550  1.00 22.80 ? 33  MET A O   1 
ATOM   250 C  CB  . MET A 1 33  ? 0.298   -2.606  -4.217  1.00 24.15 ? 33  MET A CB  1 
ATOM   251 C  CG  . MET A 1 33  ? 1.527   -2.269  -5.072  1.00 23.96 ? 33  MET A CG  1 
ATOM   252 S  SD  . MET A 1 33  ? 1.582   -0.580  -5.622  1.00 22.44 ? 33  MET A SD  1 
ATOM   253 C  CE  . MET A 1 33  ? 1.175   0.352   -4.199  1.00 25.51 ? 33  MET A CE  1 
ATOM   254 N  N   . ARG A 1 34  ? -1.985  -4.649  -3.295  1.00 24.26 ? 34  ARG A N   1 
ATOM   255 C  CA  . ARG A 1 34  ? -3.115  -4.961  -2.415  1.00 24.74 ? 34  ARG A CA  1 
ATOM   256 C  C   . ARG A 1 34  ? -2.811  -6.139  -1.502  1.00 24.30 ? 34  ARG A C   1 
ATOM   257 O  O   . ARG A 1 34  ? -3.042  -6.039  -0.280  1.00 25.85 ? 34  ARG A O   1 
ATOM   258 C  CB  . ARG A 1 34  ? -4.431  -5.186  -3.192  1.00 23.71 ? 34  ARG A CB  1 
ATOM   259 C  CG  . ARG A 1 34  ? -5.535  -5.651  -2.274  1.00 25.36 ? 34  ARG A CG  1 
ATOM   260 C  CD  . ARG A 1 34  ? -6.847  -5.967  -3.022  1.00 29.20 ? 34  ARG A CD  1 
ATOM   261 N  NE  . ARG A 1 34  ? -7.738  -6.783  -2.217  1.00 31.35 ? 34  ARG A NE  1 
ATOM   262 C  CZ  . ARG A 1 34  ? -8.678  -6.351  -1.378  1.00 36.78 ? 34  ARG A CZ  1 
ATOM   263 N  NH1 . ARG A 1 34  ? -9.428  -7.255  -0.732  1.00 38.90 ? 34  ARG A NH1 1 
ATOM   264 N  NH2 . ARG A 1 34  ? -8.906  -5.046  -1.181  1.00 39.90 ? 34  ARG A NH2 1 
ATOM   265 N  N   . ALA A 1 35  ? -2.336  -7.240  -2.092  1.00 23.98 ? 35  ALA A N   1 
ATOM   266 C  CA  . ALA A 1 35  ? -1.909  -8.425  -1.367  1.00 24.99 ? 35  ALA A CA  1 
ATOM   267 C  C   . ALA A 1 35  ? -0.929  -8.087  -0.264  1.00 24.25 ? 35  ALA A C   1 
ATOM   268 O  O   . ALA A 1 35  ? -1.114  -8.474  0.887   1.00 24.52 ? 35  ALA A O   1 
ATOM   269 C  CB  . ALA A 1 35  ? -1.263  -9.490  -2.363  1.00 25.72 ? 35  ALA A CB  1 
ATOM   270 N  N   . ALA A 1 36  ? 0.098   -7.317  -0.600  1.00 25.43 ? 36  ALA A N   1 
ATOM   271 C  CA  . ALA A 1 36  ? 1.178   -6.990  0.380   1.00 23.46 ? 36  ALA A CA  1 
ATOM   272 C  C   . ALA A 1 36  ? 0.660   -6.135  1.509   1.00 23.20 ? 36  ALA A C   1 
ATOM   273 O  O   . ALA A 1 36  ? 0.976   -6.368  2.673   1.00 22.57 ? 36  ALA A O   1 
ATOM   274 C  CB  . ALA A 1 36  ? 2.282   -6.320  -0.298  1.00 24.13 ? 36  ALA A CB  1 
ATOM   275 N  N   . ALA A 1 37  ? -0.140  -5.129  1.154   1.00 22.26 ? 37  ALA A N   1 
ATOM   276 C  CA  . ALA A 1 37  ? -0.812  -4.257  2.094   1.00 22.01 ? 37  ALA A CA  1 
ATOM   277 C  C   . ALA A 1 37  ? -1.583  -5.036  3.158   1.00 22.00 ? 37  ALA A C   1 
ATOM   278 O  O   . ALA A 1 37  ? -1.527  -4.744  4.386   1.00 19.21 ? 37  ALA A O   1 
ATOM   279 C  CB  . ALA A 1 37  ? -1.832  -3.376  1.285   1.00 22.62 ? 37  ALA A CB  1 
ATOM   280 N  N   . LEU A 1 38  ? -2.405  -5.940  2.644   1.00 21.46 ? 38  LEU A N   1 
ATOM   281 C  CA  . LEU A 1 38  ? -3.254  -6.780  3.463   1.00 23.59 ? 38  LEU A CA  1 
ATOM   282 C  C   . LEU A 1 38  ? -2.454  -7.723  4.366   1.00 23.46 ? 38  LEU A C   1 
ATOM   283 O  O   . LEU A 1 38  ? -2.796  -7.938  5.505   1.00 24.59 ? 38  LEU A O   1 
ATOM   284 C  CB  . LEU A 1 38  ? -4.207  -7.562  2.578   1.00 23.53 ? 38  LEU A CB  1 
ATOM   285 C  CG  . LEU A 1 38  ? -5.404  -6.780  2.066   1.00 23.53 ? 38  LEU A CG  1 
ATOM   286 C  CD1 . LEU A 1 38  ? -6.140  -7.731  1.124   1.00 27.08 ? 38  LEU A CD1 1 
ATOM   287 C  CD2 . LEU A 1 38  ? -6.266  -6.311  3.170   1.00 24.45 ? 38  LEU A CD2 1 
ATOM   288 N  N   . ASP A 1 39  ? -1.364  -8.237  3.849   1.00 25.48 ? 39  ASP A N   1 
ATOM   289 C  CA  . ASP A 1 39  ? -0.453  -9.073  4.627   1.00 25.53 ? 39  ASP A CA  1 
ATOM   290 C  C   . ASP A 1 39  ? 0.401   -8.270  5.629   1.00 25.75 ? 39  ASP A C   1 
ATOM   291 O  O   . ASP A 1 39  ? 0.610   -8.702  6.755   1.00 28.27 ? 39  ASP A O   1 
ATOM   292 C  CB  . ASP A 1 39  ? 0.423   -9.836  3.674   1.00 26.27 ? 39  ASP A CB  1 
ATOM   293 C  CG  . ASP A 1 39  ? 0.935   -11.163 4.269   1.00 27.57 ? 39  ASP A CG  1 
ATOM   294 O  OD1 . ASP A 1 39  ? 0.233   -11.880 5.025   1.00 26.65 ? 39  ASP A OD1 1 
ATOM   295 O  OD2 . ASP A 1 39  ? 2.048   -11.482 3.912   1.00 30.49 ? 39  ASP A OD2 1 
ATOM   296 N  N   . ALA A 1 40  ? 0.892   -7.108  5.248   1.00 25.71 ? 40  ALA A N   1 
ATOM   297 C  CA  . ALA A 1 40  ? 1.541   -6.220  6.217   1.00 25.25 ? 40  ALA A CA  1 
ATOM   298 C  C   . ALA A 1 40  ? 0.602   -5.805  7.360   1.00 24.18 ? 40  ALA A C   1 
ATOM   299 O  O   . ALA A 1 40  ? 1.049   -5.531  8.508   1.00 21.81 ? 40  ALA A O   1 
ATOM   300 C  CB  . ALA A 1 40  ? 2.036   -5.025  5.532   1.00 25.82 ? 40  ALA A CB  1 
ATOM   301 N  N   . GLN A 1 41  ? -0.687  -5.678  7.040   1.00 24.46 ? 41  GLN A N   1 
ATOM   302 C  CA  . GLN A 1 41  ? -1.710  -5.291  8.038   1.00 24.60 ? 41  GLN A CA  1 
ATOM   303 C  C   . GLN A 1 41  ? -1.833  -6.283  9.214   1.00 24.66 ? 41  GLN A C   1 
ATOM   304 O  O   . GLN A 1 41  ? -2.282  -5.883  10.308  1.00 24.01 ? 41  GLN A O   1 
ATOM   305 C  CB  . GLN A 1 41  ? -3.076  -5.124  7.362   1.00 25.02 ? 41  GLN A CB  1 
ATOM   306 C  CG  . GLN A 1 41  ? -4.191  -4.516  8.210   1.00 22.69 ? 41  GLN A CG  1 
ATOM   307 C  CD  . GLN A 1 41  ? -5.521  -4.373  7.448   1.00 21.94 ? 41  GLN A CD  1 
ATOM   308 O  OE1 . GLN A 1 41  ? -5.886  -5.245  6.712   1.00 21.18 ? 41  GLN A OE1 1 
ATOM   309 N  NE2 . GLN A 1 41  ? -6.261  -3.281  7.693   1.00 19.51 ? 41  GLN A NE2 1 
ATOM   310 N  N   . LYS A 1 42  ? -1.458  -7.541  8.992   1.00 26.39 ? 42  LYS A N   1 
ATOM   311 C  CA  . LYS A 1 42  ? -1.436  -8.612  10.077  1.00 29.16 ? 42  LYS A CA  1 
ATOM   312 C  C   . LYS A 1 42  ? -0.245  -8.539  11.040  1.00 30.05 ? 42  LYS A C   1 
ATOM   313 O  O   . LYS A 1 42  ? -0.283  -9.108  12.131  1.00 30.21 ? 42  LYS A O   1 
ATOM   314 C  CB  . LYS A 1 42  ? -1.396  -10.045 9.492   1.00 30.22 ? 42  LYS A CB  1 
ATOM   315 C  CG  . LYS A 1 42  ? 0.020   -10.608 9.090   1.00 33.26 ? 42  LYS A CG  1 
ATOM   316 C  CD  . LYS A 1 42  ? 0.281   -12.145 9.442   1.00 33.37 ? 42  LYS A CD  1 
ATOM   317 C  CE  . LYS A 1 42  ? 1.731   -12.453 10.030  1.00 34.88 ? 42  LYS A CE  1 
ATOM   318 N  NZ  . LYS A 1 42  ? 2.695   -13.247 9.121   1.00 33.77 ? 42  LYS A NZ  1 
ATOM   319 N  N   . ALA A 1 43  ? 0.825   -7.886  10.594  1.00 29.66 ? 43  ALA A N   1 
ATOM   320 C  CA  . ALA A 1 43  ? 2.072   -7.828  11.342  1.00 29.72 ? 43  ALA A CA  1 
ATOM   321 C  C   . ALA A 1 43  ? 2.004   -6.888  12.533  1.00 29.35 ? 43  ALA A C   1 
ATOM   322 O  O   . ALA A 1 43  ? 1.193   -5.979  12.568  1.00 27.12 ? 43  ALA A O   1 
ATOM   323 C  CB  . ALA A 1 43  ? 3.210   -7.433  10.422  1.00 29.23 ? 43  ALA A CB  1 
ATOM   324 N  N   . THR A 1 44  ? 2.872   -7.137  13.525  1.00 29.85 ? 44  THR A N   1 
ATOM   325 C  CA  . THR A 1 44  ? 3.080   -6.166  14.597  1.00 29.73 ? 44  THR A CA  1 
ATOM   326 C  C   . THR A 1 44  ? 4.443   -5.557  14.339  1.00 30.10 ? 44  THR A C   1 
ATOM   327 O  O   . THR A 1 44  ? 5.439   -6.292  14.215  1.00 29.80 ? 44  THR A O   1 
ATOM   328 C  CB  . THR A 1 44  ? 3.032   -6.771  16.042  1.00 30.45 ? 44  THR A CB  1 
ATOM   329 O  OG1 . THR A 1 44  ? 1.745   -7.344  16.282  1.00 28.39 ? 44  THR A OG1 1 
ATOM   330 C  CG2 . THR A 1 44  ? 3.276   -5.657  17.098  1.00 29.09 ? 44  THR A CG2 1 
ATOM   331 N  N   . PRO A 1 45  ? 4.502   -4.216  14.289  1.00 29.29 ? 45  PRO A N   1 
ATOM   332 C  CA  . PRO A 1 45  ? 5.688   -3.562  13.797  1.00 29.76 ? 45  PRO A CA  1 
ATOM   333 C  C   . PRO A 1 45  ? 6.604   -3.319  14.987  1.00 29.17 ? 45  PRO A C   1 
ATOM   334 O  O   . PRO A 1 45  ? 6.083   -3.083  16.075  1.00 27.95 ? 45  PRO A O   1 
ATOM   335 C  CB  . PRO A 1 45  ? 5.154   -2.206  13.291  1.00 28.00 ? 45  PRO A CB  1 
ATOM   336 C  CG  . PRO A 1 45  ? 4.050   -1.876  14.197  1.00 27.98 ? 45  PRO A CG  1 
ATOM   337 C  CD  . PRO A 1 45  ? 3.526   -3.217  14.773  1.00 29.89 ? 45  PRO A CD  1 
ATOM   338 N  N   . PRO A 1 46  ? 7.927   -3.358  14.776  1.00 30.09 ? 46  PRO A N   1 
ATOM   339 C  CA  . PRO A 1 46  ? 8.886   -3.029  15.863  1.00 31.47 ? 46  PRO A CA  1 
ATOM   340 C  C   . PRO A 1 46  ? 8.387   -1.950  16.878  1.00 31.75 ? 46  PRO A C   1 
ATOM   341 O  O   . PRO A 1 46  ? 8.049   -2.278  18.003  1.00 29.94 ? 46  PRO A O   1 
ATOM   342 C  CB  . PRO A 1 46  ? 10.107  -2.596  15.087  1.00 31.28 ? 46  PRO A CB  1 
ATOM   343 C  CG  . PRO A 1 46  ? 10.148  -3.643  13.954  1.00 31.06 ? 46  PRO A CG  1 
ATOM   344 C  CD  . PRO A 1 46  ? 8.649   -3.728  13.532  1.00 31.32 ? 46  PRO A CD  1 
ATOM   345 N  N   . LYS A 1 47  ? 8.245   -0.705  16.461  1.00 33.41 ? 47  LYS A N   1 
ATOM   346 C  CA  . LYS A 1 47  ? 7.784   0.348   17.369  1.00 34.20 ? 47  LYS A CA  1 
ATOM   347 C  C   . LYS A 1 47  ? 6.623   -0.070  18.298  1.00 35.37 ? 47  LYS A C   1 
ATOM   348 O  O   . LYS A 1 47  ? 6.437   0.539   19.352  1.00 34.92 ? 47  LYS A O   1 
ATOM   349 C  CB  . LYS A 1 47  ? 7.420   1.615   16.567  1.00 34.14 ? 47  LYS A CB  1 
ATOM   350 C  CG  . LYS A 1 47  ? 7.194   2.874   17.426  1.00 34.93 ? 47  LYS A CG  1 
ATOM   351 C  CD  . LYS A 1 47  ? 7.930   4.160   16.948  1.00 34.85 ? 47  LYS A CD  1 
ATOM   352 C  CE  . LYS A 1 47  ? 7.037   5.072   16.116  1.00 37.67 ? 47  LYS A CE  1 
ATOM   353 N  NZ  . LYS A 1 47  ? 7.424   6.515   16.041  1.00 36.55 ? 47  LYS A NZ  1 
ATOM   354 N  N   . LEU A 1 48  ? 5.829   -1.087  17.921  1.00 36.15 ? 48  LEU A N   1 
ATOM   355 C  CA  . LEU A 1 48  ? 4.639   -1.423  18.697  1.00 37.13 ? 48  LEU A CA  1 
ATOM   356 C  C   . LEU A 1 48  ? 4.706   -2.833  19.323  1.00 38.22 ? 48  LEU A C   1 
ATOM   357 O  O   . LEU A 1 48  ? 3.687   -3.389  19.759  1.00 38.25 ? 48  LEU A O   1 
ATOM   358 C  CB  . LEU A 1 48  ? 3.365   -1.266  17.833  1.00 36.81 ? 48  LEU A CB  1 
ATOM   359 C  CG  . LEU A 1 48  ? 2.972   0.100   17.244  1.00 36.21 ? 48  LEU A CG  1 
ATOM   360 C  CD1 . LEU A 1 48  ? 1.617   -0.011  16.502  1.00 35.35 ? 48  LEU A CD1 1 
ATOM   361 C  CD2 . LEU A 1 48  ? 2.918   1.218   18.301  1.00 36.34 ? 48  LEU A CD2 1 
ATOM   362 N  N   . GLU A 1 49  ? 5.888   -3.420  19.393  1.00 39.22 ? 49  GLU A N   1 
ATOM   363 C  CA  . GLU A 1 49  ? 6.019   -4.699  20.117  1.00 40.49 ? 49  GLU A CA  1 
ATOM   364 C  C   . GLU A 1 49  ? 5.497   -4.702  21.567  1.00 40.88 ? 49  GLU A C   1 
ATOM   365 O  O   . GLU A 1 49  ? 5.198   -5.782  22.088  1.00 40.25 ? 49  GLU A O   1 
ATOM   366 C  CB  . GLU A 1 49  ? 7.469   -5.180  20.117  1.00 40.64 ? 49  GLU A CB  1 
ATOM   367 C  CG  . GLU A 1 49  ? 7.793   -6.071  18.942  1.00 41.06 ? 49  GLU A CG  1 
ATOM   368 C  CD  . GLU A 1 49  ? 9.236   -5.989  18.559  1.00 42.11 ? 49  GLU A CD  1 
ATOM   369 O  OE1 . GLU A 1 49  ? 9.567   -6.467  17.451  1.00 45.47 ? 49  GLU A OE1 1 
ATOM   370 O  OE2 . GLU A 1 49  ? 10.023  -5.428  19.360  1.00 42.16 ? 49  GLU A OE2 1 
ATOM   371 N  N   . ASP A 1 50  ? 5.373   -3.528  22.204  1.00 41.84 ? 50  ASP A N   1 
ATOM   372 C  CA  . ASP A 1 50  ? 4.943   -3.464  23.619  1.00 43.29 ? 50  ASP A CA  1 
ATOM   373 C  C   . ASP A 1 50  ? 3.421   -3.258  23.821  1.00 44.03 ? 50  ASP A C   1 
ATOM   374 O  O   . ASP A 1 50  ? 2.945   -3.032  24.946  1.00 43.68 ? 50  ASP A O   1 
ATOM   375 C  CB  . ASP A 1 50  ? 5.786   -2.436  24.434  1.00 43.45 ? 50  ASP A CB  1 
ATOM   376 C  CG  . ASP A 1 50  ? 5.749   -1.000  23.875  1.00 45.58 ? 50  ASP A CG  1 
ATOM   377 O  OD1 . ASP A 1 50  ? 6.038   -0.045  24.679  1.00 45.68 ? 50  ASP A OD1 1 
ATOM   378 O  OD2 . ASP A 1 50  ? 5.496   -0.815  22.656  1.00 43.03 ? 50  ASP A OD2 1 
ATOM   379 N  N   . LYS A 1 51  ? 2.657   -3.397  22.736  1.00 44.90 ? 51  LYS A N   1 
ATOM   380 C  CA  . LYS A 1 51  ? 1.228   -3.121  22.754  1.00 45.25 ? 51  LYS A CA  1 
ATOM   381 C  C   . LYS A 1 51  ? 0.423   -4.389  22.431  1.00 45.30 ? 51  LYS A C   1 
ATOM   382 O  O   . LYS A 1 51  ? 0.867   -5.252  21.669  1.00 44.56 ? 51  LYS A O   1 
ATOM   383 C  CB  . LYS A 1 51  ? 0.914   -2.011  21.757  1.00 45.67 ? 51  LYS A CB  1 
ATOM   384 C  CG  . LYS A 1 51  ? 1.833   -0.798  21.878  1.00 46.17 ? 51  LYS A CG  1 
ATOM   385 C  CD  . LYS A 1 51  ? 1.466   0.111   23.035  1.00 45.92 ? 51  LYS A CD  1 
ATOM   386 C  CE  . LYS A 1 51  ? 2.109   1.499   22.829  1.00 46.23 ? 51  LYS A CE  1 
ATOM   387 N  NZ  . LYS A 1 51  ? 2.578   2.119   24.108  1.00 47.58 ? 51  LYS A NZ  1 
ATOM   388 N  N   . SER A 1 52  ? -0.767  -4.498  23.018  1.00 45.86 ? 52  SER A N   1 
ATOM   389 C  CA  . SER A 1 52  ? -1.592  -5.661  22.765  1.00 46.06 ? 52  SER A CA  1 
ATOM   390 C  C   . SER A 1 52  ? -2.226  -5.499  21.382  1.00 46.15 ? 52  SER A C   1 
ATOM   391 O  O   . SER A 1 52  ? -2.283  -4.381  20.847  1.00 46.04 ? 52  SER A O   1 
ATOM   392 C  CB  . SER A 1 52  ? -2.643  -5.827  23.860  1.00 46.31 ? 52  SER A CB  1 
ATOM   393 O  OG  . SER A 1 52  ? -3.312  -4.617  24.121  1.00 46.74 ? 52  SER A OG  1 
ATOM   394 N  N   . PRO A 1 53  ? -2.680  -6.602  20.773  1.00 46.20 ? 53  PRO A N   1 
ATOM   395 C  CA  . PRO A 1 53  ? -3.286  -6.381  19.462  1.00 46.35 ? 53  PRO A CA  1 
ATOM   396 C  C   . PRO A 1 53  ? -4.542  -5.509  19.448  1.00 45.77 ? 53  PRO A C   1 
ATOM   397 O  O   . PRO A 1 53  ? -4.905  -5.046  18.383  1.00 46.99 ? 53  PRO A O   1 
ATOM   398 C  CB  . PRO A 1 53  ? -3.557  -7.804  18.958  1.00 46.46 ? 53  PRO A CB  1 
ATOM   399 C  CG  . PRO A 1 53  ? -2.571  -8.642  19.692  1.00 46.93 ? 53  PRO A CG  1 
ATOM   400 C  CD  . PRO A 1 53  ? -2.621  -8.033  21.086  1.00 46.83 ? 53  PRO A CD  1 
ATOM   401 N  N   . ASP A 1 54  ? -5.178  -5.266  20.599  1.00 45.42 ? 54  ASP A N   1 
ATOM   402 C  CA  . ASP A 1 54  ? -6.338  -4.374  20.669  1.00 45.08 ? 54  ASP A CA  1 
ATOM   403 C  C   . ASP A 1 54  ? -6.049  -3.050  21.337  1.00 42.95 ? 54  ASP A C   1 
ATOM   404 O  O   . ASP A 1 54  ? -6.967  -2.325  21.736  1.00 43.82 ? 54  ASP A O   1 
ATOM   405 C  CB  . ASP A 1 54  ? -7.539  -5.060  21.328  1.00 45.84 ? 54  ASP A CB  1 
ATOM   406 C  CG  . ASP A 1 54  ? -7.851  -6.382  20.693  1.00 48.01 ? 54  ASP A CG  1 
ATOM   407 O  OD1 . ASP A 1 54  ? -7.218  -7.370  21.131  1.00 50.00 ? 54  ASP A OD1 1 
ATOM   408 O  OD2 . ASP A 1 54  ? -8.688  -6.429  19.744  1.00 52.57 ? 54  ASP A OD2 1 
ATOM   409 N  N   . SER A 1 55  ? -4.782  -2.694  21.417  1.00 40.82 ? 55  SER A N   1 
ATOM   410 C  CA  . SER A 1 55  ? -4.449  -1.361  21.840  1.00 38.78 ? 55  SER A CA  1 
ATOM   411 C  C   . SER A 1 55  ? -4.969  -0.388  20.787  1.00 38.15 ? 55  SER A C   1 
ATOM   412 O  O   . SER A 1 55  ? -5.186  -0.775  19.609  1.00 37.07 ? 55  SER A O   1 
ATOM   413 C  CB  . SER A 1 55  ? -2.944  -1.212  21.990  1.00 38.56 ? 55  SER A CB  1 
ATOM   414 O  OG  . SER A 1 55  ? -2.285  -1.581  20.797  1.00 37.42 ? 55  SER A OG  1 
ATOM   415 N  N   . PRO A 1 56  ? -5.195  0.869   21.197  1.00 37.32 ? 56  PRO A N   1 
ATOM   416 C  CA  . PRO A 1 56  ? -5.540  1.907   20.228  1.00 36.63 ? 56  PRO A CA  1 
ATOM   417 C  C   . PRO A 1 56  ? -4.499  2.140   19.132  1.00 35.77 ? 56  PRO A C   1 
ATOM   418 O  O   . PRO A 1 56  ? -4.868  2.545   18.033  1.00 35.58 ? 56  PRO A O   1 
ATOM   419 C  CB  . PRO A 1 56  ? -5.684  3.164   21.075  1.00 36.79 ? 56  PRO A CB  1 
ATOM   420 C  CG  . PRO A 1 56  ? -5.093  2.813   22.425  1.00 38.45 ? 56  PRO A CG  1 
ATOM   421 C  CD  . PRO A 1 56  ? -5.230  1.358   22.585  1.00 37.21 ? 56  PRO A CD  1 
ATOM   422 N  N   . GLU A 1 57  ? -3.229  1.887   19.426  1.00 34.05 ? 57  GLU A N   1 
ATOM   423 C  CA  . GLU A 1 57  ? -2.173  2.099   18.461  1.00 33.80 ? 57  GLU A CA  1 
ATOM   424 C  C   . GLU A 1 57  ? -2.118  0.994   17.415  1.00 32.11 ? 57  GLU A C   1 
ATOM   425 O  O   . GLU A 1 57  ? -1.776  1.254   16.259  1.00 32.23 ? 57  GLU A O   1 
ATOM   426 C  CB  . GLU A 1 57  ? -0.823  2.137   19.161  1.00 34.85 ? 57  GLU A CB  1 
ATOM   427 C  CG  . GLU A 1 57  ? -0.699  3.202   20.255  1.00 35.67 ? 57  GLU A CG  1 
ATOM   428 C  CD  . GLU A 1 57  ? -1.040  2.734   21.664  1.00 38.06 ? 57  GLU A CD  1 
ATOM   429 O  OE1 . GLU A 1 57  ? -1.660  1.659   21.864  1.00 36.48 ? 57  GLU A OE1 1 
ATOM   430 O  OE2 . GLU A 1 57  ? -0.703  3.506   22.579  1.00 40.20 ? 57  GLU A OE2 1 
ATOM   431 N  N   . MET A 1 58  ? -2.339  -0.248  17.838  1.00 30.02 ? 58  MET A N   1 
ATOM   432 C  CA  . MET A 1 58  ? -2.382  -1.345  16.903  1.00 30.63 ? 58  MET A CA  1 
ATOM   433 C  C   . MET A 1 58  ? -3.611  -1.195  15.997  1.00 29.87 ? 58  MET A C   1 
ATOM   434 O  O   . MET A 1 58  ? -3.540  -1.474  14.814  1.00 28.89 ? 58  MET A O   1 
ATOM   435 C  CB  . MET A 1 58  ? -2.359  -2.709  17.601  1.00 30.34 ? 58  MET A CB  1 
ATOM   436 C  CG  . MET A 1 58  ? -0.923  -3.195  17.948  1.00 31.96 ? 58  MET A CG  1 
ATOM   437 S  SD  . MET A 1 58  ? 0.201   -3.426  16.550  1.00 31.55 ? 58  MET A SD  1 
ATOM   438 C  CE  . MET A 1 58  ? -0.418  -4.916  15.789  1.00 34.43 ? 58  MET A CE  1 
ATOM   439 N  N   . HIS A 1 59  ? -4.725  -0.767  16.583  1.00 29.69 ? 59  HIS A N   1 
ATOM   440 C  CA  . HIS A 1 59  ? -5.936  -0.388  15.845  1.00 29.94 ? 59  HIS A CA  1 
ATOM   441 C  C   . HIS A 1 59  ? -5.608  0.677   14.767  1.00 30.24 ? 59  HIS A C   1 
ATOM   442 O  O   . HIS A 1 59  ? -5.855  0.480   13.592  1.00 28.92 ? 59  HIS A O   1 
ATOM   443 C  CB  . HIS A 1 59  ? -6.943  0.168   16.878  1.00 30.94 ? 59  HIS A CB  1 
ATOM   444 C  CG  . HIS A 1 59  ? -8.330  0.325   16.372  1.00 31.64 ? 59  HIS A CG  1 
ATOM   445 N  ND1 . HIS A 1 59  ? -9.413  -0.211  17.027  1.00 35.10 ? 59  HIS A ND1 1 
ATOM   446 C  CD2 . HIS A 1 59  ? -8.818  0.949   15.283  1.00 29.36 ? 59  HIS A CD2 1 
ATOM   447 C  CE1 . HIS A 1 59  ? -10.513 0.079   16.359  1.00 35.13 ? 59  HIS A CE1 1 
ATOM   448 N  NE2 . HIS A 1 59  ? -10.179 0.758   15.280  1.00 30.88 ? 59  HIS A NE2 1 
ATOM   449 N  N   . ASP A 1 60  ? -5.037  1.805   15.190  1.00 29.65 ? 60  ASP A N   1 
ATOM   450 C  CA  . ASP A 1 60  ? -4.658  2.850   14.282  1.00 28.70 ? 60  ASP A CA  1 
ATOM   451 C  C   . ASP A 1 60  ? -3.646  2.399   13.274  1.00 27.65 ? 60  ASP A C   1 
ATOM   452 O  O   . ASP A 1 60  ? -3.702  2.807   12.118  1.00 26.94 ? 60  ASP A O   1 
ATOM   453 C  CB  . ASP A 1 60  ? -4.085  4.071   15.045  1.00 30.50 ? 60  ASP A CB  1 
ATOM   454 C  CG  . ASP A 1 60  ? -3.944  5.326   14.139  1.00 32.08 ? 60  ASP A CG  1 
ATOM   455 O  OD1 . ASP A 1 60  ? -4.976  5.771   13.560  1.00 35.24 ? 60  ASP A OD1 1 
ATOM   456 O  OD2 . ASP A 1 60  ? -2.827  5.863   14.018  1.00 34.07 ? 60  ASP A OD2 1 
ATOM   457 N  N   . PHE A 1 61  ? -2.682  1.589   13.702  1.00 26.04 ? 61  PHE A N   1 
ATOM   458 C  CA  . PHE A 1 61  ? -1.710  1.027   12.774  1.00 25.15 ? 61  PHE A CA  1 
ATOM   459 C  C   . PHE A 1 61  ? -2.420  0.231   11.676  1.00 24.97 ? 61  PHE A C   1 
ATOM   460 O  O   . PHE A 1 61  ? -2.121  0.381   10.522  1.00 23.45 ? 61  PHE A O   1 
ATOM   461 C  CB  . PHE A 1 61  ? -0.705  0.131   13.510  1.00 24.71 ? 61  PHE A CB  1 
ATOM   462 C  CG  . PHE A 1 61  ? 0.219   -0.653  12.583  1.00 24.51 ? 61  PHE A CG  1 
ATOM   463 C  CD1 . PHE A 1 61  ? 1.254   -0.026  11.912  1.00 26.93 ? 61  PHE A CD1 1 
ATOM   464 C  CD2 . PHE A 1 61  ? 0.067   -2.008  12.416  1.00 22.77 ? 61  PHE A CD2 1 
ATOM   465 C  CE1 . PHE A 1 61  ? 2.077   -0.727  11.103  1.00 22.49 ? 61  PHE A CE1 1 
ATOM   466 C  CE2 . PHE A 1 61  ? 0.880   -2.706  11.600  1.00 23.09 ? 61  PHE A CE2 1 
ATOM   467 C  CZ  . PHE A 1 61  ? 1.881   -2.083  10.939  1.00 23.90 ? 61  PHE A CZ  1 
ATOM   468 N  N   . ARG A 1 62  ? -3.368  -0.617  12.043  1.00 24.19 ? 62  ARG A N   1 
ATOM   469 C  CA  . ARG A 1 62  ? -4.048  -1.418  11.012  1.00 24.22 ? 62  ARG A CA  1 
ATOM   470 C  C   . ARG A 1 62  ? -4.892  -0.513  10.115  1.00 23.39 ? 62  ARG A C   1 
ATOM   471 O  O   . ARG A 1 62  ? -4.958  -0.742  8.926   1.00 22.92 ? 62  ARG A O   1 
ATOM   472 C  CB  . ARG A 1 62  ? -4.904  -2.520  11.645  1.00 24.02 ? 62  ARG A CB  1 
ATOM   473 C  CG  . ARG A 1 62  ? -4.104  -3.686  12.229  1.00 23.53 ? 62  ARG A CG  1 
ATOM   474 C  CD  . ARG A 1 62  ? -5.058  -4.779  12.616  1.00 26.69 ? 62  ARG A CD  1 
ATOM   475 N  NE  . ARG A 1 62  ? -5.926  -4.410  13.754  1.00 28.10 ? 62  ARG A NE  1 
ATOM   476 C  CZ  . ARG A 1 62  ? -5.568  -4.463  15.041  1.00 29.00 ? 62  ARG A CZ  1 
ATOM   477 N  NH1 . ARG A 1 62  ? -4.375  -4.899  15.360  1.00 30.26 ? 62  ARG A NH1 1 
ATOM   478 N  NH2 . ARG A 1 62  ? -6.420  -4.099  16.008  1.00 30.96 ? 62  ARG A NH2 1 
ATOM   479 N  N   . HIS A 1 63  ? -5.500  0.555   10.662  1.00 24.38 ? 63  HIS A N   1 
ATOM   480 C  CA  . HIS A 1 63  ? -6.257  1.504   9.811   1.00 23.97 ? 63  HIS A CA  1 
ATOM   481 C  C   . HIS A 1 63  ? -5.440  2.166   8.690   1.00 23.95 ? 63  HIS A C   1 
ATOM   482 O  O   . HIS A 1 63  ? -5.994  2.514   7.641   1.00 24.34 ? 63  HIS A O   1 
ATOM   483 C  CB  . HIS A 1 63  ? -6.943  2.593   10.625  1.00 25.66 ? 63  HIS A CB  1 
ATOM   484 C  CG  . HIS A 1 63  ? -8.189  2.130   11.312  1.00 27.21 ? 63  HIS A CG  1 
ATOM   485 N  ND1 . HIS A 1 63  ? -8.971  1.096   10.827  1.00 29.39 ? 63  HIS A ND1 1 
ATOM   486 C  CD2 . HIS A 1 63  ? -8.778  2.547   12.458  1.00 29.02 ? 63  HIS A CD2 1 
ATOM   487 C  CE1 . HIS A 1 63  ? -9.970  0.879   11.670  1.00 31.17 ? 63  HIS A CE1 1 
ATOM   488 N  NE2 . HIS A 1 63  ? -9.895  1.768   12.649  1.00 30.84 ? 63  HIS A NE2 1 
ATOM   489 N  N   . GLY A 1 64  ? -4.140  2.338   8.880   1.00 23.16 ? 64  GLY A N   1 
ATOM   490 C  CA  . GLY A 1 64  ? -3.285  2.966   7.832   1.00 23.46 ? 64  GLY A CA  1 
ATOM   491 C  C   . GLY A 1 64  ? -3.290  2.128   6.547   1.00 23.07 ? 64  GLY A C   1 
ATOM   492 O  O   . GLY A 1 64  ? -3.252  2.659   5.422   1.00 23.98 ? 64  GLY A O   1 
ATOM   493 N  N   . PHE A 1 65  ? -3.365  0.816   6.728   1.00 21.82 ? 65  PHE A N   1 
ATOM   494 C  CA  . PHE A 1 65  ? -3.495  -0.107  5.611   1.00 21.99 ? 65  PHE A CA  1 
ATOM   495 C  C   . PHE A 1 65  ? -4.899  -0.115  4.964   1.00 21.29 ? 65  PHE A C   1 
ATOM   496 O  O   . PHE A 1 65  ? -5.011  -0.248  3.768   1.00 21.29 ? 65  PHE A O   1 
ATOM   497 C  CB  . PHE A 1 65  ? -3.084  -1.502  5.985   1.00 21.07 ? 65  PHE A CB  1 
ATOM   498 C  CG  . PHE A 1 65  ? -1.656  -1.640  6.389   1.00 21.40 ? 65  PHE A CG  1 
ATOM   499 C  CD1 . PHE A 1 65  ? -1.313  -1.790  7.724   1.00 20.20 ? 65  PHE A CD1 1 
ATOM   500 C  CD2 . PHE A 1 65  ? -0.635  -1.649  5.440   1.00 18.96 ? 65  PHE A CD2 1 
ATOM   501 C  CE1 . PHE A 1 65  ? 0.046   -1.944  8.114   1.00 19.59 ? 65  PHE A CE1 1 
ATOM   502 C  CE2 . PHE A 1 65  ? 0.661   -1.754  5.826   1.00 19.19 ? 65  PHE A CE2 1 
ATOM   503 C  CZ  . PHE A 1 65  ? 0.994   -1.958  7.192   1.00 20.07 ? 65  PHE A CZ  1 
ATOM   504 N  N   . ASP A 1 66  ? -5.954  0.086   5.726   1.00 21.77 ? 66  ASP A N   1 
ATOM   505 C  CA  . ASP A 1 66  ? -7.268  0.183   5.142   1.00 21.56 ? 66  ASP A CA  1 
ATOM   506 C  C   . ASP A 1 66  ? -7.246  1.354   4.148   1.00 21.62 ? 66  ASP A C   1 
ATOM   507 O  O   . ASP A 1 66  ? -7.721  1.252   3.039   1.00 20.26 ? 66  ASP A O   1 
ATOM   508 C  CB  . ASP A 1 66  ? -8.333  0.407   6.247   1.00 22.79 ? 66  ASP A CB  1 
ATOM   509 C  CG  . ASP A 1 66  ? -8.453  -0.809  7.203   1.00 23.19 ? 66  ASP A CG  1 
ATOM   510 O  OD1 . ASP A 1 66  ? -8.697  -0.642  8.414   1.00 25.47 ? 66  ASP A OD1 1 
ATOM   511 O  OD2 . ASP A 1 66  ? -8.241  -1.911  6.755   1.00 16.95 ? 66  ASP A OD2 1 
ATOM   512 N  N   . ILE A 1 67  ? -6.662  2.468   4.554   1.00 21.27 ? 67  ILE A N   1 
ATOM   513 C  CA  . ILE A 1 67  ? -6.647  3.663   3.721   1.00 20.52 ? 67  ILE A CA  1 
ATOM   514 C  C   . ILE A 1 67  ? -5.874  3.382   2.445   1.00 18.82 ? 67  ILE A C   1 
ATOM   515 O  O   . ILE A 1 67  ? -6.326  3.769   1.406   1.00 19.66 ? 67  ILE A O   1 
ATOM   516 C  CB  . ILE A 1 67  ? -6.056  4.930   4.452   1.00 21.63 ? 67  ILE A CB  1 
ATOM   517 C  CG1 . ILE A 1 67  ? -6.861  5.287   5.732   1.00 22.93 ? 67  ILE A CG1 1 
ATOM   518 C  CG2 . ILE A 1 67  ? -5.983  6.147   3.500   1.00 20.68 ? 67  ILE A CG2 1 
ATOM   519 C  CD1 . ILE A 1 67  ? -8.078  6.274   5.485   1.00 26.72 ? 67  ILE A CD1 1 
ATOM   520 N  N   . LEU A 1 68  ? -4.746  2.703   2.533   1.00 16.96 ? 68  LEU A N   1 
ATOM   521 C  CA  . LEU A 1 68  ? -3.912  2.397   1.382   1.00 17.96 ? 68  LEU A CA  1 
ATOM   522 C  C   . LEU A 1 68  ? -4.637  1.511   0.404   1.00 16.80 ? 68  LEU A C   1 
ATOM   523 O  O   . LEU A 1 68  ? -4.530  1.676   -0.803  1.00 12.34 ? 68  LEU A O   1 
ATOM   524 C  CB  . LEU A 1 68  ? -2.650  1.613   1.787   1.00 17.47 ? 68  LEU A CB  1 
ATOM   525 C  CG  . LEU A 1 68  ? -1.479  1.533   0.798   1.00 19.32 ? 68  LEU A CG  1 
ATOM   526 C  CD1 . LEU A 1 68  ? -0.977  2.905   0.415   1.00 23.51 ? 68  LEU A CD1 1 
ATOM   527 C  CD2 . LEU A 1 68  ? -0.342  0.758   1.391   1.00 18.96 ? 68  LEU A CD2 1 
ATOM   528 N  N   . VAL A 1 69  ? -5.329  0.521   0.973   1.00 15.26 ? 69  VAL A N   1 
ATOM   529 C  CA  . VAL A 1 69  ? -6.094  -0.512  0.168   1.00 16.18 ? 69  VAL A CA  1 
ATOM   530 C  C   . VAL A 1 69  ? -7.240  0.132   -0.589  1.00 14.18 ? 69  VAL A C   1 
ATOM   531 O  O   . VAL A 1 69  ? -7.530  -0.232  -1.727  1.00 16.99 ? 69  VAL A O   1 
ATOM   532 C  CB  . VAL A 1 69  ? -6.567  -1.631  1.146   1.00 15.32 ? 69  VAL A CB  1 
ATOM   533 C  CG1 . VAL A 1 69  ? -7.712  -2.434  0.684   1.00 20.41 ? 69  VAL A CG1 1 
ATOM   534 C  CG2 . VAL A 1 69  ? -5.313  -2.541  1.460   1.00 21.62 ? 69  VAL A CG2 1 
ATOM   535 N  N   . GLY A 1 70  ? -7.913  1.052   0.053   1.00 15.22 ? 70  GLY A N   1 
ATOM   536 C  CA  . GLY A 1 70  ? -8.997  1.830   -0.594  1.00 15.39 ? 70  GLY A CA  1 
ATOM   537 C  C   . GLY A 1 70  ? -8.438  2.626   -1.768  1.00 15.13 ? 70  GLY A C   1 
ATOM   538 O  O   . GLY A 1 70  ? -9.032  2.659   -2.831  1.00 15.75 ? 70  GLY A O   1 
ATOM   539 N  N   . GLN A 1 71  ? -7.320  3.297   -1.556  1.00 14.24 ? 71  GLN A N   1 
ATOM   540 C  CA  . GLN A 1 71  ? -6.646  4.054   -2.608  1.00 16.03 ? 71  GLN A CA  1 
ATOM   541 C  C   . GLN A 1 71  ? -6.175  3.195   -3.794  1.00 15.93 ? 71  GLN A C   1 
ATOM   542 O  O   . GLN A 1 71  ? -6.225  3.649   -4.966  1.00 16.37 ? 71  GLN A O   1 
ATOM   543 C  CB  . GLN A 1 71  ? -5.447  4.815   -2.031  1.00 15.57 ? 71  GLN A CB  1 
ATOM   544 C  CG  . GLN A 1 71  ? -5.803  5.868   -0.982  1.00 20.96 ? 71  GLN A CG  1 
ATOM   545 C  CD  . GLN A 1 71  ? -4.546  6.435   -0.265  1.00 21.88 ? 71  GLN A CD  1 
ATOM   546 O  OE1 . GLN A 1 71  ? -3.561  5.739   -0.050  1.00 29.37 ? 71  GLN A OE1 1 
ATOM   547 N  NE2 . GLN A 1 71  ? -4.602  7.673   0.097   1.00 26.94 ? 71  GLN A NE2 1 
ATOM   548 N  N   . ILE A 1 72  ? -5.609  2.041   -3.480  1.00 15.17 ? 72  ILE A N   1 
ATOM   549 C  CA  . ILE A 1 72  ? -5.120  1.105   -4.467  1.00 14.00 ? 72  ILE A CA  1 
ATOM   550 C  C   . ILE A 1 72  ? -6.263  0.679   -5.349  1.00 14.81 ? 72  ILE A C   1 
ATOM   551 O  O   . ILE A 1 72  ? -6.148  0.566   -6.623  1.00 12.27 ? 72  ILE A O   1 
ATOM   552 C  CB  . ILE A 1 72  ? -4.437  -0.128  -3.785  1.00 14.38 ? 72  ILE A CB  1 
ATOM   553 C  CG1 . ILE A 1 72  ? -3.031  0.227   -3.249  1.00 13.09 ? 72  ILE A CG1 1 
ATOM   554 C  CG2 . ILE A 1 72  ? -4.367  -1.375  -4.731  1.00 16.19 ? 72  ILE A CG2 1 
ATOM   555 C  CD1 . ILE A 1 72  ? -2.463  -0.879  -2.242  1.00 12.86 ? 72  ILE A CD1 1 
ATOM   556 N  N   . HIS A 1 73  ? -7.408  0.472   -4.695  1.00 13.57 ? 73  HIS A N   1 
ATOM   557 C  CA  . HIS A 1 73  ? -8.564  0.073   -5.397  1.00 14.54 ? 73  HIS A CA  1 
ATOM   558 C  C   . HIS A 1 73  ? -9.074  1.131   -6.378  1.00 16.23 ? 73  HIS A C   1 
ATOM   559 O  O   . HIS A 1 73  ? -9.475  0.810   -7.491  1.00 14.33 ? 73  HIS A O   1 
ATOM   560 C  CB  . HIS A 1 73  ? -9.671  -0.310  -4.444  1.00 14.20 ? 73  HIS A CB  1 
ATOM   561 C  CG  . HIS A 1 73  ? -10.794 -0.979  -5.135  1.00 13.62 ? 73  HIS A CG  1 
ATOM   562 N  ND1 . HIS A 1 73  ? -10.667 -2.245  -5.692  1.00 14.05 ? 73  HIS A ND1 1 
ATOM   563 C  CD2 . HIS A 1 73  ? -12.038 -0.544  -5.440  1.00 13.02 ? 73  HIS A CD2 1 
ATOM   564 C  CE1 . HIS A 1 73  ? -11.817 -2.578  -6.248  1.00 15.79 ? 73  HIS A CE1 1 
ATOM   565 N  NE2 . HIS A 1 73  ? -12.661 -1.563  -6.118  1.00 8.18  ? 73  HIS A NE2 1 
ATOM   566 N  N   . ASP A 1 74  ? -9.070  2.370   -5.920  1.00 17.24 ? 74  ASP A N   1 
ATOM   567 C  CA  . ASP A 1 74  ? -9.455  3.499   -6.730  1.00 18.79 ? 74  ASP A CA  1 
ATOM   568 C  C   . ASP A 1 74  ? -8.501  3.625   -7.946  1.00 18.45 ? 74  ASP A C   1 
ATOM   569 O  O   . ASP A 1 74  ? -8.952  3.886   -9.018  1.00 17.27 ? 74  ASP A O   1 
ATOM   570 C  CB  . ASP A 1 74  ? -9.416  4.762   -5.900  1.00 20.39 ? 74  ASP A CB  1 
ATOM   571 C  CG  . ASP A 1 74  ? -9.669  5.995   -6.736  1.00 23.74 ? 74  ASP A CG  1 
ATOM   572 O  OD1 . ASP A 1 74  ? -8.683  6.681   -7.151  1.00 33.92 ? 74  ASP A OD1 1 
ATOM   573 O  OD2 . ASP A 1 74  ? -10.889 6.244   -6.979  1.00 35.85 ? 74  ASP A OD2 1 
ATOM   574 N  N   . ALA A 1 75  ? -7.215  3.433   -7.730  1.00 18.11 ? 75  ALA A N   1 
ATOM   575 C  CA  . ALA A 1 75  ? -6.218  3.326   -8.830  1.00 18.67 ? 75  ALA A CA  1 
ATOM   576 C  C   . ALA A 1 75  ? -6.482  2.167   -9.788  1.00 18.24 ? 75  ALA A C   1 
ATOM   577 O  O   . ALA A 1 75  ? -6.345  2.295   -10.999 1.00 18.20 ? 75  ALA A O   1 
ATOM   578 C  CB  . ALA A 1 75  ? -4.844  3.175   -8.249  1.00 19.19 ? 75  ALA A CB  1 
ATOM   579 N  N   . LEU A 1 76  ? -6.906  1.042   -9.232  1.00 18.41 ? 76  LEU A N   1 
ATOM   580 C  CA  . LEU A 1 76  ? -7.228  -0.141  -10.007 1.00 18.31 ? 76  LEU A CA  1 
ATOM   581 C  C   . LEU A 1 76  ? -8.376  0.082   -10.961 1.00 17.28 ? 76  LEU A C   1 
ATOM   582 O  O   . LEU A 1 76  ? -8.307  -0.392  -12.106 1.00 15.26 ? 76  LEU A O   1 
ATOM   583 C  CB  . LEU A 1 76  ? -7.520  -1.297  -9.063  1.00 19.18 ? 76  LEU A CB  1 
ATOM   584 C  CG  . LEU A 1 76  ? -7.717  -2.788  -9.391  1.00 23.80 ? 76  LEU A CG  1 
ATOM   585 C  CD1 . LEU A 1 76  ? -9.179  -3.270  -9.154  1.00 27.86 ? 76  LEU A CD1 1 
ATOM   586 C  CD2 . LEU A 1 76  ? -7.096  -3.193  -10.706 1.00 29.36 ? 76  LEU A CD2 1 
ATOM   587 N  N   . HIS A 1 77  ? -9.431  0.734   -10.474 1.00 16.59 ? 77  HIS A N   1 
ATOM   588 C  CA  . HIS A 1 77  ? -10.578 1.102   -11.309 1.00 18.43 ? 77  HIS A CA  1 
ATOM   589 C  C   . HIS A 1 77  ? -10.075 1.929   -12.540 1.00 20.21 ? 77  HIS A C   1 
ATOM   590 O  O   . HIS A 1 77  ? -10.453 1.652   -13.683 1.00 22.36 ? 77  HIS A O   1 
ATOM   591 C  CB  . HIS A 1 77  ? -11.606 1.907   -10.546 1.00 16.74 ? 77  HIS A CB  1 
ATOM   592 C  CG  . HIS A 1 77  ? -12.670 1.085   -9.900  1.00 17.30 ? 77  HIS A CG  1 
ATOM   593 N  ND1 . HIS A 1 77  ? -13.970 1.089   -10.347 1.00 19.14 ? 77  HIS A ND1 1 
ATOM   594 C  CD2 . HIS A 1 77  ? -12.632 0.217   -8.862  1.00 16.84 ? 77  HIS A CD2 1 
ATOM   595 C  CE1 . HIS A 1 77  ? -14.695 0.251   -9.621  1.00 17.39 ? 77  HIS A CE1 1 
ATOM   596 N  NE2 . HIS A 1 77  ? -13.907 -0.278  -8.695  1.00 12.68 ? 77  HIS A NE2 1 
ATOM   597 N  N   . LEU A 1 78  ? -9.225  2.902   -12.300 1.00 20.56 ? 78  LEU A N   1 
ATOM   598 C  CA  . LEU A 1 78  ? -8.644  3.693   -13.401 1.00 21.47 ? 78  LEU A CA  1 
ATOM   599 C  C   . LEU A 1 78  ? -7.841  2.796   -14.335 1.00 22.69 ? 78  LEU A C   1 
ATOM   600 O  O   . LEU A 1 78  ? -7.989  2.860   -15.574 1.00 24.36 ? 78  LEU A O   1 
ATOM   601 C  CB  . LEU A 1 78  ? -7.767  4.806   -12.840 1.00 21.72 ? 78  LEU A CB  1 
ATOM   602 C  CG  . LEU A 1 78  ? -8.509  5.888   -12.080 1.00 22.73 ? 78  LEU A CG  1 
ATOM   603 C  CD1 . LEU A 1 78  ? -7.476  6.714   -11.298 1.00 25.19 ? 78  LEU A CD1 1 
ATOM   604 C  CD2 . LEU A 1 78  ? -9.423  6.751   -12.996 1.00 26.08 ? 78  LEU A CD2 1 
ATOM   605 N  N   . ALA A 1 79  ? -6.994  1.931   -13.779 1.00 23.40 ? 79  ALA A N   1 
ATOM   606 C  CA  . ALA A 1 79  ? -6.253  0.981   -14.593 1.00 23.29 ? 79  ALA A CA  1 
ATOM   607 C  C   . ALA A 1 79  ? -7.193  0.110   -15.392 1.00 25.90 ? 79  ALA A C   1 
ATOM   608 O  O   . ALA A 1 79  ? -6.945  -0.162  -16.602 1.00 26.41 ? 79  ALA A O   1 
ATOM   609 C  CB  . ALA A 1 79  ? -5.368  0.148   -13.791 1.00 23.09 ? 79  ALA A CB  1 
ATOM   610 N  N   . ASN A 1 80  ? -8.265  -0.336  -14.755 1.00 26.33 ? 80  ASN A N   1 
ATOM   611 C  CA  . ASN A 1 80  ? -9.186  -1.247  -15.396 1.00 27.17 ? 80  ASN A CA  1 
ATOM   612 C  C   . ASN A 1 80  ? -9.892  -0.608  -16.564 1.00 28.08 ? 80  ASN A C   1 
ATOM   613 O  O   . ASN A 1 80  ? -10.383 -1.310  -17.469 1.00 29.26 ? 80  ASN A O   1 
ATOM   614 C  CB  . ASN A 1 80  ? -10.281 -1.720  -14.433 1.00 27.27 ? 80  ASN A CB  1 
ATOM   615 C  CG  . ASN A 1 80  ? -9.901  -2.899  -13.590 1.00 28.51 ? 80  ASN A CG  1 
ATOM   616 O  OD1 . ASN A 1 80  ? -10.634 -3.232  -12.646 1.00 31.10 ? 80  ASN A OD1 1 
ATOM   617 N  ND2 . ASN A 1 80  ? -8.786  -3.559  -13.895 1.00 32.96 ? 80  ASN A ND2 1 
ATOM   618 N  N   . GLU A 1 81  ? -10.004 0.699   -16.551 1.00 29.19 ? 81  GLU A N   1 
ATOM   619 C  CA  . GLU A 1 81  ? -10.624 1.385   -17.666 1.00 29.79 ? 81  GLU A CA  1 
ATOM   620 C  C   . GLU A 1 81  ? -9.600  1.995   -18.661 1.00 29.89 ? 81  GLU A C   1 
ATOM   621 O  O   . GLU A 1 81  ? -9.931  2.838   -19.486 1.00 30.87 ? 81  GLU A O   1 
ATOM   622 C  CB  . GLU A 1 81  ? -11.733 2.347   -17.168 1.00 31.14 ? 81  GLU A CB  1 
ATOM   623 C  CG  . GLU A 1 81  ? -11.366 3.513   -16.267 1.00 32.30 ? 81  GLU A CG  1 
ATOM   624 C  CD  . GLU A 1 81  ? -12.581 4.111   -15.544 1.00 33.30 ? 81  GLU A CD  1 
ATOM   625 O  OE1 . GLU A 1 81  ? -13.609 3.397   -15.339 1.00 36.01 ? 81  GLU A OE1 1 
ATOM   626 O  OE2 . GLU A 1 81  ? -12.507 5.308   -15.137 1.00 37.23 ? 81  GLU A OE2 1 
ATOM   627 N  N   . GLY A 1 82  ? -8.377  1.476   -18.648 1.00 28.88 ? 82  GLY A N   1 
ATOM   628 C  CA  . GLY A 1 82  ? -7.365  1.836   -19.636 1.00 29.48 ? 82  GLY A CA  1 
ATOM   629 C  C   . GLY A 1 82  ? -6.775  3.233   -19.467 1.00 30.43 ? 82  GLY A C   1 
ATOM   630 O  O   . GLY A 1 82  ? -6.211  3.792   -20.434 1.00 29.82 ? 82  GLY A O   1 
ATOM   631 N  N   . LYS A 1 83  ? -6.916  3.807   -18.249 1.00 29.80 ? 83  LYS A N   1 
ATOM   632 C  CA  . LYS A 1 83  ? -6.453  5.149   -17.958 1.00 29.53 ? 83  LYS A CA  1 
ATOM   633 C  C   . LYS A 1 83  ? -5.134  5.114   -17.218 1.00 30.13 ? 83  LYS A C   1 
ATOM   634 O  O   . LYS A 1 83  ? -5.039  5.305   -15.993 1.00 30.11 ? 83  LYS A O   1 
ATOM   635 C  CB  . LYS A 1 83  ? -7.538  5.940   -17.233 1.00 29.51 ? 83  LYS A CB  1 
ATOM   636 C  CG  . LYS A 1 83  ? -8.859  5.989   -17.981 1.00 29.25 ? 83  LYS A CG  1 
ATOM   637 C  CD  . LYS A 1 83  ? -9.904  6.847   -17.251 1.00 30.15 ? 83  LYS A CD  1 
ATOM   638 C  CE  . LYS A 1 83  ? -11.315 6.746   -17.903 1.00 31.37 ? 83  LYS A CE  1 
ATOM   639 N  NZ  . LYS A 1 83  ? -12.490 6.993   -16.924 1.00 31.95 ? 83  LYS A NZ  1 
ATOM   640 N  N   . VAL A 1 84  ? -4.083  4.897   -17.995 1.00 30.61 ? 84  VAL A N   1 
ATOM   641 C  CA  . VAL A 1 84  ? -2.793  4.496   -17.479 1.00 31.25 ? 84  VAL A CA  1 
ATOM   642 C  C   . VAL A 1 84  ? -2.073  5.614   -16.788 1.00 31.86 ? 84  VAL A C   1 
ATOM   643 O  O   . VAL A 1 84  ? -1.483  5.401   -15.726 1.00 32.93 ? 84  VAL A O   1 
ATOM   644 C  CB  . VAL A 1 84  ? -1.924  3.869   -18.604 1.00 31.38 ? 84  VAL A CB  1 
ATOM   645 C  CG1 . VAL A 1 84  ? -0.502  3.627   -18.143 1.00 29.64 ? 84  VAL A CG1 1 
ATOM   646 C  CG2 . VAL A 1 84  ? -2.581  2.564   -19.062 1.00 30.68 ? 84  VAL A CG2 1 
ATOM   647 N  N   . LYS A 1 85  ? -2.155  6.820   -17.333 1.00 33.07 ? 85  LYS A N   1 
ATOM   648 C  CA  . LYS A 1 85  ? -1.539  7.984   -16.676 1.00 32.45 ? 85  LYS A CA  1 
ATOM   649 C  C   . LYS A 1 85  ? -2.290  8.485   -15.432 1.00 31.20 ? 85  LYS A C   1 
ATOM   650 O  O   . LYS A 1 85  ? -1.702  9.001   -14.491 1.00 28.78 ? 85  LYS A O   1 
ATOM   651 C  CB  . LYS A 1 85  ? -1.353  9.126   -17.685 1.00 34.14 ? 85  LYS A CB  1 
ATOM   652 C  CG  . LYS A 1 85  ? -2.613  9.738   -18.293 1.00 35.27 ? 85  LYS A CG  1 
ATOM   653 C  CD  . LYS A 1 85  ? -2.262  10.620  -19.549 1.00 37.18 ? 85  LYS A CD  1 
ATOM   654 C  CE  . LYS A 1 85  ? -3.452  11.490  -20.023 1.00 38.50 ? 85  LYS A CE  1 
ATOM   655 N  NZ  . LYS A 1 85  ? -3.435  11.813  -21.524 1.00 39.44 ? 85  LYS A NZ  1 
ATOM   656 N  N   . GLU A 1 86  ? -3.604  8.401   -15.419 1.00 30.81 ? 86  GLU A N   1 
ATOM   657 C  CA  . GLU A 1 86  ? -4.291  8.842   -14.200 1.00 30.39 ? 86  GLU A CA  1 
ATOM   658 C  C   . GLU A 1 86  ? -4.143  7.754   -13.140 1.00 29.02 ? 86  GLU A C   1 
ATOM   659 O  O   . GLU A 1 86  ? -3.976  8.071   -12.001 1.00 28.60 ? 86  GLU A O   1 
ATOM   660 C  CB  . GLU A 1 86  ? -5.730  9.266   -14.417 1.00 31.39 ? 86  GLU A CB  1 
ATOM   661 C  CG  . GLU A 1 86  ? -6.454  8.525   -15.473 1.00 33.89 ? 86  GLU A CG  1 
ATOM   662 C  CD  . GLU A 1 86  ? -6.180  9.081   -16.866 1.00 37.68 ? 86  GLU A CD  1 
ATOM   663 O  OE1 . GLU A 1 86  ? -5.333  8.458   -17.566 1.00 33.28 ? 86  GLU A OE1 1 
ATOM   664 O  OE2 . GLU A 1 86  ? -6.837  10.093  -17.258 1.00 41.57 ? 86  GLU A OE2 1 
ATOM   665 N  N   . ALA A 1 87  ? -4.150  6.488   -13.543 1.00 28.46 ? 87  ALA A N   1 
ATOM   666 C  CA  . ALA A 1 87  ? -3.737  5.371   -12.680 1.00 28.58 ? 87  ALA A CA  1 
ATOM   667 C  C   . ALA A 1 87  ? -2.375  5.627   -12.077 1.00 28.18 ? 87  ALA A C   1 
ATOM   668 O  O   . ALA A 1 87  ? -2.204  5.465   -10.879 1.00 26.98 ? 87  ALA A O   1 
ATOM   669 C  CB  . ALA A 1 87  ? -3.766  4.024   -13.436 1.00 27.96 ? 87  ALA A CB  1 
ATOM   670 N  N   . GLN A 1 88  ? -1.433  6.120   -12.890 1.00 28.87 ? 88  GLN A N   1 
ATOM   671 C  CA  . GLN A 1 88  ? -0.090  6.479   -12.417 1.00 29.94 ? 88  GLN A CA  1 
ATOM   672 C  C   . GLN A 1 88  ? -0.094  7.613   -11.453 1.00 30.28 ? 88  GLN A C   1 
ATOM   673 O  O   . GLN A 1 88  ? 0.714   7.616   -10.536 1.00 30.81 ? 88  GLN A O   1 
ATOM   674 C  CB  . GLN A 1 88  ? 0.841   6.846   -13.578 1.00 30.21 ? 88  GLN A CB  1 
ATOM   675 C  CG  . GLN A 1 88  ? 1.316   5.589   -14.307 1.00 30.37 ? 88  GLN A CG  1 
ATOM   676 C  CD  . GLN A 1 88  ? 2.218   5.909   -15.461 1.00 31.69 ? 88  GLN A CD  1 
ATOM   677 O  OE1 . GLN A 1 88  ? 3.200   5.211   -15.670 1.00 29.99 ? 88  GLN A OE1 1 
ATOM   678 N  NE2 . GLN A 1 88  ? 1.919   7.000   -16.189 1.00 33.84 ? 88  GLN A NE2 1 
ATOM   679 N  N   . ALA A 1 89  ? -1.007  8.559   -11.683 1.00 30.76 ? 89  ALA A N   1 
ATOM   680 C  CA  . ALA A 1 89  ? -1.240  9.705   -10.808 1.00 30.84 ? 89  ALA A CA  1 
ATOM   681 C  C   . ALA A 1 89  ? -1.748  9.253   -9.461  1.00 30.42 ? 89  ALA A C   1 
ATOM   682 O  O   . ALA A 1 89  ? -1.303  9.709   -8.435  1.00 29.89 ? 89  ALA A O   1 
ATOM   683 C  CB  . ALA A 1 89  ? -2.263  10.657  -11.445 1.00 31.20 ? 89  ALA A CB  1 
ATOM   684 N  N   . ALA A 1 90  ? -2.708  8.344   -9.477  1.00 31.22 ? 90  ALA A N   1 
ATOM   685 C  CA  . ALA A 1 90  ? -3.210  7.764   -8.233  1.00 31.05 ? 90  ALA A CA  1 
ATOM   686 C  C   . ALA A 1 90  ? -2.092  7.110   -7.435  1.00 31.34 ? 90  ALA A C   1 
ATOM   687 O  O   . ALA A 1 90  ? -1.908  7.409   -6.295  1.00 30.59 ? 90  ALA A O   1 
ATOM   688 C  CB  . ALA A 1 90  ? -4.274  6.815   -8.523  1.00 31.91 ? 90  ALA A CB  1 
ATOM   689 N  N   . ALA A 1 91  ? -1.316  6.252   -8.088  1.00 32.60 ? 91  ALA A N   1 
ATOM   690 C  CA  . ALA A 1 91  ? -0.266  5.468   -7.459  1.00 32.76 ? 91  ALA A CA  1 
ATOM   691 C  C   . ALA A 1 91  ? 0.703   6.393   -6.733  1.00 33.42 ? 91  ALA A C   1 
ATOM   692 O  O   . ALA A 1 91  ? 1.070   6.152   -5.576  1.00 32.15 ? 91  ALA A O   1 
ATOM   693 C  CB  . ALA A 1 91  ? 0.438   4.681   -8.477  1.00 32.50 ? 91  ALA A CB  1 
ATOM   694 N  N   . GLU A 1 92  ? 1.068   7.475   -7.420  1.00 34.76 ? 92  GLU A N   1 
ATOM   695 C  CA  . GLU A 1 92  ? 1.847   8.544   -6.817  1.00 36.35 ? 92  GLU A CA  1 
ATOM   696 C  C   . GLU A 1 92  ? 1.216   9.190   -5.593  1.00 36.29 ? 92  GLU A C   1 
ATOM   697 O  O   . GLU A 1 92  ? 1.921   9.363   -4.612  1.00 37.20 ? 92  GLU A O   1 
ATOM   698 C  CB  . GLU A 1 92  ? 2.224   9.620   -7.851  1.00 37.06 ? 92  GLU A CB  1 
ATOM   699 C  CG  . GLU A 1 92  ? 3.655   9.454   -8.361  1.00 40.56 ? 92  GLU A CG  1 
ATOM   700 C  CD  . GLU A 1 92  ? 4.706   9.989   -7.388  1.00 43.57 ? 92  GLU A CD  1 
ATOM   701 O  OE1 . GLU A 1 92  ? 4.489   11.101  -6.833  1.00 47.28 ? 92  GLU A OE1 1 
ATOM   702 O  OE2 . GLU A 1 92  ? 5.759   9.311   -7.197  1.00 46.24 ? 92  GLU A OE2 1 
ATOM   703 N  N   . GLN A 1 93  ? -0.067  9.568   -5.659  1.00 37.05 ? 93  GLN A N   1 
ATOM   704 C  CA  . GLN A 1 93  ? -0.827  10.044  -4.486  1.00 37.48 ? 93  GLN A CA  1 
ATOM   705 C  C   . GLN A 1 93  ? -0.722  9.116   -3.229  1.00 37.60 ? 93  GLN A C   1 
ATOM   706 O  O   . GLN A 1 93  ? -0.935  9.592   -2.105  1.00 38.30 ? 93  GLN A O   1 
ATOM   707 C  CB  . GLN A 1 93  ? -2.346  10.220  -4.813  1.00 37.94 ? 93  GLN A CB  1 
ATOM   708 C  CG  . GLN A 1 93  ? -2.823  11.507  -5.582  1.00 38.06 ? 93  GLN A CG  1 
ATOM   709 C  CD  . GLN A 1 93  ? -4.264  11.346  -6.216  1.00 40.80 ? 93  GLN A CD  1 
ATOM   710 O  OE1 . GLN A 1 93  ? -5.114  10.545  -5.738  1.00 43.19 ? 93  GLN A OE1 1 
ATOM   711 N  NE2 . GLN A 1 93  ? -4.524  12.097  -7.306  1.00 39.09 ? 93  GLN A NE2 1 
ATOM   712 N  N   . LEU A 1 94  ? -0.456  7.811   -3.411  1.00 36.43 ? 94  LEU A N   1 
ATOM   713 C  CA  . LEU A 1 94  ? -0.492  6.823   -2.297  1.00 35.41 ? 94  LEU A CA  1 
ATOM   714 C  C   . LEU A 1 94  ? 0.569   7.151   -1.285  1.00 34.38 ? 94  LEU A C   1 
ATOM   715 O  O   . LEU A 1 94  ? 0.487   6.806   -0.111  1.00 32.94 ? 94  LEU A O   1 
ATOM   716 C  CB  . LEU A 1 94  ? -0.210  5.392   -2.773  1.00 34.33 ? 94  LEU A CB  1 
ATOM   717 C  CG  . LEU A 1 94  ? -1.144  4.631   -3.709  1.00 34.62 ? 94  LEU A CG  1 
ATOM   718 C  CD1 . LEU A 1 94  ? -0.503  3.303   -4.099  1.00 32.61 ? 94  LEU A CD1 1 
ATOM   719 C  CD2 . LEU A 1 94  ? -2.473  4.385   -3.092  1.00 33.11 ? 94  LEU A CD2 1 
ATOM   720 N  N   . LYS A 1 95  ? 1.595   7.810   -1.793  1.00 34.68 ? 95  LYS A N   1 
ATOM   721 C  CA  . LYS A 1 95  ? 2.740   8.240   -1.035  1.00 34.44 ? 95  LYS A CA  1 
ATOM   722 C  C   . LYS A 1 95  ? 2.452   8.921   0.277   1.00 33.27 ? 95  LYS A C   1 
ATOM   723 O  O   . LYS A 1 95  ? 3.118   8.643   1.257   1.00 32.91 ? 95  LYS A O   1 
ATOM   724 C  CB  . LYS A 1 95  ? 3.606   9.120   -1.962  1.00 35.36 ? 95  LYS A CB  1 
ATOM   725 C  CG  . LYS A 1 95  ? 4.316   8.220   -3.003  1.00 36.56 ? 95  LYS A CG  1 
ATOM   726 C  CD  . LYS A 1 95  ? 5.371   8.948   -3.788  1.00 36.84 ? 95  LYS A CD  1 
ATOM   727 C  CE  . LYS A 1 95  ? 6.308   7.984   -4.433  1.00 38.38 ? 95  LYS A CE  1 
ATOM   728 N  NZ  . LYS A 1 95  ? 7.515   8.722   -4.930  1.00 41.24 ? 95  LYS A NZ  1 
ATOM   729 N  N   . THR A 1 96  ? 1.453   9.784   0.297   1.00 32.50 ? 96  THR A N   1 
ATOM   730 C  CA  . THR A 1 96  ? 1.095   10.558  1.499   1.00 33.18 ? 96  THR A CA  1 
ATOM   731 C  C   . THR A 1 96  ? 0.494   9.633   2.594   1.00 32.21 ? 96  THR A C   1 
ATOM   732 O  O   . THR A 1 96  ? 0.550   9.931   3.764   1.00 30.19 ? 96  THR A O   1 
ATOM   733 C  CB  . THR A 1 96  ? 0.124   11.715  1.154   1.00 32.92 ? 96  THR A CB  1 
ATOM   734 O  OG1 . THR A 1 96  ? -0.944  11.232  0.324   1.00 37.76 ? 96  THR A OG1 1 
ATOM   735 C  CG2 . THR A 1 96  ? 0.819   12.762  0.343   1.00 34.75 ? 96  THR A CG2 1 
ATOM   736 N  N   . THR A 1 97  ? -0.054  8.495   2.183   1.00 31.64 ? 97  THR A N   1 
ATOM   737 C  CA  . THR A 1 97  ? -0.467  7.443   3.132   1.00 31.07 ? 97  THR A CA  1 
ATOM   738 C  C   . THR A 1 97  ? 0.695   6.642   3.674   1.00 29.48 ? 97  THR A C   1 
ATOM   739 O  O   . THR A 1 97  ? 0.763   6.349   4.860   1.00 29.25 ? 97  THR A O   1 
ATOM   740 C  CB  . THR A 1 97  ? -1.386  6.450   2.438   1.00 30.25 ? 97  THR A CB  1 
ATOM   741 O  OG1 . THR A 1 97  ? -2.428  7.190   1.800   1.00 28.62 ? 97  THR A OG1 1 
ATOM   742 C  CG2 . THR A 1 97  ? -1.944  5.458   3.460   1.00 30.50 ? 97  THR A CG2 1 
ATOM   743 N  N   . CYS A 1 98  ? 1.542   6.212   2.774   1.00 30.10 ? 98  CYS A N   1 
ATOM   744 C  CA  . CYS A 1 98  ? 2.791   5.552   3.107   1.00 30.69 ? 98  CYS A CA  1 
ATOM   745 C  C   . CYS A 1 98  ? 3.539   6.344   4.200   1.00 31.61 ? 98  CYS A C   1 
ATOM   746 O  O   . CYS A 1 98  ? 3.977   5.784   5.213   1.00 32.10 ? 98  CYS A O   1 
ATOM   747 C  CB  . CYS A 1 98  ? 3.675   5.483   1.864   1.00 31.36 ? 98  CYS A CB  1 
ATOM   748 S  SG  . CYS A 1 98  ? 3.020   4.709   0.334   1.00 28.45 ? 98  CYS A SG  1 
ATOM   749 N  N   . ASN A 1 99  ? 3.628   7.655   3.980   1.00 31.95 ? 99  ASN A N   1 
ATOM   750 C  CA  . ASN A 1 99  ? 4.426   8.606   4.792   1.00 31.38 ? 99  ASN A CA  1 
ATOM   751 C  C   . ASN A 1 99  ? 3.725   9.015   6.080   1.00 31.67 ? 99  ASN A C   1 
ATOM   752 O  O   . ASN A 1 99  ? 4.361   9.216   7.114   1.00 31.63 ? 99  ASN A O   1 
ATOM   753 C  CB  . ASN A 1 99  ? 4.641   9.861   3.974   1.00 31.67 ? 99  ASN A CB  1 
ATOM   754 C  CG  . ASN A 1 99  ? 5.519   9.648   2.761   1.00 32.50 ? 99  ASN A CG  1 
ATOM   755 O  OD1 . ASN A 1 99  ? 5.374   10.369  1.763   1.00 42.34 ? 99  ASN A OD1 1 
ATOM   756 N  ND2 . ASN A 1 99  ? 6.448   8.710   2.833   1.00 36.17 ? 99  ASN A ND2 1 
ATOM   757 N  N   . ALA A 1 100 ? 2.406   9.122   6.020   1.00 31.51 ? 100 ALA A N   1 
ATOM   758 C  CA  . ALA A 1 100 ? 1.624   9.318   7.217   1.00 31.92 ? 100 ALA A CA  1 
ATOM   759 C  C   . ALA A 1 100 ? 1.774   8.115   8.213   1.00 31.81 ? 100 ALA A C   1 
ATOM   760 O  O   . ALA A 1 100 ? 2.042   8.307   9.424   1.00 31.61 ? 100 ALA A O   1 
ATOM   761 C  CB  . ALA A 1 100 ? 0.227   9.532   6.828   1.00 33.00 ? 100 ALA A CB  1 
ATOM   762 N  N   . CYS A 1 101 ? 1.659   6.877   7.732   1.00 30.41 ? 101 CYS A N   1 
ATOM   763 C  CA  . CYS A 1 101 ? 1.889   5.760   8.644   1.00 30.70 ? 101 CYS A CA  1 
ATOM   764 C  C   . CYS A 1 101 ? 3.328   5.764   9.159   1.00 31.00 ? 101 CYS A C   1 
ATOM   765 O  O   . CYS A 1 101 ? 3.577   5.497   10.341  1.00 28.69 ? 101 CYS A O   1 
ATOM   766 C  CB  . CYS A 1 101 ? 1.628   4.415   7.997   1.00 30.37 ? 101 CYS A CB  1 
ATOM   767 S  SG  . CYS A 1 101 ? 2.028   3.042   9.129   1.00 27.59 ? 101 CYS A SG  1 
ATOM   768 N  N   . HIS A 1 102 ? 4.267   5.981   8.245   1.00 32.16 ? 102 HIS A N   1 
ATOM   769 C  CA  . HIS A 1 102 ? 5.713   6.026   8.575   1.00 33.21 ? 102 HIS A CA  1 
ATOM   770 C  C   . HIS A 1 102 ? 6.082   7.121   9.615   1.00 34.04 ? 102 HIS A C   1 
ATOM   771 O  O   . HIS A 1 102 ? 6.810   6.872   10.568  1.00 34.30 ? 102 HIS A O   1 
ATOM   772 C  CB  . HIS A 1 102 ? 6.558   6.199   7.301   1.00 33.41 ? 102 HIS A CB  1 
ATOM   773 C  CG  . HIS A 1 102 ? 6.533   5.009   6.380   1.00 33.80 ? 102 HIS A CG  1 
ATOM   774 N  ND1 . HIS A 1 102 ? 7.071   5.042   5.107   1.00 32.74 ? 102 HIS A ND1 1 
ATOM   775 C  CD2 . HIS A 1 102 ? 6.047   3.751   6.547   1.00 34.00 ? 102 HIS A CD2 1 
ATOM   776 C  CE1 . HIS A 1 102 ? 6.964   3.847   4.549   1.00 33.24 ? 102 HIS A CE1 1 
ATOM   777 N  NE2 . HIS A 1 102 ? 6.333   3.044   5.398   1.00 34.68 ? 102 HIS A NE2 1 
ATOM   778 N  N   . GLN A 1 103 ? 5.569   8.325   9.456   1.00 35.93 ? 103 GLN A N   1 
ATOM   779 C  CA  . GLN A 1 103 ? 5.870   9.381   10.433  1.00 37.14 ? 103 GLN A CA  1 
ATOM   780 C  C   . GLN A 1 103 ? 5.593   8.813   11.834  1.00 37.85 ? 103 GLN A C   1 
ATOM   781 O  O   . GLN A 1 103 ? 6.493   8.858   12.665  1.00 38.38 ? 103 GLN A O   1 
ATOM   782 C  CB  . GLN A 1 103 ? 5.080   10.680  10.184  1.00 38.28 ? 103 GLN A CB  1 
ATOM   783 C  CG  . GLN A 1 103 ? 5.868   11.867  9.521   1.00 41.91 ? 103 GLN A CG  1 
ATOM   784 C  CD  . GLN A 1 103 ? 6.560   11.557  8.173   1.00 45.66 ? 103 GLN A CD  1 
ATOM   785 O  OE1 . GLN A 1 103 ? 7.079   12.461  7.508   1.00 45.47 ? 103 GLN A OE1 1 
ATOM   786 N  NE2 . GLN A 1 103 ? 6.569   10.291  7.774   1.00 48.25 ? 103 GLN A NE2 1 
ATOM   787 N  N   . LYS A 1 104 ? 4.410   8.208   12.070  1.00 37.72 ? 104 LYS A N   1 
ATOM   788 C  CA  . LYS A 1 104 ? 4.051   7.827   13.432  1.00 38.50 ? 104 LYS A CA  1 
ATOM   789 C  C   . LYS A 1 104 ? 4.519   6.442   13.920  1.00 37.72 ? 104 LYS A C   1 
ATOM   790 O  O   . LYS A 1 104 ? 4.786   6.305   15.113  1.00 38.80 ? 104 LYS A O   1 
ATOM   791 C  CB  . LYS A 1 104 ? 2.581   8.139   13.797  1.00 39.05 ? 104 LYS A CB  1 
ATOM   792 C  CG  . LYS A 1 104 ? 1.487   7.681   12.907  1.00 40.38 ? 104 LYS A CG  1 
ATOM   793 C  CD  . LYS A 1 104 ? 0.123   8.117   13.490  1.00 41.46 ? 104 LYS A CD  1 
ATOM   794 C  CE  . LYS A 1 104 ? -0.472  9.357   12.775  1.00 44.83 ? 104 LYS A CE  1 
ATOM   795 N  NZ  . LYS A 1 104 ? -1.185  9.065   11.456  1.00 45.98 ? 104 LYS A NZ  1 
ATOM   796 N  N   . TYR A 1 105 ? 4.665   5.454   13.033  1.00 36.34 ? 105 TYR A N   1 
ATOM   797 C  CA  . TYR A 1 105 ? 4.957   4.073   13.451  1.00 35.96 ? 105 TYR A CA  1 
ATOM   798 C  C   . TYR A 1 105 ? 6.254   3.450   13.018  1.00 35.17 ? 105 TYR A C   1 
ATOM   799 O  O   . TYR A 1 105 ? 6.579   2.390   13.499  1.00 36.12 ? 105 TYR A O   1 
ATOM   800 C  CB  . TYR A 1 105 ? 3.843   3.119   13.016  1.00 34.41 ? 105 TYR A CB  1 
ATOM   801 C  CG  . TYR A 1 105 ? 2.557   3.483   13.643  1.00 34.29 ? 105 TYR A CG  1 
ATOM   802 C  CD1 . TYR A 1 105 ? 1.452   3.864   12.872  1.00 31.10 ? 105 TYR A CD1 1 
ATOM   803 C  CD2 . TYR A 1 105 ? 2.448   3.520   15.022  1.00 32.73 ? 105 TYR A CD2 1 
ATOM   804 C  CE1 . TYR A 1 105 ? 0.288   4.239   13.469  1.00 30.26 ? 105 TYR A CE1 1 
ATOM   805 C  CE2 . TYR A 1 105 ? 1.284   3.877   15.615  1.00 34.10 ? 105 TYR A CE2 1 
ATOM   806 C  CZ  . TYR A 1 105 ? 0.203   4.235   14.844  1.00 34.16 ? 105 TYR A CZ  1 
ATOM   807 O  OH  . TYR A 1 105 ? -0.951  4.606   15.496  1.00 35.69 ? 105 TYR A OH  1 
ATOM   808 N  N   . ARG A 1 106 ? 6.954   4.058   12.080  1.00 35.74 ? 106 ARG A N   1 
ATOM   809 C  CA  . ARG A 1 106 ? 8.202   3.500   11.545  1.00 35.58 ? 106 ARG A CA  1 
ATOM   810 C  C   . ARG A 1 106 ? 9.360   3.910   12.463  1.00 35.36 ? 106 ARG A C   1 
ATOM   811 O  O   . ARG A 1 106 ? 9.501   5.071   12.806  1.00 34.58 ? 106 ARG A O   1 
ATOM   812 C  CB  . ARG A 1 106 ? 8.452   4.049   10.149  1.00 35.90 ? 106 ARG A CB  1 
ATOM   813 C  CG  . ARG A 1 106 ? 9.767   3.609   9.542   1.00 35.29 ? 106 ARG A CG  1 
ATOM   814 C  CD  . ARG A 1 106 ? 9.800   4.028   8.117   1.00 35.58 ? 106 ARG A CD  1 
ATOM   815 N  NE  . ARG A 1 106 ? 10.780  3.297   7.369   1.00 35.57 ? 106 ARG A NE  1 
ATOM   816 C  CZ  . ARG A 1 106 ? 11.275  3.703   6.208   1.00 38.18 ? 106 ARG A CZ  1 
ATOM   817 N  NH1 . ARG A 1 106 ? 12.178  2.939   5.598   1.00 40.49 ? 106 ARG A NH1 1 
ATOM   818 N  NH2 . ARG A 1 106 ? 10.867  4.846   5.639   1.00 36.06 ? 106 ARG A NH2 1 
ATOM   819 O  OXT . ARG A 1 106 ? 10.138  3.065   12.855  1.00 35.23 ? 106 ARG A OXT 1 
HETATM 820 NI NI  . NI  B 2 .   ? -11.471 2.053   13.989  0.33 29.29 ? 107 NI  A NI  1 
HETATM 821 NI NI  . NI  C 2 .   ? -14.655 -1.533  -7.064  0.33 18.45 ? 108 NI  A NI  1 
HETATM 822 NI NI  . NI  D 2 .   ? 3.034   -12.568 6.112   1.00 67.02 ? 109 NI  A NI  1 
HETATM 823 C  CHA . HEM E 3 .   ? 8.882   0.397   6.360   1.00 35.82 ? 150 HEM A CHA 1 
HETATM 824 C  CHB . HEM E 3 .   ? 7.591   1.430   1.805   1.00 34.73 ? 150 HEM A CHB 1 
HETATM 825 C  CHC . HEM E 3 .   ? 3.029   2.002   3.458   1.00 27.66 ? 150 HEM A CHC 1 
HETATM 826 C  CHD . HEM E 3 .   ? 4.334   1.053   8.028   1.00 31.57 ? 150 HEM A CHD 1 
HETATM 827 C  C1A . HEM E 3 .   ? 8.950   0.622   4.998   1.00 36.30 ? 150 HEM A C1A 1 
HETATM 828 C  C2A . HEM E 3 .   ? 10.122  0.502   4.181   1.00 39.53 ? 150 HEM A C2A 1 
HETATM 829 C  C3A . HEM E 3 .   ? 9.778   0.779   2.912   1.00 38.83 ? 150 HEM A C3A 1 
HETATM 830 C  C4A . HEM E 3 .   ? 8.374   1.106   2.892   1.00 37.92 ? 150 HEM A C4A 1 
HETATM 831 C  CMA . HEM E 3 .   ? 10.686  0.775   1.662   1.00 38.01 ? 150 HEM A CMA 1 
HETATM 832 C  CAA . HEM E 3 .   ? 11.530  0.080   4.699   1.00 41.34 ? 150 HEM A CAA 1 
HETATM 833 C  CBA . HEM E 3 .   ? 11.679  -1.410  4.338   1.00 44.92 ? 150 HEM A CBA 1 
HETATM 834 C  CGA . HEM E 3 .   ? 13.065  -1.938  4.631   1.00 49.79 ? 150 HEM A CGA 1 
HETATM 835 O  O1A . HEM E 3 .   ? 13.245  -2.493  5.760   1.00 51.06 ? 150 HEM A O1A 1 
HETATM 836 O  O2A . HEM E 3 .   ? 13.974  -1.802  3.740   1.00 52.93 ? 150 HEM A O2A 1 
HETATM 837 C  C1B . HEM E 3 .   ? 6.236   1.724   1.870   1.00 33.38 ? 150 HEM A C1B 1 
HETATM 838 C  C2B . HEM E 3 .   ? 5.452   2.215   0.789   1.00 31.34 ? 150 HEM A C2B 1 
HETATM 839 C  C3B . HEM E 3 .   ? 4.205   2.380   1.238   1.00 28.93 ? 150 HEM A C3B 1 
HETATM 840 C  C4B . HEM E 3 .   ? 4.156   1.990   2.645   1.00 29.34 ? 150 HEM A C4B 1 
HETATM 841 C  CMB . HEM E 3 .   ? 5.969   2.533   -0.650  1.00 30.98 ? 150 HEM A CMB 1 
HETATM 842 C  CAB . HEM E 3 .   ? 3.041   2.942   0.384   1.00 27.46 ? 150 HEM A CAB 1 
HETATM 843 C  CBB . HEM E 3 .   ? 2.758   2.308   -0.768  1.00 24.71 ? 150 HEM A CBB 1 
HETATM 844 C  C1C . HEM E 3 .   ? 2.944   1.824   4.797   1.00 27.78 ? 150 HEM A C1C 1 
HETATM 845 C  C2C . HEM E 3 .   ? 1.801   1.988   5.655   1.00 24.20 ? 150 HEM A C2C 1 
HETATM 846 C  C3C . HEM E 3 .   ? 2.176   1.699   6.925   1.00 24.53 ? 150 HEM A C3C 1 
HETATM 847 C  C4C . HEM E 3 .   ? 3.570   1.378   6.921   1.00 27.71 ? 150 HEM A C4C 1 
HETATM 848 C  CMC . HEM E 3 .   ? 0.403   2.419   5.204   1.00 28.22 ? 150 HEM A CMC 1 
HETATM 849 C  CAC . HEM E 3 .   ? 1.361   1.793   8.240   1.00 26.52 ? 150 HEM A CAC 1 
HETATM 850 C  CBC . HEM E 3 .   ? 0.056   1.505   8.217   1.00 21.97 ? 150 HEM A CBC 1 
HETATM 851 C  C1D . HEM E 3 .   ? 5.675   0.763   8.013   1.00 32.99 ? 150 HEM A C1D 1 
HETATM 852 C  C2D . HEM E 3 .   ? 6.472   0.346   9.149   1.00 34.27 ? 150 HEM A C2D 1 
HETATM 853 C  C3D . HEM E 3 .   ? 7.873   0.125   8.614   1.00 35.38 ? 150 HEM A C3D 1 
HETATM 854 C  C4D . HEM E 3 .   ? 7.803   0.465   7.208   1.00 35.56 ? 150 HEM A C4D 1 
HETATM 855 C  CMD . HEM E 3 .   ? 6.061   0.151   10.613  1.00 35.88 ? 150 HEM A CMD 1 
HETATM 856 C  CAD . HEM E 3 .   ? 9.114   -0.294  9.442   1.00 36.11 ? 150 HEM A CAD 1 
HETATM 857 C  CBD . HEM E 3 .   ? 9.009   -1.740  9.913   1.00 37.35 ? 150 HEM A CBD 1 
HETATM 858 C  CGD . HEM E 3 .   ? 10.217  -2.138  10.689  1.00 38.67 ? 150 HEM A CGD 1 
HETATM 859 O  O1D . HEM E 3 .   ? 10.624  -3.307  10.506  1.00 42.53 ? 150 HEM A O1D 1 
HETATM 860 O  O2D . HEM E 3 .   ? 10.780  -1.308  11.465  1.00 43.65 ? 150 HEM A O2D 1 
HETATM 861 N  NA  . HEM E 3 .   ? 7.932   0.992   4.181   1.00 36.81 ? 150 HEM A NA  1 
HETATM 862 N  NB  . HEM E 3 .   ? 5.414   1.625   2.971   1.00 31.15 ? 150 HEM A NB  1 
HETATM 863 N  NC  . HEM E 3 .   ? 4.006   1.447   5.617   1.00 31.00 ? 150 HEM A NC  1 
HETATM 864 N  ND  . HEM E 3 .   ? 6.488   0.798   6.891   1.00 33.51 ? 150 HEM A ND  1 
HETATM 865 FE FE  . HEM E 3 .   ? 6.013   1.142   4.839   1.00 32.95 ? 150 HEM A FE  1 
HETATM 866 O  O   . HOH F 4 .   ? -8.104  -3.061  -19.478 1.00 33.09 ? 151 HOH A O   1 
HETATM 867 O  O   . HOH F 4 .   ? -10.288 9.939   -11.430 1.00 46.94 ? 152 HOH A O   1 
HETATM 868 O  O   . HOH F 4 .   ? -12.938 4.473   -6.553  1.00 28.07 ? 153 HOH A O   1 
HETATM 869 O  O   . HOH F 4 .   ? 13.084  -3.951  11.806  1.00 36.55 ? 154 HOH A O   1 
HETATM 870 O  O   . HOH F 4 .   ? -4.512  6.743   10.108  1.00 38.97 ? 155 HOH A O   1 
HETATM 871 O  O   . HOH F 4 .   ? -16.731 3.309   -16.907 1.00 38.22 ? 156 HOH A O   1 
HETATM 872 O  O   . HOH F 4 .   ? -11.131 -8.132  10.019  1.00 36.48 ? 157 HOH A O   1 
HETATM 873 O  O   . HOH F 4 .   ? -8.184  -7.505  16.770  1.00 44.49 ? 158 HOH A O   1 
HETATM 874 O  O   . HOH F 4 .   ? 2.003   6.521   -19.315 1.00 31.51 ? 159 HOH A O   1 
HETATM 875 O  O   . HOH F 4 .   ? 4.156   4.734   19.464  1.00 29.64 ? 160 HOH A O   1 
HETATM 876 O  O   . HOH F 4 .   ? -10.819 -5.534  -11.019 1.00 21.93 ? 161 HOH A O   1 
HETATM 877 O  O   . HOH F 4 .   ? -13.065 -2.157  -12.375 1.00 27.26 ? 162 HOH A O   1 
HETATM 878 O  O   . HOH F 4 .   ? -8.033  -3.383  -5.322  1.00 26.61 ? 163 HOH A O   1 
HETATM 879 O  O   . HOH F 4 .   ? 13.788  -9.426  -0.301  1.00 45.54 ? 164 HOH A O   1 
HETATM 880 O  O   . HOH F 4 .   ? 11.100  5.758   14.940  1.00 40.24 ? 165 HOH A O   1 
HETATM 881 O  O   . HOH F 4 .   ? -8.155  -8.632  -16.564 1.00 43.07 ? 166 HOH A O   1 
HETATM 882 O  O   . HOH F 4 .   ? -8.536  -6.334  -13.728 1.00 30.07 ? 167 HOH A O   1 
HETATM 883 O  O   . HOH F 4 .   ? -7.340  -2.836  -2.911  1.00 23.67 ? 168 HOH A O   1 
HETATM 884 O  O   . HOH F 4 .   ? -12.156 1.689   7.166   0.33 9.95  ? 169 HOH A O   1 
HETATM 885 O  O   . HOH F 4 .   ? -1.350  -6.177  12.634  1.00 36.57 ? 170 HOH A O   1 
HETATM 886 O  O   . HOH F 4 .   ? -3.748  -12.742 6.032   1.00 32.95 ? 171 HOH A O   1 
HETATM 887 O  O   . HOH F 4 .   ? 1.917   10.457  -12.359 1.00 35.05 ? 172 HOH A O   1 
HETATM 888 O  O   . HOH F 4 .   ? 6.275   -16.078 3.390   1.00 47.74 ? 173 HOH A O   1 
HETATM 889 O  O   . HOH F 4 .   ? -7.960  -1.697  13.044  1.00 38.59 ? 174 HOH A O   1 
HETATM 890 O  O   . HOH F 4 .   ? 9.016   15.595  8.997   1.00 36.56 ? 175 HOH A O   1 
HETATM 891 O  O   . HOH F 4 .   ? 9.862   -1.798  -14.388 1.00 34.49 ? 176 HOH A O   1 
HETATM 892 O  O   . HOH F 4 .   ? 9.655   -6.756  -5.200  1.00 49.86 ? 177 HOH A O   1 
HETATM 893 O  O   . HOH F 4 .   ? 4.114   -6.329  -11.992 1.00 45.95 ? 178 HOH A O   1 
HETATM 894 O  O   . HOH F 4 .   ? -12.639 8.265   -7.871  1.00 26.82 ? 179 HOH A O   1 
HETATM 895 O  O   . HOH F 4 .   ? 6.145   7.618   -16.834 1.00 49.82 ? 180 HOH A O   1 
HETATM 896 O  O   . HOH F 4 .   ? -0.432  -13.142 -1.757  1.00 42.24 ? 181 HOH A O   1 
HETATM 897 O  O   . HOH F 4 .   ? -14.228 0.000   -19.320 1.00 37.62 ? 182 HOH A O   1 
HETATM 898 O  O   . HOH F 4 .   ? 7.034   -6.873  12.121  1.00 47.91 ? 183 HOH A O   1 
HETATM 899 O  O   . HOH F 4 .   ? -3.197  -11.589 -5.282  1.00 39.87 ? 184 HOH A O   1 
HETATM 900 O  O   . HOH F 4 .   ? 10.991  18.744  6.544   1.00 36.79 ? 185 HOH A O   1 
HETATM 901 O  O   . HOH F 4 .   ? 0.072   -8.307  -19.946 1.00 38.98 ? 186 HOH A O   1 
HETATM 902 O  O   . HOH F 4 .   ? -10.690 -0.131  2.581   1.00 39.75 ? 187 HOH A O   1 
HETATM 903 O  O   . HOH F 4 .   ? 1.792   11.997  4.429   1.00 34.15 ? 188 HOH A O   1 
HETATM 904 O  O   . HOH F 4 .   ? -10.713 3.379   19.727  0.33 25.95 ? 189 HOH A O   1 
HETATM 905 O  O   . HOH F 4 .   ? -5.235  -7.948  6.508   1.00 27.50 ? 190 HOH A O   1 
HETATM 906 O  O   . HOH F 4 .   ? -6.246  6.108   -5.454  1.00 28.87 ? 191 HOH A O   1 
HETATM 907 O  O   . HOH F 4 .   ? -11.102 5.335   -9.602  1.00 32.06 ? 192 HOH A O   1 
HETATM 908 O  O   . HOH F 4 .   ? -4.459  -8.706  -4.750  1.00 31.28 ? 193 HOH A O   1 
HETATM 909 O  O   . HOH F 4 .   ? -3.518  9.182   3.901   1.00 36.18 ? 194 HOH A O   1 
HETATM 910 O  O   . HOH F 4 .   ? 2.027   -10.479 -0.632  1.00 36.28 ? 195 HOH A O   1 
HETATM 911 O  O   . HOH F 4 .   ? 10.547  -2.547  -10.256 1.00 40.37 ? 196 HOH A O   1 
HETATM 912 O  O   . HOH F 4 .   ? 2.391   -7.687  -16.858 1.00 51.21 ? 197 HOH A O   1 
HETATM 913 O  O   . HOH F 4 .   ? -5.643  -8.435  9.020   1.00 36.66 ? 198 HOH A O   1 
HETATM 914 O  O   . HOH F 4 .   ? 7.456   7.334   0.117   1.00 38.49 ? 199 HOH A O   1 
HETATM 915 O  O   . HOH F 4 .   ? 10.140  7.205   9.361   1.00 36.73 ? 200 HOH A O   1 
HETATM 916 O  O   . HOH F 4 .   ? -7.793  -2.439  9.707   1.00 39.86 ? 201 HOH A O   1 
HETATM 917 O  O   . HOH F 4 .   ? 6.704   -8.156  -14.292 1.00 33.37 ? 202 HOH A O   1 
HETATM 918 O  O   . HOH F 4 .   ? -5.626  -4.084  -6.836  1.00 26.93 ? 203 HOH A O   1 
HETATM 919 O  O   . HOH F 4 .   ? -0.826  -10.354 -8.256  1.00 38.06 ? 204 HOH A O   1 
HETATM 920 O  O   . HOH F 4 .   ? -10.900 -4.020  -17.969 1.00 44.94 ? 205 HOH A O   1 
# 
